data_8FK0
#
_entry.id   8FK0
#
_cell.length_a   1.00
_cell.length_b   1.00
_cell.length_c   1.00
_cell.angle_alpha   90.00
_cell.angle_beta   90.00
_cell.angle_gamma   90.00
#
_symmetry.space_group_name_H-M   'P 1'
#
_entity_poly.entity_id   1
_entity_poly.type   'polypeptide(L)'
_entity_poly.pdbx_seq_one_letter_code
;MDMASRRKNARGLSGAVTALILVIASVIIALVVVGFAFGLFGAFTGQGTVAQVGTATLSASTLTLTVTLKNTGASTQVTG
VLINGNSGSVSGMTTISAGVNTYTITISIGSISTTLRGLVGSTISLTLILSNGETVTVSAIVTS
;
_entity_poly.pdbx_strand_id   A,B,C,I,D,J,E,K,F,L,G,M,H,N
#
# COMPACT_ATOMS: atom_id res chain seq x y z
N LEU A 13 -10.56 17.73 70.19
CA LEU A 13 -11.67 16.80 70.11
C LEU A 13 -12.49 17.06 68.84
N SER A 14 -12.81 18.33 68.62
CA SER A 14 -13.54 18.70 67.41
C SER A 14 -12.75 18.36 66.16
N GLY A 15 -11.44 18.59 66.18
CA GLY A 15 -10.61 18.20 65.06
C GLY A 15 -10.62 16.70 64.82
N ALA A 16 -10.59 15.90 65.89
CA ALA A 16 -10.64 14.46 65.74
C ALA A 16 -11.97 14.01 65.15
N VAL A 17 -13.08 14.59 65.61
CA VAL A 17 -14.39 14.23 65.07
C VAL A 17 -14.48 14.61 63.59
N THR A 18 -13.98 15.79 63.24
CA THR A 18 -13.97 16.21 61.84
C THR A 18 -13.14 15.27 60.99
N ALA A 19 -11.98 14.86 61.50
CA ALA A 19 -11.13 13.94 60.75
C ALA A 19 -11.82 12.61 60.54
N LEU A 20 -12.48 12.08 61.57
CA LEU A 20 -13.19 10.81 61.42
C LEU A 20 -14.31 10.91 60.39
N ILE A 21 -15.11 11.97 60.46
CA ILE A 21 -16.22 12.13 59.52
C ILE A 21 -15.69 12.24 58.10
N LEU A 22 -14.65 13.05 57.90
CA LEU A 22 -14.11 13.25 56.56
C LEU A 22 -13.45 11.97 56.03
N VAL A 23 -12.80 11.20 56.90
CA VAL A 23 -12.20 9.94 56.46
C VAL A 23 -13.27 8.98 55.99
N ILE A 24 -14.35 8.84 56.76
CA ILE A 24 -15.42 7.92 56.37
C ILE A 24 -16.06 8.38 55.07
N ALA A 25 -16.37 9.67 54.95
CA ALA A 25 -16.98 10.18 53.73
C ALA A 25 -16.05 10.01 52.53
N SER A 26 -14.76 10.24 52.72
CA SER A 26 -13.81 10.09 51.63
C SER A 26 -13.72 8.64 51.18
N VAL A 27 -13.70 7.70 52.12
CA VAL A 27 -13.69 6.30 51.74
C VAL A 27 -14.93 5.94 50.94
N ILE A 28 -16.09 6.40 51.40
CA ILE A 28 -17.34 6.12 50.69
C ILE A 28 -17.30 6.69 49.27
N ILE A 29 -16.82 7.94 49.14
CA ILE A 29 -16.78 8.59 47.85
C ILE A 29 -15.82 7.88 46.90
N ALA A 30 -14.66 7.49 47.41
CA ALA A 30 -13.70 6.76 46.58
C ALA A 30 -14.28 5.44 46.10
N LEU A 31 -14.98 4.73 46.99
CA LEU A 31 -15.62 3.48 46.58
C LEU A 31 -16.66 3.73 45.50
N VAL A 32 -17.46 4.80 45.64
CA VAL A 32 -18.46 5.11 44.62
C VAL A 32 -17.79 5.38 43.27
N VAL A 33 -16.71 6.17 43.29
CA VAL A 33 -16.05 6.53 42.03
C VAL A 33 -15.43 5.30 41.38
N VAL A 34 -14.76 4.45 42.15
CA VAL A 34 -14.15 3.26 41.56
C VAL A 34 -15.22 2.29 41.05
N GLY A 35 -16.34 2.21 41.75
CA GLY A 35 -17.43 1.38 41.25
C GLY A 35 -17.98 1.88 39.92
N PHE A 36 -18.15 3.19 39.80
CA PHE A 36 -18.60 3.77 38.53
C PHE A 36 -17.59 3.49 37.43
N ALA A 37 -16.29 3.65 37.73
CA ALA A 37 -15.27 3.41 36.73
C ALA A 37 -15.28 1.95 36.26
N PHE A 38 -15.45 1.02 37.20
CA PHE A 38 -15.45 -0.39 36.82
C PHE A 38 -16.72 -0.76 36.07
N GLY A 39 -17.84 -0.11 36.39
CA GLY A 39 -19.06 -0.35 35.63
C GLY A 39 -18.95 0.14 34.20
N LEU A 40 -18.26 1.28 34.01
CA LEU A 40 -18.03 1.77 32.66
C LEU A 40 -17.27 0.76 31.81
N PHE A 41 -16.41 -0.04 32.45
CA PHE A 41 -15.66 -1.06 31.72
C PHE A 41 -16.61 -2.01 31.00
N GLY A 42 -17.53 -2.62 31.74
CA GLY A 42 -18.50 -3.50 31.11
C GLY A 42 -19.43 -2.77 30.16
N ALA A 43 -19.82 -1.55 30.52
CA ALA A 43 -20.73 -0.79 29.67
C ALA A 43 -20.13 -0.54 28.29
N PHE A 44 -18.83 -0.26 28.23
CA PHE A 44 -18.22 0.07 26.95
C PHE A 44 -17.69 -1.18 26.25
N THR A 45 -17.36 -2.23 27.01
CA THR A 45 -16.96 -3.48 26.39
C THR A 45 -18.14 -4.13 25.68
N GLY A 46 -19.33 -4.07 26.29
CA GLY A 46 -20.53 -4.63 25.70
C GLY A 46 -21.34 -3.69 24.85
N GLN A 47 -20.77 -2.56 24.42
CA GLN A 47 -21.55 -1.57 23.68
C GLN A 47 -22.01 -2.11 22.33
N GLY A 48 -21.16 -2.88 21.65
CA GLY A 48 -21.51 -3.44 20.35
C GLY A 48 -20.51 -3.13 19.26
N THR A 49 -20.11 -4.16 18.52
CA THR A 49 -19.19 -4.04 17.40
C THR A 49 -19.86 -4.64 16.17
N VAL A 50 -19.85 -3.92 15.07
CA VAL A 50 -20.54 -4.35 13.85
C VAL A 50 -19.61 -4.17 12.66
N ALA A 51 -19.49 -5.24 11.86
CA ALA A 51 -18.78 -5.19 10.59
C ALA A 51 -19.34 -6.29 9.71
N GLN A 52 -19.14 -6.15 8.40
CA GLN A 52 -19.68 -7.11 7.43
C GLN A 52 -18.68 -8.25 7.26
N VAL A 53 -19.21 -9.47 7.12
CA VAL A 53 -18.34 -10.63 6.90
C VAL A 53 -18.27 -10.95 5.41
N GLY A 54 -19.35 -10.72 4.67
CA GLY A 54 -19.41 -11.06 3.27
C GLY A 54 -19.84 -9.87 2.43
N THR A 55 -19.76 -10.05 1.12
CA THR A 55 -20.12 -9.00 0.19
C THR A 55 -21.63 -8.81 0.16
N ALA A 56 -22.05 -7.56 -0.03
CA ALA A 56 -23.47 -7.24 -0.12
C ALA A 56 -23.93 -7.24 -1.56
N THR A 57 -25.25 -7.21 -1.74
CA THR A 57 -25.86 -7.17 -3.05
C THR A 57 -27.06 -6.25 -3.01
N LEU A 58 -27.08 -5.26 -3.90
CA LEU A 58 -28.16 -4.27 -3.97
C LEU A 58 -28.91 -4.47 -5.27
N SER A 59 -30.23 -4.66 -5.16
CA SER A 59 -31.09 -4.90 -6.31
C SER A 59 -31.61 -3.56 -6.83
N ALA A 60 -31.20 -3.20 -8.05
CA ALA A 60 -31.61 -1.91 -8.60
C ALA A 60 -33.11 -1.84 -8.82
N SER A 61 -33.74 -2.97 -9.17
CA SER A 61 -35.16 -2.97 -9.47
C SER A 61 -36.01 -2.63 -8.24
N THR A 62 -35.66 -3.21 -7.09
CA THR A 62 -36.48 -3.08 -5.89
C THR A 62 -35.80 -2.34 -4.75
N LEU A 63 -34.53 -1.96 -4.90
CA LEU A 63 -33.77 -1.26 -3.86
C LEU A 63 -33.77 -2.05 -2.56
N THR A 64 -33.55 -3.35 -2.67
CA THR A 64 -33.40 -4.23 -1.52
C THR A 64 -31.93 -4.58 -1.35
N LEU A 65 -31.42 -4.43 -0.14
CA LEU A 65 -30.02 -4.68 0.15
C LEU A 65 -29.88 -5.97 0.94
N THR A 66 -29.05 -6.88 0.46
CA THR A 66 -28.76 -8.14 1.13
C THR A 66 -27.32 -8.11 1.60
N VAL A 67 -27.11 -8.13 2.91
CA VAL A 67 -25.78 -8.00 3.49
C VAL A 67 -25.69 -8.89 4.71
N THR A 68 -24.47 -9.36 4.98
CA THR A 68 -24.18 -10.21 6.13
C THR A 68 -23.37 -9.39 7.14
N LEU A 69 -23.89 -9.25 8.35
CA LEU A 69 -23.29 -8.40 9.37
C LEU A 69 -22.84 -9.25 10.55
N LYS A 70 -21.63 -9.01 11.02
CA LYS A 70 -21.08 -9.67 12.20
C LYS A 70 -21.20 -8.73 13.38
N ASN A 71 -21.85 -9.19 14.45
CA ASN A 71 -22.05 -8.39 15.64
C ASN A 71 -21.50 -9.15 16.83
N THR A 72 -20.61 -8.51 17.59
CA THR A 72 -20.03 -9.08 18.80
C THR A 72 -20.34 -8.21 20.02
N GLY A 73 -21.60 -7.80 20.15
CA GLY A 73 -22.02 -6.94 21.25
C GLY A 73 -23.51 -6.96 21.45
N ALA A 74 -24.06 -5.89 22.02
CA ALA A 74 -25.49 -5.82 22.27
C ALA A 74 -26.26 -5.59 20.96
N SER A 75 -27.58 -5.70 21.05
CA SER A 75 -28.42 -5.47 19.90
C SER A 75 -28.35 -4.00 19.47
N THR A 76 -28.36 -3.77 18.17
CA THR A 76 -28.30 -2.43 17.60
C THR A 76 -29.36 -2.30 16.51
N GLN A 77 -29.73 -1.06 16.22
CA GLN A 77 -30.72 -0.75 15.20
C GLN A 77 -30.10 0.09 14.10
N VAL A 78 -30.63 -0.07 12.88
CA VAL A 78 -30.17 0.68 11.72
C VAL A 78 -31.08 1.90 11.57
N THR A 79 -30.59 3.06 12.02
CA THR A 79 -31.39 4.27 11.93
C THR A 79 -31.55 4.72 10.48
N GLY A 80 -30.47 4.68 9.71
CA GLY A 80 -30.51 5.13 8.34
C GLY A 80 -29.36 4.56 7.54
N VAL A 81 -29.38 4.83 6.24
CA VAL A 81 -28.36 4.36 5.31
C VAL A 81 -27.86 5.55 4.50
N LEU A 82 -26.56 5.57 4.23
CA LEU A 82 -25.95 6.59 3.40
C LEU A 82 -25.60 6.00 2.04
N ILE A 83 -26.05 6.65 0.98
CA ILE A 83 -25.84 6.17 -0.38
C ILE A 83 -25.08 7.26 -1.13
N ASN A 84 -24.85 7.06 -2.42
CA ASN A 84 -23.96 7.90 -3.21
C ASN A 84 -24.07 9.39 -2.86
N GLY A 85 -25.27 9.95 -2.88
CA GLY A 85 -25.40 11.37 -2.63
C GLY A 85 -26.20 11.76 -1.41
N ASN A 86 -27.19 10.96 -1.05
CA ASN A 86 -28.12 11.36 -0.01
C ASN A 86 -28.22 10.29 1.08
N SER A 87 -28.99 10.61 2.12
CA SER A 87 -29.26 9.68 3.21
C SER A 87 -30.74 9.31 3.19
N GLY A 88 -31.03 8.02 3.22
CA GLY A 88 -32.39 7.55 3.16
C GLY A 88 -32.70 6.62 4.32
N SER A 89 -33.99 6.40 4.54
CA SER A 89 -34.43 5.54 5.62
C SER A 89 -34.51 4.09 5.16
N VAL A 90 -34.50 3.19 6.15
CA VAL A 90 -34.60 1.74 5.91
C VAL A 90 -35.87 1.24 6.56
N SER A 91 -36.50 0.23 5.95
CA SER A 91 -37.83 -0.21 6.36
C SER A 91 -37.94 -1.72 6.55
N GLY A 92 -36.83 -2.43 6.73
CA GLY A 92 -36.92 -3.86 6.94
C GLY A 92 -35.79 -4.47 7.75
N MET A 93 -36.14 -5.22 8.80
CA MET A 93 -35.18 -5.95 9.62
C MET A 93 -34.08 -5.03 10.13
N THR A 94 -34.49 -3.90 10.70
CA THR A 94 -33.53 -2.96 11.28
C THR A 94 -32.78 -3.58 12.46
N THR A 95 -33.48 -4.35 13.29
CA THR A 95 -32.87 -4.93 14.48
C THR A 95 -31.76 -5.91 14.09
N ILE A 96 -30.67 -5.90 14.85
CA ILE A 96 -29.52 -6.75 14.59
C ILE A 96 -29.34 -7.71 15.77
N SER A 97 -29.42 -9.01 15.49
CA SER A 97 -29.18 -10.02 16.51
C SER A 97 -27.69 -10.27 16.67
N ALA A 98 -27.32 -10.81 17.83
CA ALA A 98 -25.93 -11.16 18.07
C ALA A 98 -25.51 -12.35 17.20
N GLY A 99 -24.28 -12.30 16.72
CA GLY A 99 -23.76 -13.36 15.88
C GLY A 99 -23.90 -13.06 14.40
N VAL A 100 -23.11 -13.79 13.60
CA VAL A 100 -23.11 -13.57 12.16
C VAL A 100 -24.44 -14.01 11.57
N ASN A 101 -25.05 -13.12 10.78
CA ASN A 101 -26.37 -13.37 10.23
C ASN A 101 -26.47 -12.69 8.87
N THR A 102 -27.51 -13.08 8.12
CA THR A 102 -27.81 -12.49 6.82
C THR A 102 -29.06 -11.63 6.95
N TYR A 103 -28.97 -10.38 6.52
CA TYR A 103 -30.05 -9.42 6.72
C TYR A 103 -30.54 -8.89 5.37
N THR A 104 -31.84 -8.66 5.30
CA THR A 104 -32.48 -8.06 4.14
C THR A 104 -33.01 -6.69 4.52
N ILE A 105 -32.59 -5.66 3.78
CA ILE A 105 -32.93 -4.27 4.09
C ILE A 105 -33.51 -3.63 2.84
N THR A 106 -34.64 -2.94 2.99
CA THR A 106 -35.28 -2.21 1.90
C THR A 106 -34.98 -0.73 2.05
N ILE A 107 -34.45 -0.11 0.99
CA ILE A 107 -34.02 1.28 0.99
C ILE A 107 -34.99 2.09 0.14
N SER A 108 -35.40 3.25 0.65
CA SER A 108 -36.34 4.13 -0.04
C SER A 108 -35.73 5.51 -0.21
N ILE A 109 -35.32 5.83 -1.44
CA ILE A 109 -34.89 7.17 -1.79
C ILE A 109 -35.55 7.59 -3.10
N GLY A 110 -36.42 8.60 -3.03
CA GLY A 110 -37.20 8.99 -4.20
C GLY A 110 -36.36 9.62 -5.29
N SER A 111 -35.42 10.49 -4.92
CA SER A 111 -34.73 11.32 -5.90
C SER A 111 -33.87 10.49 -6.84
N ILE A 112 -33.10 9.56 -6.30
CA ILE A 112 -32.12 8.81 -7.10
C ILE A 112 -32.70 7.45 -7.46
N SER A 113 -34.03 7.34 -7.44
CA SER A 113 -34.68 6.09 -7.80
C SER A 113 -34.46 5.79 -9.28
N THR A 114 -34.36 4.49 -9.60
CA THR A 114 -34.23 3.95 -10.95
C THR A 114 -32.96 4.40 -11.66
N THR A 115 -32.05 5.10 -10.97
CA THR A 115 -30.79 5.47 -11.59
C THR A 115 -29.83 4.30 -11.66
N LEU A 116 -29.97 3.35 -10.73
CA LEU A 116 -29.02 2.24 -10.66
C LEU A 116 -29.22 1.23 -11.79
N ARG A 117 -30.28 1.38 -12.59
CA ARG A 117 -30.51 0.46 -13.69
C ARG A 117 -29.35 0.48 -14.69
N GLY A 118 -28.76 1.65 -14.89
CA GLY A 118 -27.63 1.75 -15.81
C GLY A 118 -26.34 1.22 -15.20
N LEU A 119 -26.29 1.11 -13.87
CA LEU A 119 -25.07 0.76 -13.16
C LEU A 119 -25.02 -0.72 -12.78
N VAL A 120 -25.93 -1.54 -13.31
CA VAL A 120 -25.99 -2.94 -12.93
C VAL A 120 -24.69 -3.65 -13.30
N GLY A 121 -24.17 -4.44 -12.37
CA GLY A 121 -22.97 -5.21 -12.58
C GLY A 121 -21.68 -4.58 -12.09
N SER A 122 -21.76 -3.44 -11.40
CA SER A 122 -20.57 -2.71 -10.98
C SER A 122 -20.49 -2.69 -9.47
N THR A 123 -19.31 -2.33 -8.97
CA THR A 123 -19.12 -2.17 -7.53
C THR A 123 -19.71 -0.83 -7.08
N ILE A 124 -20.00 -0.76 -5.78
CA ILE A 124 -20.53 0.46 -5.17
C ILE A 124 -20.26 0.40 -3.68
N SER A 125 -20.05 1.58 -3.09
CA SER A 125 -19.79 1.70 -1.66
C SER A 125 -20.94 2.45 -1.00
N LEU A 126 -21.54 1.85 0.01
CA LEU A 126 -22.65 2.45 0.74
C LEU A 126 -22.44 2.25 2.23
N THR A 127 -22.93 3.20 3.02
CA THR A 127 -22.65 3.26 4.45
C THR A 127 -23.94 3.11 5.24
N LEU A 128 -23.89 2.30 6.30
CA LEU A 128 -25.02 2.10 7.19
C LEU A 128 -24.83 2.96 8.44
N ILE A 129 -25.91 3.61 8.87
CA ILE A 129 -25.89 4.43 10.07
C ILE A 129 -26.59 3.66 11.18
N LEU A 130 -25.83 3.19 12.16
CA LEU A 130 -26.39 2.42 13.25
C LEU A 130 -26.84 3.33 14.39
N SER A 131 -27.57 2.75 15.33
CA SER A 131 -28.08 3.47 16.48
C SER A 131 -27.13 3.46 17.68
N ASN A 132 -26.05 2.69 17.62
CA ASN A 132 -25.07 2.64 18.69
C ASN A 132 -23.93 3.63 18.47
N GLY A 133 -24.17 4.70 17.73
CA GLY A 133 -23.14 5.70 17.49
C GLY A 133 -22.09 5.29 16.49
N GLU A 134 -22.39 4.34 15.60
CA GLU A 134 -21.40 3.78 14.69
C GLU A 134 -21.91 3.89 13.26
N THR A 135 -20.96 4.00 12.32
CA THR A 135 -21.26 4.00 10.89
C THR A 135 -20.56 2.81 10.26
N VAL A 136 -21.36 1.90 9.70
CA VAL A 136 -20.82 0.71 9.05
C VAL A 136 -20.58 1.00 7.58
N THR A 137 -19.40 0.62 7.09
CA THR A 137 -19.03 0.81 5.69
C THR A 137 -19.20 -0.54 4.98
N VAL A 138 -20.03 -0.56 3.94
CA VAL A 138 -20.43 -1.79 3.28
C VAL A 138 -20.11 -1.70 1.81
N SER A 139 -19.45 -2.73 1.28
CA SER A 139 -19.21 -2.85 -0.15
C SER A 139 -20.24 -3.79 -0.76
N ALA A 140 -20.74 -3.43 -1.94
CA ALA A 140 -21.83 -4.16 -2.55
C ALA A 140 -21.65 -4.25 -4.06
N ILE A 141 -22.33 -5.22 -4.66
CA ILE A 141 -22.38 -5.40 -6.10
C ILE A 141 -23.80 -5.11 -6.56
N VAL A 142 -23.96 -4.17 -7.49
CA VAL A 142 -25.28 -3.85 -7.99
C VAL A 142 -25.73 -4.95 -8.95
N THR A 143 -26.95 -5.45 -8.73
CA THR A 143 -27.53 -6.47 -9.60
C THR A 143 -28.97 -6.10 -9.91
N SER A 144 -29.47 -6.62 -11.02
CA SER A 144 -30.84 -6.35 -11.44
C SER A 144 -31.83 -7.08 -10.55
N LEU B 13 -6.54 7.13 36.83
CA LEU B 13 -7.94 6.76 36.73
C LEU B 13 -8.55 7.29 35.45
N SER B 14 -8.58 8.61 35.31
CA SER B 14 -9.13 9.22 34.11
C SER B 14 -8.33 8.83 32.88
N GLY B 15 -7.00 8.83 32.98
CA GLY B 15 -6.18 8.43 31.85
C GLY B 15 -6.42 6.99 31.44
N ALA B 16 -6.57 6.10 32.42
CA ALA B 16 -6.80 4.70 32.10
C ALA B 16 -8.19 4.48 31.49
N VAL B 17 -9.20 5.21 31.98
CA VAL B 17 -10.53 5.14 31.37
C VAL B 17 -10.48 5.61 29.93
N THR B 18 -9.79 6.73 29.68
CA THR B 18 -9.62 7.20 28.31
C THR B 18 -8.90 6.16 27.46
N ALA B 19 -7.89 5.52 28.03
CA ALA B 19 -7.15 4.49 27.29
C ALA B 19 -8.06 3.34 26.89
N LEU B 20 -8.90 2.87 27.82
CA LEU B 20 -9.79 1.76 27.47
C LEU B 20 -10.80 2.17 26.40
N ILE B 21 -11.38 3.36 26.53
CA ILE B 21 -12.33 3.81 25.52
C ILE B 21 -11.66 3.88 24.15
N LEU B 22 -10.45 4.45 24.10
CA LEU B 22 -9.74 4.58 22.83
C LEU B 22 -9.39 3.21 22.26
N VAL B 23 -8.99 2.26 23.11
CA VAL B 23 -8.66 0.92 22.63
C VAL B 23 -9.88 0.25 22.03
N ILE B 24 -11.02 0.34 22.71
CA ILE B 24 -12.24 -0.29 22.19
C ILE B 24 -12.63 0.35 20.87
N ALA B 25 -12.61 1.68 20.79
CA ALA B 25 -12.97 2.36 19.55
C ALA B 25 -12.02 1.99 18.42
N SER B 26 -10.72 1.90 18.73
CA SER B 26 -9.74 1.54 17.70
C SER B 26 -9.98 0.13 17.19
N VAL B 27 -10.30 -0.80 18.09
CA VAL B 27 -10.60 -2.17 17.67
C VAL B 27 -11.81 -2.18 16.75
N ILE B 28 -12.85 -1.44 17.11
CA ILE B 28 -14.05 -1.39 16.27
C ILE B 28 -13.73 -0.81 14.90
N ILE B 29 -12.96 0.27 14.87
CA ILE B 29 -12.59 0.91 13.61
C ILE B 29 -11.81 -0.05 12.73
N ALA B 30 -10.82 -0.74 13.32
CA ALA B 30 -10.02 -1.68 12.55
C ALA B 30 -10.88 -2.81 12.01
N LEU B 31 -11.81 -3.33 12.82
CA LEU B 31 -12.69 -4.38 12.33
C LEU B 31 -13.52 -3.90 11.15
N VAL B 32 -14.07 -2.68 11.24
CA VAL B 32 -14.89 -2.16 10.14
C VAL B 32 -14.06 -2.03 8.88
N VAL B 33 -12.84 -1.48 9.00
CA VAL B 33 -12.00 -1.27 7.82
C VAL B 33 -11.61 -2.61 7.19
N VAL B 34 -11.24 -3.59 8.00
CA VAL B 34 -10.84 -4.89 7.46
C VAL B 34 -12.03 -5.58 6.78
N GLY B 35 -13.21 -5.52 7.40
CA GLY B 35 -14.38 -6.08 6.78
C GLY B 35 -14.70 -5.43 5.45
N PHE B 36 -14.56 -4.10 5.38
CA PHE B 36 -14.85 -3.41 4.13
C PHE B 36 -13.83 -3.74 3.06
N ALA B 37 -12.56 -3.92 3.45
CA ALA B 37 -11.55 -4.33 2.47
C ALA B 37 -11.83 -5.71 1.91
N PHE B 38 -12.21 -6.65 2.78
CA PHE B 38 -12.55 -7.98 2.30
C PHE B 38 -13.79 -7.94 1.41
N GLY B 39 -14.75 -7.08 1.76
CA GLY B 39 -15.90 -6.87 0.89
C GLY B 39 -15.49 -6.33 -0.47
N LEU B 40 -14.50 -5.43 -0.50
CA LEU B 40 -14.00 -4.93 -1.77
C LEU B 40 -13.42 -6.06 -2.61
N PHE B 41 -12.60 -6.92 -2.00
CA PHE B 41 -12.04 -8.03 -2.77
C PHE B 41 -13.13 -8.95 -3.30
N GLY B 42 -14.13 -9.26 -2.47
CA GLY B 42 -15.22 -10.08 -2.96
C GLY B 42 -15.96 -9.44 -4.12
N ALA B 43 -16.23 -8.14 -4.01
CA ALA B 43 -16.96 -7.44 -5.07
C ALA B 43 -16.17 -7.41 -6.37
N PHE B 44 -14.87 -7.10 -6.28
CA PHE B 44 -14.04 -7.07 -7.48
C PHE B 44 -13.89 -8.45 -8.10
N THR B 45 -13.87 -9.49 -7.26
CA THR B 45 -13.86 -10.85 -7.80
C THR B 45 -15.15 -11.13 -8.55
N GLY B 46 -16.29 -10.70 -8.00
CA GLY B 46 -17.57 -10.96 -8.61
C GLY B 46 -18.10 -9.90 -9.56
N GLN B 47 -17.27 -8.92 -9.95
CA GLN B 47 -17.78 -7.82 -10.76
C GLN B 47 -18.23 -8.30 -12.14
N GLY B 48 -17.48 -9.21 -12.75
CA GLY B 48 -17.85 -9.72 -14.06
C GLY B 48 -16.86 -9.39 -15.16
N THR B 49 -16.42 -10.41 -15.88
CA THR B 49 -15.50 -10.26 -17.00
C THR B 49 -16.17 -10.79 -18.26
N VAL B 50 -16.11 -10.00 -19.34
CA VAL B 50 -16.76 -10.33 -20.60
C VAL B 50 -15.73 -10.26 -21.71
N ALA B 51 -15.71 -11.28 -22.56
CA ALA B 51 -14.82 -11.33 -23.71
C ALA B 51 -15.50 -12.12 -24.82
N GLN B 52 -14.88 -12.12 -26.00
CA GLN B 52 -15.40 -12.80 -27.17
C GLN B 52 -14.67 -14.13 -27.37
N VAL B 53 -15.38 -15.11 -27.93
CA VAL B 53 -14.80 -16.43 -28.16
C VAL B 53 -14.79 -16.82 -29.63
N GLY B 54 -15.68 -16.26 -30.46
CA GLY B 54 -15.74 -16.64 -31.86
C GLY B 54 -16.09 -15.44 -32.73
N THR B 55 -16.00 -15.67 -34.04
CA THR B 55 -16.28 -14.61 -34.99
C THR B 55 -17.73 -14.17 -34.89
N ALA B 56 -17.98 -12.89 -35.12
CA ALA B 56 -19.31 -12.31 -35.03
C ALA B 56 -19.86 -12.10 -36.43
N THR B 57 -21.11 -12.50 -36.64
CA THR B 57 -21.79 -12.38 -37.93
C THR B 57 -22.69 -11.16 -37.88
N LEU B 58 -22.40 -10.18 -38.73
CA LEU B 58 -23.16 -8.92 -38.79
C LEU B 58 -23.91 -8.86 -40.11
N SER B 59 -25.22 -8.68 -40.04
CA SER B 59 -26.07 -8.62 -41.21
C SER B 59 -26.10 -7.19 -41.74
N ALA B 60 -25.69 -6.99 -42.99
CA ALA B 60 -25.65 -5.64 -43.55
C ALA B 60 -27.05 -5.14 -43.90
N SER B 61 -27.96 -6.06 -44.23
CA SER B 61 -29.27 -5.66 -44.71
C SER B 61 -30.05 -4.89 -43.65
N THR B 62 -30.18 -5.47 -42.46
CA THR B 62 -30.95 -4.86 -41.37
C THR B 62 -30.09 -4.48 -40.18
N LEU B 63 -28.76 -4.56 -40.32
CA LEU B 63 -27.82 -4.18 -39.25
C LEU B 63 -28.12 -4.95 -37.97
N THR B 64 -28.16 -6.27 -38.09
CA THR B 64 -28.35 -7.18 -36.96
C THR B 64 -27.02 -7.82 -36.62
N LEU B 65 -26.65 -7.79 -35.34
CA LEU B 65 -25.36 -8.28 -34.88
C LEU B 65 -25.55 -9.59 -34.11
N THR B 66 -24.75 -10.60 -34.47
CA THR B 66 -24.73 -11.87 -33.78
C THR B 66 -23.32 -12.10 -33.21
N VAL B 67 -23.23 -12.24 -31.90
CA VAL B 67 -21.93 -12.37 -31.23
C VAL B 67 -22.06 -13.42 -30.14
N THR B 68 -20.92 -14.00 -29.75
CA THR B 68 -20.85 -14.98 -28.68
C THR B 68 -19.90 -14.46 -27.61
N LEU B 69 -20.44 -14.17 -26.42
CA LEU B 69 -19.68 -13.57 -25.34
C LEU B 69 -19.74 -14.47 -24.11
N LYS B 70 -18.59 -14.75 -23.53
CA LYS B 70 -18.49 -15.49 -22.28
C LYS B 70 -18.51 -14.49 -21.13
N ASN B 71 -19.14 -14.88 -20.02
CA ASN B 71 -19.27 -14.02 -18.85
C ASN B 71 -18.92 -14.81 -17.60
N THR B 72 -18.12 -14.20 -16.73
CA THR B 72 -17.74 -14.81 -15.45
C THR B 72 -18.19 -13.94 -14.27
N GLY B 73 -19.35 -13.29 -14.40
CA GLY B 73 -19.84 -12.46 -13.32
C GLY B 73 -21.33 -12.18 -13.39
N ALA B 74 -21.77 -11.09 -12.77
CA ALA B 74 -23.18 -10.76 -12.75
C ALA B 74 -23.65 -10.34 -14.13
N SER B 75 -24.96 -10.44 -14.35
CA SER B 75 -25.54 -10.01 -15.61
C SER B 75 -25.34 -8.51 -15.79
N THR B 76 -24.88 -8.13 -16.98
CA THR B 76 -24.58 -6.74 -17.29
C THR B 76 -25.25 -6.35 -18.60
N GLN B 77 -26.07 -5.31 -18.56
CA GLN B 77 -26.74 -4.85 -19.76
C GLN B 77 -25.74 -4.16 -20.70
N VAL B 78 -26.10 -4.12 -21.98
CA VAL B 78 -25.28 -3.45 -22.99
C VAL B 78 -25.78 -2.01 -23.10
N THR B 79 -25.02 -1.07 -22.55
CA THR B 79 -25.45 0.33 -22.57
C THR B 79 -25.45 0.89 -23.97
N GLY B 80 -24.42 0.60 -24.76
CA GLY B 80 -24.32 1.14 -26.10
C GLY B 80 -23.32 0.38 -26.93
N VAL B 81 -23.53 0.42 -28.25
CA VAL B 81 -22.63 -0.20 -29.22
C VAL B 81 -22.07 0.91 -30.09
N LEU B 82 -20.78 0.83 -30.38
CA LEU B 82 -20.07 1.86 -31.12
C LEU B 82 -19.64 1.31 -32.47
N ILE B 83 -19.81 2.12 -33.51
CA ILE B 83 -19.42 1.73 -34.87
C ILE B 83 -18.27 2.66 -35.25
N ASN B 84 -17.67 2.43 -36.42
CA ASN B 84 -16.52 3.22 -36.84
C ASN B 84 -16.79 4.72 -36.74
N GLY B 85 -17.98 5.16 -37.16
CA GLY B 85 -18.25 6.58 -37.21
C GLY B 85 -19.07 7.13 -36.05
N ASN B 86 -20.13 6.42 -35.67
CA ASN B 86 -21.07 6.92 -34.67
C ASN B 86 -21.46 5.82 -33.71
N SER B 87 -21.63 6.17 -32.44
CA SER B 87 -22.15 5.23 -31.46
C SER B 87 -23.67 5.15 -31.56
N GLY B 88 -24.21 3.99 -31.19
CA GLY B 88 -25.64 3.78 -31.31
C GLY B 88 -26.16 2.92 -30.17
N SER B 89 -27.48 2.95 -30.01
CA SER B 89 -28.13 2.17 -28.98
C SER B 89 -28.45 0.76 -29.49
N VAL B 90 -28.80 -0.12 -28.55
CA VAL B 90 -29.11 -1.51 -28.84
C VAL B 90 -30.60 -1.71 -28.66
N SER B 91 -31.16 -2.70 -29.34
CA SER B 91 -32.61 -2.91 -29.34
C SER B 91 -33.04 -4.23 -28.73
N GLY B 92 -32.20 -5.25 -28.72
CA GLY B 92 -32.60 -6.56 -28.24
C GLY B 92 -31.44 -7.27 -27.55
N MET B 93 -31.80 -8.20 -26.68
CA MET B 93 -30.83 -9.01 -25.93
C MET B 93 -29.82 -8.13 -25.19
N THR B 94 -30.33 -7.08 -24.55
CA THR B 94 -29.47 -6.20 -23.76
C THR B 94 -28.83 -6.97 -22.61
N THR B 95 -29.62 -7.81 -21.92
CA THR B 95 -29.10 -8.56 -20.79
C THR B 95 -28.10 -9.62 -21.26
N ILE B 96 -27.02 -9.77 -20.52
CA ILE B 96 -26.00 -10.77 -20.79
C ILE B 96 -25.99 -11.76 -19.62
N SER B 97 -26.59 -12.93 -19.84
CA SER B 97 -26.60 -13.96 -18.81
C SER B 97 -25.22 -14.56 -18.64
N ALA B 98 -24.99 -15.14 -17.46
CA ALA B 98 -23.71 -15.79 -17.18
C ALA B 98 -23.56 -17.04 -18.06
N GLY B 99 -22.32 -17.31 -18.45
CA GLY B 99 -22.03 -18.45 -19.29
C GLY B 99 -22.01 -18.08 -20.76
N VAL B 100 -21.39 -18.95 -21.56
CA VAL B 100 -21.26 -18.69 -22.99
C VAL B 100 -22.61 -18.80 -23.66
N ASN B 101 -23.00 -17.73 -24.35
CA ASN B 101 -24.30 -17.68 -25.01
C ASN B 101 -24.15 -17.04 -26.38
N THR B 102 -25.14 -17.30 -27.24
CA THR B 102 -25.23 -16.67 -28.55
C THR B 102 -26.27 -15.56 -28.48
N TYR B 103 -25.86 -14.34 -28.82
CA TYR B 103 -26.68 -13.16 -28.66
C TYR B 103 -27.04 -12.56 -30.01
N THR B 104 -28.27 -12.04 -30.12
CA THR B 104 -28.73 -11.33 -31.29
C THR B 104 -29.01 -9.88 -30.90
N ILE B 105 -28.33 -8.96 -31.57
CA ILE B 105 -28.38 -7.54 -31.21
C ILE B 105 -28.77 -6.73 -32.45
N THR B 106 -29.74 -5.84 -32.28
CA THR B 106 -30.16 -4.93 -33.34
C THR B 106 -29.63 -3.54 -33.04
N ILE B 107 -28.94 -2.94 -34.01
CA ILE B 107 -28.30 -1.63 -33.86
C ILE B 107 -29.09 -0.62 -34.69
N SER B 108 -29.30 0.57 -34.13
CA SER B 108 -30.06 1.63 -34.79
C SER B 108 -29.21 2.89 -34.86
N ILE B 109 -28.58 3.10 -36.02
CA ILE B 109 -27.87 4.35 -36.31
C ILE B 109 -28.29 4.81 -37.70
N GLY B 110 -28.78 6.05 -37.80
CA GLY B 110 -29.25 6.55 -39.08
C GLY B 110 -28.13 6.77 -40.08
N SER B 111 -26.99 7.27 -39.61
CA SER B 111 -25.93 7.69 -40.52
C SER B 111 -25.29 6.51 -41.25
N ILE B 112 -25.02 5.42 -40.53
CA ILE B 112 -24.29 4.30 -41.13
C ILE B 112 -25.20 3.47 -42.02
N SER B 113 -26.48 3.81 -42.09
CA SER B 113 -27.43 3.06 -42.91
C SER B 113 -27.00 3.06 -44.37
N THR B 114 -27.02 1.87 -44.98
CA THR B 114 -26.66 1.57 -46.37
C THR B 114 -25.16 1.75 -46.62
N THR B 115 -24.37 2.17 -45.64
CA THR B 115 -22.94 2.32 -45.85
C THR B 115 -22.23 0.96 -45.80
N LEU B 116 -22.76 0.03 -45.01
CA LEU B 116 -22.11 -1.26 -44.85
C LEU B 116 -22.22 -2.14 -46.09
N ARG B 117 -23.01 -1.73 -47.09
CA ARG B 117 -23.20 -2.56 -48.27
C ARG B 117 -21.89 -2.81 -49.00
N GLY B 118 -20.98 -1.82 -49.00
CA GLY B 118 -19.72 -1.99 -49.68
C GLY B 118 -18.75 -2.91 -48.96
N LEU B 119 -18.97 -3.13 -47.67
CA LEU B 119 -18.09 -3.95 -46.86
C LEU B 119 -18.54 -5.40 -46.76
N VAL B 120 -19.51 -5.83 -47.56
CA VAL B 120 -20.02 -7.19 -47.47
C VAL B 120 -18.92 -8.17 -47.83
N GLY B 121 -18.70 -9.16 -46.95
CA GLY B 121 -17.67 -10.14 -47.17
C GLY B 121 -16.28 -9.73 -46.72
N SER B 122 -16.17 -8.71 -45.88
CA SER B 122 -14.87 -8.22 -45.44
C SER B 122 -14.86 -8.06 -43.92
N THR B 123 -13.66 -8.06 -43.37
CA THR B 123 -13.51 -7.96 -41.92
C THR B 123 -13.84 -6.55 -41.43
N ILE B 124 -14.20 -6.46 -40.15
CA ILE B 124 -14.54 -5.19 -39.51
C ILE B 124 -14.18 -5.31 -38.04
N SER B 125 -14.13 -4.17 -37.35
CA SER B 125 -13.86 -4.11 -35.93
C SER B 125 -14.98 -3.35 -35.24
N LEU B 126 -15.43 -3.86 -34.09
CA LEU B 126 -16.56 -3.32 -33.37
C LEU B 126 -16.11 -2.77 -32.02
N THR B 127 -17.08 -2.33 -31.24
CA THR B 127 -16.87 -1.89 -29.87
C THR B 127 -18.19 -1.98 -29.11
N LEU B 128 -18.11 -2.50 -27.89
CA LEU B 128 -19.29 -2.61 -27.03
C LEU B 128 -19.01 -1.88 -25.72
N ILE B 129 -20.03 -1.18 -25.23
CA ILE B 129 -19.94 -0.46 -23.95
C ILE B 129 -20.90 -1.15 -22.99
N LEU B 130 -20.35 -1.92 -22.05
CA LEU B 130 -21.16 -2.64 -21.10
C LEU B 130 -21.47 -1.76 -19.88
N SER B 131 -22.45 -2.20 -19.09
CA SER B 131 -22.87 -1.42 -17.94
C SER B 131 -21.81 -1.42 -16.85
N ASN B 132 -21.05 -2.51 -16.72
CA ASN B 132 -20.07 -2.60 -15.64
C ASN B 132 -18.75 -1.92 -15.98
N GLY B 133 -18.83 -0.69 -16.49
CA GLY B 133 -17.63 0.10 -16.72
C GLY B 133 -16.61 -0.57 -17.60
N GLU B 134 -17.06 -1.27 -18.63
CA GLU B 134 -16.17 -2.08 -19.46
C GLU B 134 -16.45 -1.84 -20.94
N THR B 135 -15.39 -1.89 -21.74
CA THR B 135 -15.49 -1.86 -23.19
C THR B 135 -14.99 -3.19 -23.73
N VAL B 136 -15.63 -3.68 -24.77
CA VAL B 136 -15.32 -4.99 -25.34
C VAL B 136 -15.00 -4.83 -26.81
N THR B 137 -13.86 -5.37 -27.23
CA THR B 137 -13.49 -5.40 -28.64
C THR B 137 -14.07 -6.65 -29.29
N VAL B 138 -14.79 -6.46 -30.39
CA VAL B 138 -15.47 -7.56 -31.08
C VAL B 138 -15.02 -7.56 -32.53
N SER B 139 -14.44 -8.67 -32.96
CA SER B 139 -14.18 -8.88 -34.38
C SER B 139 -15.42 -9.44 -35.05
N ALA B 140 -15.74 -8.95 -36.24
CA ALA B 140 -16.96 -9.35 -36.90
C ALA B 140 -16.75 -9.45 -38.40
N ILE B 141 -17.60 -10.25 -39.04
CA ILE B 141 -17.61 -10.41 -40.49
C ILE B 141 -19.00 -10.04 -41.00
N VAL B 142 -19.03 -9.17 -42.00
CA VAL B 142 -20.27 -8.62 -42.54
C VAL B 142 -20.86 -9.60 -43.54
N THR B 143 -22.16 -9.88 -43.40
CA THR B 143 -22.88 -10.73 -44.34
C THR B 143 -24.09 -9.98 -44.88
N SER B 144 -24.36 -10.15 -46.16
CA SER B 144 -25.50 -9.48 -46.78
C SER B 144 -26.79 -10.24 -46.52
N LEU C 13 -15.84 23.37 84.02
CA LEU C 13 -17.15 23.64 83.45
C LEU C 13 -17.05 24.55 82.23
N SER C 14 -16.13 25.50 82.27
CA SER C 14 -15.97 26.43 81.16
C SER C 14 -15.50 25.72 79.90
N GLY C 15 -14.59 24.76 80.04
CA GLY C 15 -14.02 24.11 78.88
C GLY C 15 -14.99 23.19 78.17
N ALA C 16 -15.85 22.50 78.92
CA ALA C 16 -16.73 21.50 78.33
C ALA C 16 -17.72 22.13 77.36
N VAL C 17 -18.25 23.30 77.72
CA VAL C 17 -19.24 23.96 76.87
C VAL C 17 -18.63 24.33 75.51
N THR C 18 -17.41 24.87 75.53
CA THR C 18 -16.73 25.21 74.30
C THR C 18 -16.48 23.98 73.44
N ALA C 19 -16.08 22.87 74.08
CA ALA C 19 -15.85 21.64 73.34
C ALA C 19 -17.13 21.13 72.69
N LEU C 20 -18.25 21.17 73.43
CA LEU C 20 -19.53 20.76 72.84
C LEU C 20 -19.92 21.65 71.67
N ILE C 21 -19.78 22.96 71.83
CA ILE C 21 -20.14 23.89 70.76
C ILE C 21 -19.30 23.61 69.52
N LEU C 22 -18.00 23.44 69.70
CA LEU C 22 -17.11 23.21 68.58
C LEU C 22 -17.39 21.88 67.90
N VAL C 23 -17.68 20.83 68.69
CA VAL C 23 -18.00 19.53 68.10
C VAL C 23 -19.26 19.62 67.24
N ILE C 24 -20.31 20.27 67.78
CA ILE C 24 -21.55 20.38 67.01
C ILE C 24 -21.33 21.19 65.74
N ALA C 25 -20.62 22.32 65.85
CA ALA C 25 -20.38 23.14 64.67
C ALA C 25 -19.57 22.40 63.62
N SER C 26 -18.54 21.66 64.05
CA SER C 26 -17.71 20.91 63.11
C SER C 26 -18.51 19.82 62.43
N VAL C 27 -19.38 19.13 63.17
CA VAL C 27 -20.21 18.10 62.57
C VAL C 27 -21.15 18.72 61.53
N ILE C 28 -21.76 19.86 61.87
CA ILE C 28 -22.66 20.52 60.92
C ILE C 28 -21.93 20.91 59.65
N ILE C 29 -20.76 21.52 59.79
CA ILE C 29 -20.03 21.98 58.61
C ILE C 29 -19.53 20.80 57.79
N ALA C 30 -19.10 19.73 58.44
CA ALA C 30 -18.68 18.54 57.70
C ALA C 30 -19.83 17.95 56.91
N LEU C 31 -21.03 17.90 57.51
CA LEU C 31 -22.19 17.44 56.78
C LEU C 31 -22.49 18.33 55.58
N VAL C 32 -22.35 19.65 55.76
CA VAL C 32 -22.54 20.58 54.65
C VAL C 32 -21.59 20.27 53.51
N VAL C 33 -20.30 20.06 53.85
CA VAL C 33 -19.30 19.82 52.82
C VAL C 33 -19.56 18.50 52.09
N VAL C 34 -19.93 17.45 52.84
CA VAL C 34 -20.21 16.16 52.21
C VAL C 34 -21.42 16.27 51.28
N GLY C 35 -22.47 16.94 51.73
CA GLY C 35 -23.63 17.13 50.88
C GLY C 35 -23.30 17.92 49.63
N PHE C 36 -22.45 18.94 49.77
CA PHE C 36 -22.06 19.73 48.61
C PHE C 36 -21.23 18.89 47.63
N ALA C 37 -20.36 18.02 48.14
CA ALA C 37 -19.60 17.14 47.27
C ALA C 37 -20.51 16.18 46.50
N PHE C 38 -21.51 15.62 47.19
CA PHE C 38 -22.46 14.74 46.51
C PHE C 38 -23.27 15.52 45.47
N GLY C 39 -23.64 16.76 45.79
CA GLY C 39 -24.32 17.59 44.80
C GLY C 39 -23.47 17.83 43.58
N LEU C 40 -22.17 18.08 43.78
CA LEU C 40 -21.26 18.23 42.65
C LEU C 40 -21.22 16.96 41.82
N PHE C 41 -21.15 15.79 42.48
CA PHE C 41 -21.17 14.53 41.77
C PHE C 41 -22.40 14.42 40.89
N GLY C 42 -23.58 14.65 41.48
CA GLY C 42 -24.82 14.53 40.72
C GLY C 42 -24.92 15.52 39.58
N ALA C 43 -24.49 16.76 39.81
CA ALA C 43 -24.60 17.78 38.77
C ALA C 43 -23.62 17.54 37.64
N PHE C 44 -22.39 17.11 37.96
CA PHE C 44 -21.38 16.92 36.93
C PHE C 44 -21.59 15.62 36.17
N THR C 45 -22.35 14.67 36.76
CA THR C 45 -22.66 13.45 36.02
C THR C 45 -23.53 13.75 34.81
N GLY C 46 -24.52 14.62 34.97
CA GLY C 46 -25.44 14.94 33.89
C GLY C 46 -25.27 16.34 33.32
N GLN C 47 -24.03 16.77 33.12
CA GLN C 47 -23.79 18.12 32.61
C GLN C 47 -24.26 18.25 31.16
N GLY C 48 -24.09 17.20 30.36
CA GLY C 48 -24.49 17.25 28.97
C GLY C 48 -23.47 16.67 28.02
N THR C 49 -23.90 15.70 27.20
CA THR C 49 -23.05 15.03 26.23
C THR C 49 -23.58 15.33 24.83
N VAL C 50 -22.72 15.86 23.98
CA VAL C 50 -23.05 16.10 22.58
C VAL C 50 -21.89 15.61 21.72
N ALA C 51 -22.19 14.70 20.80
CA ALA C 51 -21.18 14.14 19.90
C ALA C 51 -21.85 13.76 18.59
N GLN C 52 -21.20 14.09 17.47
CA GLN C 52 -21.76 13.77 16.17
C GLN C 52 -21.85 12.26 15.98
N VAL C 53 -22.94 11.82 15.36
CA VAL C 53 -23.21 10.39 15.21
C VAL C 53 -23.29 9.96 13.74
N GLY C 54 -23.67 10.84 12.83
CA GLY C 54 -23.78 10.47 11.44
C GLY C 54 -23.24 11.57 10.55
N THR C 55 -23.07 11.23 9.27
CA THR C 55 -22.57 12.21 8.31
C THR C 55 -23.55 13.37 8.17
N ALA C 56 -23.01 14.58 8.18
CA ALA C 56 -23.80 15.79 8.10
C ALA C 56 -23.77 16.33 6.67
N THR C 57 -24.89 16.82 6.20
CA THR C 57 -25.00 17.40 4.87
C THR C 57 -25.05 18.91 4.96
N LEU C 58 -24.11 19.57 4.31
CA LEU C 58 -24.01 21.03 4.30
C LEU C 58 -24.41 21.55 2.93
N SER C 59 -25.37 22.47 2.90
CA SER C 59 -25.84 23.03 1.64
C SER C 59 -24.93 24.19 1.24
N ALA C 60 -24.34 24.10 0.05
CA ALA C 60 -23.40 25.13 -0.38
C ALA C 60 -24.12 26.41 -0.80
N SER C 61 -25.22 26.28 -1.55
CA SER C 61 -25.85 27.45 -2.14
C SER C 61 -26.45 28.37 -1.09
N THR C 62 -27.27 27.83 -0.19
CA THR C 62 -27.93 28.64 0.83
C THR C 62 -27.17 28.66 2.15
N LEU C 63 -26.04 27.95 2.23
CA LEU C 63 -25.24 27.85 3.45
C LEU C 63 -26.11 27.35 4.61
N THR C 64 -26.76 26.21 4.40
CA THR C 64 -27.60 25.57 5.41
C THR C 64 -26.91 24.27 5.85
N LEU C 65 -26.86 24.05 7.16
CA LEU C 65 -26.20 22.89 7.72
C LEU C 65 -27.24 21.92 8.28
N THR C 66 -27.00 20.64 8.07
CA THR C 66 -27.87 19.57 8.57
C THR C 66 -27.01 18.52 9.25
N VAL C 67 -27.09 18.44 10.58
CA VAL C 67 -26.26 17.54 11.36
C VAL C 67 -27.14 16.77 12.33
N THR C 68 -26.69 15.57 12.69
CA THR C 68 -27.36 14.72 13.66
C THR C 68 -26.49 14.60 14.90
N LEU C 69 -27.09 14.81 16.06
CA LEU C 69 -26.35 14.86 17.32
C LEU C 69 -26.97 13.91 18.34
N LYS C 70 -26.15 13.47 19.28
CA LYS C 70 -26.57 12.59 20.36
C LYS C 70 -26.46 13.34 21.68
N ASN C 71 -27.53 13.30 22.47
CA ASN C 71 -27.58 14.00 23.75
C ASN C 71 -27.92 13.02 24.87
N THR C 72 -27.09 13.01 25.91
CA THR C 72 -27.30 12.17 27.08
C THR C 72 -27.45 13.02 28.34
N GLY C 73 -27.32 14.33 28.23
CA GLY C 73 -27.43 15.22 29.36
C GLY C 73 -28.53 16.24 29.16
N ALA C 74 -28.50 17.28 29.99
CA ALA C 74 -29.53 18.31 29.92
C ALA C 74 -29.44 19.06 28.60
N SER C 75 -30.57 19.65 28.20
CA SER C 75 -30.63 20.39 26.94
C SER C 75 -29.65 21.55 26.95
N THR C 76 -28.85 21.65 25.90
CA THR C 76 -27.86 22.71 25.75
C THR C 76 -28.00 23.36 24.38
N GLN C 77 -27.95 24.69 24.36
CA GLN C 77 -28.10 25.42 23.11
C GLN C 77 -26.74 25.57 22.40
N VAL C 78 -26.81 25.87 21.11
CA VAL C 78 -25.62 26.07 20.29
C VAL C 78 -25.31 27.56 20.28
N THR C 79 -24.22 27.93 20.97
CA THR C 79 -23.84 29.34 21.02
C THR C 79 -23.46 29.85 19.63
N GLY C 80 -22.68 29.07 18.90
CA GLY C 80 -22.25 29.48 17.57
C GLY C 80 -21.56 28.33 16.87
N VAL C 81 -21.22 28.57 15.60
CA VAL C 81 -20.54 27.59 14.77
C VAL C 81 -19.27 28.22 14.21
N LEU C 82 -18.18 27.47 14.24
CA LEU C 82 -16.90 27.91 13.71
C LEU C 82 -16.63 27.18 12.40
N ILE C 83 -16.18 27.92 11.40
CA ILE C 83 -15.89 27.37 10.08
C ILE C 83 -14.41 27.66 9.84
N ASN C 84 -13.89 27.24 8.67
CA ASN C 84 -12.45 27.33 8.38
C ASN C 84 -11.84 28.65 8.84
N GLY C 85 -12.40 29.77 8.39
CA GLY C 85 -11.83 31.05 8.78
C GLY C 85 -12.75 31.94 9.58
N ASN C 86 -14.06 31.84 9.35
CA ASN C 86 -14.99 32.75 9.99
C ASN C 86 -15.88 32.01 10.99
N SER C 87 -16.21 32.69 12.07
CA SER C 87 -17.10 32.17 13.10
C SER C 87 -18.38 33.00 13.10
N GLY C 88 -19.50 32.37 12.80
CA GLY C 88 -20.76 33.07 12.71
C GLY C 88 -21.82 32.41 13.56
N SER C 89 -22.78 33.21 14.02
CA SER C 89 -23.83 32.71 14.87
C SER C 89 -24.82 31.87 14.07
N VAL C 90 -25.35 30.82 14.71
CA VAL C 90 -26.39 30.01 14.10
C VAL C 90 -27.69 30.78 14.10
N SER C 91 -28.66 30.33 13.30
CA SER C 91 -29.93 31.01 13.17
C SER C 91 -31.15 30.10 13.25
N GLY C 92 -30.98 28.79 13.15
CA GLY C 92 -32.11 27.87 13.15
C GLY C 92 -31.89 26.69 14.07
N MET C 93 -32.94 26.34 14.80
CA MET C 93 -32.94 25.19 15.70
C MET C 93 -31.78 25.26 16.68
N THR C 94 -31.72 26.37 17.43
CA THR C 94 -30.67 26.52 18.44
C THR C 94 -30.80 25.46 19.53
N THR C 95 -32.02 25.21 19.99
CA THR C 95 -32.24 24.30 21.10
C THR C 95 -31.92 22.87 20.70
N ILE C 96 -31.25 22.13 21.59
CA ILE C 96 -30.92 20.73 21.39
C ILE C 96 -31.65 19.92 22.45
N SER C 97 -32.53 19.04 22.00
CA SER C 97 -33.25 18.17 22.93
C SER C 97 -32.35 17.01 23.36
N ALA C 98 -32.81 16.27 24.37
CA ALA C 98 -32.12 15.06 24.78
C ALA C 98 -32.45 13.91 23.83
N GLY C 99 -31.42 13.15 23.48
CA GLY C 99 -31.59 12.05 22.54
C GLY C 99 -31.04 12.37 21.17
N VAL C 100 -31.18 11.40 20.27
CA VAL C 100 -30.63 11.48 18.92
C VAL C 100 -31.73 11.97 17.99
N ASN C 101 -31.44 13.05 17.25
CA ASN C 101 -32.40 13.67 16.37
C ASN C 101 -31.69 14.64 15.41
N THR C 102 -32.27 14.81 14.24
CA THR C 102 -31.66 15.65 13.21
C THR C 102 -31.96 17.12 13.44
N TYR C 103 -30.97 17.97 13.21
CA TYR C 103 -31.11 19.42 13.36
C TYR C 103 -30.76 20.11 12.05
N THR C 104 -31.56 21.12 11.71
CA THR C 104 -31.33 21.95 10.53
C THR C 104 -30.88 23.33 11.00
N ILE C 105 -29.70 23.76 10.56
CA ILE C 105 -29.07 24.99 11.06
C ILE C 105 -28.69 25.85 9.86
N THR C 106 -28.98 27.14 9.95
CA THR C 106 -28.58 28.11 8.94
C THR C 106 -27.47 28.98 9.50
N ILE C 107 -26.32 28.98 8.84
CA ILE C 107 -25.16 29.75 9.26
C ILE C 107 -25.18 31.09 8.55
N SER C 108 -24.86 32.16 9.27
CA SER C 108 -24.89 33.52 8.74
C SER C 108 -23.49 34.11 8.78
N ILE C 109 -22.76 34.01 7.66
CA ILE C 109 -21.48 34.69 7.49
C ILE C 109 -21.46 35.30 6.10
N GLY C 110 -21.10 36.58 6.01
CA GLY C 110 -21.14 37.27 4.73
C GLY C 110 -20.12 36.76 3.74
N SER C 111 -18.89 36.52 4.21
CA SER C 111 -17.81 36.18 3.28
C SER C 111 -17.88 34.73 2.82
N ILE C 112 -18.44 33.84 3.64
CA ILE C 112 -18.51 32.43 3.28
C ILE C 112 -19.38 32.22 2.05
N SER C 113 -20.37 33.10 1.84
CA SER C 113 -21.24 32.98 0.68
C SER C 113 -20.44 32.98 -0.61
N THR C 114 -20.74 32.02 -1.49
CA THR C 114 -20.14 31.76 -2.79
C THR C 114 -18.72 31.20 -2.66
N THR C 115 -18.15 31.11 -1.46
CA THR C 115 -16.82 30.53 -1.32
C THR C 115 -16.87 29.01 -1.38
N LEU C 116 -17.94 28.41 -0.85
CA LEU C 116 -18.05 26.95 -0.82
C LEU C 116 -18.50 26.36 -2.14
N ARG C 117 -18.65 27.17 -3.18
CA ARG C 117 -19.07 26.63 -4.48
C ARG C 117 -18.02 25.68 -5.04
N GLY C 118 -16.74 25.96 -4.80
CA GLY C 118 -15.70 25.10 -5.32
C GLY C 118 -15.69 23.72 -4.69
N LEU C 119 -16.01 23.65 -3.40
CA LEU C 119 -15.93 22.40 -2.65
C LEU C 119 -17.21 21.57 -2.68
N VAL C 120 -18.06 21.78 -3.69
CA VAL C 120 -19.28 20.98 -3.77
C VAL C 120 -18.92 19.53 -4.03
N GLY C 121 -19.38 18.65 -3.14
CA GLY C 121 -19.02 17.25 -3.19
C GLY C 121 -17.76 16.89 -2.43
N SER C 122 -17.31 17.73 -1.50
CA SER C 122 -16.08 17.50 -0.76
C SER C 122 -16.37 17.48 0.73
N THR C 123 -15.48 16.83 1.49
CA THR C 123 -15.61 16.78 2.93
C THR C 123 -15.10 18.07 3.56
N ILE C 124 -15.67 18.42 4.71
CA ILE C 124 -15.29 19.61 5.45
C ILE C 124 -15.51 19.34 6.94
N SER C 125 -14.67 19.96 7.77
CA SER C 125 -14.72 19.79 9.21
C SER C 125 -15.10 21.10 9.87
N LEU C 126 -16.13 21.05 10.72
CA LEU C 126 -16.65 22.23 11.41
C LEU C 126 -16.70 21.97 12.91
N THR C 127 -16.85 23.05 13.67
CA THR C 127 -16.95 22.97 15.12
C THR C 127 -18.17 23.74 15.57
N LEU C 128 -18.95 23.16 16.49
CA LEU C 128 -20.13 23.80 17.05
C LEU C 128 -19.85 24.15 18.50
N ILE C 129 -19.66 25.43 18.78
CA ILE C 129 -19.50 25.88 20.16
C ILE C 129 -20.83 25.77 20.88
N LEU C 130 -20.81 25.16 22.06
CA LEU C 130 -22.02 24.91 22.82
C LEU C 130 -22.07 25.80 24.05
N SER C 131 -23.27 25.94 24.61
CA SER C 131 -23.48 26.81 25.76
C SER C 131 -22.77 26.29 27.00
N ASN C 132 -22.71 24.97 27.16
CA ASN C 132 -22.14 24.38 28.36
C ASN C 132 -20.62 24.26 28.33
N GLY C 133 -19.95 25.05 27.48
CA GLY C 133 -18.50 25.03 27.42
C GLY C 133 -17.91 23.91 26.62
N GLU C 134 -18.69 23.25 25.78
CA GLU C 134 -18.24 22.10 25.00
C GLU C 134 -18.14 22.48 23.54
N THR C 135 -17.06 22.07 22.90
CA THR C 135 -16.88 22.25 21.45
C THR C 135 -17.01 20.89 20.78
N VAL C 136 -17.91 20.79 19.81
CA VAL C 136 -18.21 19.53 19.15
C VAL C 136 -17.58 19.55 17.77
N THR C 137 -16.66 18.63 17.54
CA THR C 137 -16.05 18.51 16.22
C THR C 137 -17.02 17.82 15.27
N VAL C 138 -17.18 18.39 14.08
CA VAL C 138 -18.18 17.94 13.12
C VAL C 138 -17.50 17.69 11.78
N SER C 139 -17.89 16.60 11.13
CA SER C 139 -17.48 16.28 9.77
C SER C 139 -18.70 16.27 8.87
N ALA C 140 -18.60 16.93 7.72
CA ALA C 140 -19.75 17.12 6.85
C ALA C 140 -19.32 17.13 5.39
N ILE C 141 -20.29 16.91 4.51
CA ILE C 141 -20.08 16.94 3.07
C ILE C 141 -20.72 18.20 2.50
N VAL C 142 -20.00 18.92 1.67
CA VAL C 142 -20.50 20.15 1.05
C VAL C 142 -21.24 19.75 -0.23
N THR C 143 -22.57 19.79 -0.17
CA THR C 143 -23.42 19.45 -1.32
C THR C 143 -24.25 20.66 -1.71
N SER C 144 -24.28 20.96 -3.00
CA SER C 144 -25.06 22.07 -3.51
C SER C 144 -26.50 21.66 -3.73
N LEU D 13 -11.28 13.70 49.73
CA LEU D 13 -12.51 14.42 49.42
C LEU D 13 -12.31 15.27 48.17
N SER D 14 -11.46 16.30 48.29
CA SER D 14 -11.16 17.14 47.14
C SER D 14 -10.51 16.33 46.03
N GLY D 15 -9.58 15.44 46.37
CA GLY D 15 -8.96 14.59 45.37
C GLY D 15 -9.96 13.71 44.66
N ALA D 16 -10.90 13.12 45.40
CA ALA D 16 -11.91 12.27 44.78
C ALA D 16 -12.83 13.09 43.87
N VAL D 17 -13.20 14.29 44.29
CA VAL D 17 -14.03 15.15 43.44
C VAL D 17 -13.30 15.48 42.15
N THR D 18 -12.00 15.82 42.25
CA THR D 18 -11.22 16.11 41.06
C THR D 18 -11.14 14.89 40.16
N ALA D 19 -10.96 13.70 40.75
CA ALA D 19 -10.87 12.49 39.95
C ALA D 19 -12.17 12.23 39.20
N LEU D 20 -13.32 12.40 39.86
CA LEU D 20 -14.58 12.16 39.16
C LEU D 20 -14.81 13.19 38.07
N ILE D 21 -14.48 14.46 38.33
CA ILE D 21 -14.63 15.48 37.29
C ILE D 21 -13.77 15.14 36.09
N LEU D 22 -12.53 14.71 36.34
CA LEU D 22 -11.64 14.32 35.24
C LEU D 22 -12.20 13.12 34.48
N VAL D 23 -12.74 12.14 35.20
CA VAL D 23 -13.32 10.97 34.53
C VAL D 23 -14.46 11.38 33.61
N ILE D 24 -15.36 12.24 34.10
CA ILE D 24 -16.50 12.65 33.29
C ILE D 24 -16.04 13.43 32.06
N ALA D 25 -15.09 14.36 32.26
CA ALA D 25 -14.59 15.14 31.13
C ALA D 25 -13.91 14.24 30.11
N SER D 26 -13.14 13.25 30.58
CA SER D 26 -12.46 12.35 29.68
C SER D 26 -13.46 11.51 28.87
N VAL D 27 -14.51 11.03 29.53
CA VAL D 27 -15.54 10.28 28.81
C VAL D 27 -16.19 11.16 27.75
N ILE D 28 -16.52 12.41 28.11
CA ILE D 28 -17.14 13.33 27.16
C ILE D 28 -16.23 13.50 25.93
N ILE D 29 -14.95 13.79 26.17
CA ILE D 29 -14.03 14.08 25.08
C ILE D 29 -13.80 12.85 24.23
N ALA D 30 -13.63 11.69 24.86
CA ALA D 30 -13.39 10.46 24.10
C ALA D 30 -14.57 10.10 23.22
N LEU D 31 -15.80 10.23 23.75
CA LEU D 31 -16.97 9.97 22.93
C LEU D 31 -17.09 10.98 21.78
N VAL D 32 -16.75 12.24 22.03
CA VAL D 32 -16.77 13.22 20.95
C VAL D 32 -15.81 12.82 19.84
N VAL D 33 -14.59 12.41 20.23
CA VAL D 33 -13.58 12.02 19.24
C VAL D 33 -14.03 10.79 18.47
N VAL D 34 -14.60 9.80 19.17
CA VAL D 34 -15.06 8.58 18.51
C VAL D 34 -16.16 8.90 17.51
N GLY D 35 -17.11 9.75 17.92
CA GLY D 35 -18.17 10.14 17.01
C GLY D 35 -17.64 10.84 15.77
N PHE D 36 -16.67 11.75 15.96
CA PHE D 36 -16.08 12.41 14.81
C PHE D 36 -15.36 11.43 13.90
N ALA D 37 -14.66 10.46 14.48
CA ALA D 37 -13.97 9.47 13.67
C ALA D 37 -14.94 8.65 12.84
N PHE D 38 -16.06 8.22 13.45
CA PHE D 38 -17.07 7.49 12.68
C PHE D 38 -17.74 8.36 11.63
N GLY D 39 -17.95 9.64 11.91
CA GLY D 39 -18.48 10.53 10.90
C GLY D 39 -17.55 10.68 9.71
N LEU D 40 -16.23 10.65 9.97
CA LEU D 40 -15.25 10.74 8.90
C LEU D 40 -15.39 9.57 7.92
N PHE D 41 -15.75 8.39 8.43
CA PHE D 41 -15.94 7.25 7.54
C PHE D 41 -17.00 7.53 6.50
N GLY D 42 -18.18 7.97 6.94
CA GLY D 42 -19.23 8.31 6.00
C GLY D 42 -18.85 9.47 5.10
N ALA D 43 -18.17 10.47 5.65
CA ALA D 43 -17.79 11.64 4.86
C ALA D 43 -16.86 11.23 3.72
N PHE D 44 -15.88 10.38 3.99
CA PHE D 44 -14.95 9.98 2.95
C PHE D 44 -15.58 8.96 2.00
N THR D 45 -16.50 8.13 2.50
CA THR D 45 -17.14 7.16 1.63
C THR D 45 -18.08 7.83 0.64
N GLY D 46 -18.80 8.86 1.08
CA GLY D 46 -19.77 9.53 0.24
C GLY D 46 -19.27 10.67 -0.60
N GLN D 47 -17.96 10.93 -0.62
CA GLN D 47 -17.46 12.05 -1.42
C GLN D 47 -17.69 11.83 -2.91
N GLY D 48 -17.51 10.59 -3.36
CA GLY D 48 -17.84 10.27 -4.75
C GLY D 48 -16.62 10.26 -5.65
N THR D 49 -16.57 9.24 -6.51
CA THR D 49 -15.52 9.09 -7.50
C THR D 49 -16.15 9.04 -8.89
N VAL D 50 -15.50 9.69 -9.84
CA VAL D 50 -16.00 9.78 -11.21
C VAL D 50 -14.92 9.25 -12.14
N ALA D 51 -15.30 8.34 -13.03
CA ALA D 51 -14.39 7.74 -13.98
C ALA D 51 -15.05 7.62 -15.34
N GLN D 52 -14.24 7.70 -16.39
CA GLN D 52 -14.74 7.53 -17.75
C GLN D 52 -15.10 6.07 -17.98
N VAL D 53 -16.18 5.83 -18.73
CA VAL D 53 -16.68 4.49 -18.98
C VAL D 53 -16.49 4.09 -20.44
N GLY D 54 -16.68 5.02 -21.38
CA GLY D 54 -16.61 4.70 -22.78
C GLY D 54 -15.87 5.76 -23.57
N THR D 55 -15.55 5.42 -24.82
CA THR D 55 -14.87 6.36 -25.70
C THR D 55 -15.73 7.59 -25.91
N ALA D 56 -15.11 8.76 -25.79
CA ALA D 56 -15.82 10.04 -25.85
C ALA D 56 -15.56 10.69 -27.19
N THR D 57 -16.62 10.89 -27.97
CA THR D 57 -16.50 11.61 -29.23
C THR D 57 -16.26 13.08 -28.95
N LEU D 58 -15.37 13.68 -29.74
CA LEU D 58 -15.05 15.10 -29.62
C LEU D 58 -15.29 15.76 -30.97
N SER D 59 -15.83 16.97 -30.93
CA SER D 59 -16.08 17.76 -32.14
C SER D 59 -14.95 18.76 -32.29
N ALA D 60 -14.23 18.68 -33.42
CA ALA D 60 -13.12 19.61 -33.64
C ALA D 60 -13.61 20.99 -34.02
N SER D 61 -14.64 21.08 -34.86
CA SER D 61 -15.10 22.38 -35.33
C SER D 61 -15.76 23.18 -34.23
N THR D 62 -16.69 22.56 -33.50
CA THR D 62 -17.42 23.25 -32.44
C THR D 62 -16.71 23.22 -31.09
N LEU D 63 -15.61 22.46 -30.98
CA LEU D 63 -14.86 22.32 -29.73
C LEU D 63 -15.77 21.83 -28.60
N THR D 64 -16.66 20.90 -28.92
CA THR D 64 -17.62 20.35 -27.98
C THR D 64 -17.25 18.91 -27.65
N LEU D 65 -17.21 18.60 -26.36
CA LEU D 65 -16.85 17.27 -25.88
C LEU D 65 -18.10 16.50 -25.51
N THR D 66 -18.27 15.32 -26.12
CA THR D 66 -19.37 14.42 -25.80
C THR D 66 -18.79 13.23 -25.06
N VAL D 67 -18.93 13.23 -23.74
CA VAL D 67 -18.29 12.24 -22.89
C VAL D 67 -19.36 11.58 -22.01
N THR D 68 -19.10 10.34 -21.64
CA THR D 68 -19.95 9.60 -20.72
C THR D 68 -19.18 9.39 -19.43
N LEU D 69 -19.75 9.86 -18.32
CA LEU D 69 -19.08 9.82 -17.02
C LEU D 69 -19.93 9.04 -16.04
N LYS D 70 -19.29 8.18 -15.26
CA LYS D 70 -19.93 7.38 -14.23
C LYS D 70 -19.63 7.98 -12.87
N ASN D 71 -20.66 8.31 -12.11
CA ASN D 71 -20.50 8.84 -10.77
C ASN D 71 -21.26 7.97 -9.80
N THR D 72 -20.56 7.47 -8.79
CA THR D 72 -21.16 6.65 -7.75
C THR D 72 -21.21 7.37 -6.40
N GLY D 73 -21.16 8.70 -6.39
CA GLY D 73 -21.18 9.45 -5.16
C GLY D 73 -22.01 10.71 -5.21
N ALA D 74 -21.51 11.77 -4.57
CA ALA D 74 -22.25 13.02 -4.49
C ALA D 74 -22.15 13.80 -5.79
N SER D 75 -23.03 14.79 -5.92
CA SER D 75 -22.99 15.66 -7.09
C SER D 75 -21.69 16.48 -7.09
N THR D 76 -21.13 16.64 -8.28
CA THR D 76 -19.85 17.33 -8.44
C THR D 76 -19.94 18.31 -9.60
N GLN D 77 -19.03 19.27 -9.60
CA GLN D 77 -18.94 20.28 -10.63
C GLN D 77 -17.63 20.12 -11.39
N VAL D 78 -17.70 20.12 -12.72
CA VAL D 78 -16.51 20.05 -13.57
C VAL D 78 -15.92 21.46 -13.58
N THR D 79 -14.86 21.66 -12.79
CA THR D 79 -14.31 22.99 -12.63
C THR D 79 -13.58 23.44 -13.89
N GLY D 80 -12.76 22.56 -14.47
CA GLY D 80 -12.00 22.92 -15.66
C GLY D 80 -11.51 21.67 -16.38
N VAL D 81 -10.97 21.90 -17.57
CA VAL D 81 -10.41 20.84 -18.40
C VAL D 81 -9.00 21.23 -18.79
N LEU D 82 -8.09 20.25 -18.82
CA LEU D 82 -6.73 20.46 -19.29
C LEU D 82 -6.55 19.75 -20.60
N ILE D 83 -6.15 20.48 -21.63
CA ILE D 83 -5.96 19.94 -22.97
C ILE D 83 -4.47 20.05 -23.23
N ASN D 84 -4.00 19.57 -24.39
CA ASN D 84 -2.57 19.52 -24.69
C ASN D 84 -1.90 20.87 -24.45
N GLY D 85 -2.51 21.96 -24.90
CA GLY D 85 -1.87 23.26 -24.79
C GLY D 85 -1.92 23.87 -23.41
N ASN D 86 -3.11 24.21 -22.95
CA ASN D 86 -3.32 24.86 -21.66
C ASN D 86 -4.74 24.63 -21.19
N SER D 87 -4.94 24.68 -19.89
CA SER D 87 -6.26 24.44 -19.31
C SER D 87 -7.20 25.59 -19.66
N GLY D 88 -8.49 25.26 -19.77
CA GLY D 88 -9.51 26.24 -20.05
C GLY D 88 -10.82 25.87 -19.38
N SER D 89 -11.64 26.90 -19.16
CA SER D 89 -12.91 26.69 -18.50
C SER D 89 -13.87 25.93 -19.38
N VAL D 90 -14.80 25.22 -18.74
CA VAL D 90 -15.84 24.46 -19.43
C VAL D 90 -17.16 25.18 -19.22
N SER D 91 -17.87 25.47 -20.32
CA SER D 91 -19.06 26.30 -20.28
C SER D 91 -20.36 25.52 -20.40
N GLY D 92 -20.31 24.20 -20.47
CA GLY D 92 -21.50 23.40 -20.69
C GLY D 92 -21.68 22.31 -19.66
N MET D 93 -22.82 22.36 -18.97
CA MET D 93 -23.24 21.31 -18.03
C MET D 93 -22.15 21.02 -16.99
N THR D 94 -21.84 22.03 -16.18
CA THR D 94 -20.89 21.83 -15.09
C THR D 94 -21.42 20.83 -14.07
N THR D 95 -22.75 20.82 -13.86
CA THR D 95 -23.34 19.93 -12.88
C THR D 95 -23.22 18.48 -13.33
N ILE D 96 -22.93 17.59 -12.38
CA ILE D 96 -22.87 16.15 -12.62
C ILE D 96 -23.86 15.48 -11.68
N SER D 97 -24.76 14.68 -12.25
CA SER D 97 -25.73 13.94 -11.46
C SER D 97 -25.14 12.61 -11.01
N ALA D 98 -25.93 11.86 -10.26
CA ALA D 98 -25.53 10.51 -9.87
C ALA D 98 -25.85 9.52 -10.99
N GLY D 99 -25.22 8.36 -10.92
CA GLY D 99 -25.43 7.33 -11.92
C GLY D 99 -24.56 7.53 -13.14
N VAL D 100 -25.02 6.94 -14.25
CA VAL D 100 -24.31 7.00 -15.52
C VAL D 100 -25.13 7.84 -16.50
N ASN D 101 -24.59 8.98 -16.89
CA ASN D 101 -25.23 9.86 -17.86
C ASN D 101 -24.25 10.21 -18.97
N THR D 102 -24.78 10.81 -20.03
CA THR D 102 -23.97 11.30 -21.15
C THR D 102 -23.95 12.82 -21.08
N TYR D 103 -22.76 13.39 -20.92
CA TYR D 103 -22.61 14.82 -20.68
C TYR D 103 -22.05 15.50 -21.92
N THR D 104 -22.71 16.57 -22.36
CA THR D 104 -22.25 17.40 -23.46
C THR D 104 -21.60 18.65 -22.88
N ILE D 105 -20.32 18.85 -23.15
CA ILE D 105 -19.54 19.93 -22.55
C ILE D 105 -18.89 20.74 -23.65
N THR D 106 -18.99 22.07 -23.57
CA THR D 106 -18.34 22.98 -24.50
C THR D 106 -17.13 23.59 -23.82
N ILE D 107 -15.98 23.50 -24.48
CA ILE D 107 -14.70 23.97 -23.95
C ILE D 107 -14.41 25.34 -24.55
N SER D 108 -13.99 26.27 -23.70
CA SER D 108 -13.74 27.66 -24.12
C SER D 108 -12.26 27.97 -23.92
N ILE D 109 -11.45 27.68 -24.92
CA ILE D 109 -10.05 28.07 -24.97
C ILE D 109 -9.77 28.62 -26.37
N GLY D 110 -9.31 29.87 -26.44
CA GLY D 110 -9.16 30.51 -27.74
C GLY D 110 -7.92 30.06 -28.50
N SER D 111 -6.80 29.89 -27.79
CA SER D 111 -5.53 29.60 -28.47
C SER D 111 -5.55 28.24 -29.16
N ILE D 112 -6.13 27.23 -28.50
CA ILE D 112 -6.08 25.87 -29.04
C ILE D 112 -7.06 25.69 -30.19
N SER D 113 -7.93 26.67 -30.44
CA SER D 113 -8.91 26.56 -31.51
C SER D 113 -8.23 26.36 -32.86
N THR D 114 -8.83 25.50 -33.68
CA THR D 114 -8.44 25.14 -35.04
C THR D 114 -7.18 24.28 -35.08
N THR D 115 -6.51 24.03 -33.94
CA THR D 115 -5.36 23.13 -33.95
C THR D 115 -5.80 21.68 -34.04
N LEU D 116 -6.98 21.36 -33.51
CA LEU D 116 -7.46 19.99 -33.54
C LEU D 116 -7.90 19.58 -34.95
N ARG D 117 -7.96 20.53 -35.88
CA ARG D 117 -8.40 20.22 -37.24
C ARG D 117 -7.48 19.21 -37.90
N GLY D 118 -6.17 19.31 -37.65
CA GLY D 118 -5.24 18.37 -38.24
C GLY D 118 -5.42 16.96 -37.70
N LEU D 119 -5.81 16.84 -36.44
CA LEU D 119 -5.86 15.55 -35.76
C LEU D 119 -7.22 14.87 -35.86
N VAL D 120 -8.01 15.17 -36.89
CA VAL D 120 -9.32 14.54 -37.01
C VAL D 120 -9.15 13.06 -37.31
N GLY D 121 -9.80 12.22 -36.51
CA GLY D 121 -9.72 10.79 -36.68
C GLY D 121 -8.71 10.07 -35.82
N SER D 122 -8.06 10.76 -34.88
CA SER D 122 -7.05 10.16 -34.02
C SER D 122 -7.43 10.38 -32.57
N THR D 123 -6.96 9.46 -31.71
CA THR D 123 -7.29 9.52 -30.30
C THR D 123 -6.56 10.67 -29.60
N ILE D 124 -7.20 11.20 -28.56
CA ILE D 124 -6.65 12.29 -27.76
C ILE D 124 -6.90 11.99 -26.29
N SER D 125 -6.08 12.58 -25.43
CA SER D 125 -6.18 12.37 -23.99
C SER D 125 -6.42 13.71 -23.30
N LEU D 126 -7.46 13.77 -22.47
CA LEU D 126 -7.83 14.97 -21.74
C LEU D 126 -7.85 14.69 -20.25
N THR D 127 -7.81 15.75 -19.46
CA THR D 127 -7.92 15.69 -18.01
C THR D 127 -8.97 16.68 -17.56
N LEU D 128 -9.89 16.23 -16.72
CA LEU D 128 -10.94 17.08 -16.15
C LEU D 128 -10.64 17.32 -14.68
N ILE D 129 -10.47 18.58 -14.31
CA ILE D 129 -10.18 18.95 -12.92
C ILE D 129 -11.50 19.07 -12.20
N LEU D 130 -11.93 18.00 -11.54
CA LEU D 130 -13.21 18.01 -10.84
C LEU D 130 -13.13 18.91 -9.60
N SER D 131 -14.31 19.32 -9.13
CA SER D 131 -14.38 20.22 -7.98
C SER D 131 -13.84 19.54 -6.72
N ASN D 132 -14.16 18.26 -6.52
CA ASN D 132 -13.81 17.57 -5.29
C ASN D 132 -12.37 17.05 -5.33
N GLY D 133 -11.46 17.94 -5.69
CA GLY D 133 -10.03 17.63 -5.61
C GLY D 133 -9.61 16.41 -6.39
N GLU D 134 -10.19 16.21 -7.58
CA GLU D 134 -9.94 15.01 -8.36
C GLU D 134 -9.77 15.39 -9.82
N THR D 135 -8.82 14.71 -10.46
CA THR D 135 -8.59 14.85 -11.90
C THR D 135 -8.93 13.53 -12.57
N VAL D 136 -9.77 13.58 -13.59
CA VAL D 136 -10.24 12.39 -14.30
C VAL D 136 -9.55 12.35 -15.65
N THR D 137 -8.72 11.34 -15.85
CA THR D 137 -8.12 11.14 -17.17
C THR D 137 -9.17 10.63 -18.13
N VAL D 138 -9.25 11.26 -19.31
CA VAL D 138 -10.28 10.96 -20.29
C VAL D 138 -9.62 10.62 -21.62
N SER D 139 -10.07 9.53 -22.23
CA SER D 139 -9.64 9.13 -23.57
C SER D 139 -10.74 9.49 -24.56
N ALA D 140 -10.39 10.24 -25.60
CA ALA D 140 -11.37 10.74 -26.54
C ALA D 140 -10.84 10.62 -27.95
N ILE D 141 -11.77 10.54 -28.90
CA ILE D 141 -11.46 10.47 -30.33
C ILE D 141 -11.85 11.80 -30.96
N VAL D 142 -10.93 12.38 -31.73
CA VAL D 142 -11.17 13.68 -32.32
C VAL D 142 -11.96 13.51 -33.62
N THR D 143 -13.11 14.15 -33.70
CA THR D 143 -13.95 14.09 -34.89
C THR D 143 -14.36 15.50 -35.29
N SER D 144 -14.72 15.65 -36.57
CA SER D 144 -15.14 16.94 -37.10
C SER D 144 -16.48 16.82 -37.79
N LEU E 13 -11.66 22.17 63.96
CA LEU E 13 -12.69 22.79 63.14
C LEU E 13 -12.09 23.21 61.80
N SER E 14 -10.76 23.39 61.79
CA SER E 14 -10.08 23.85 60.59
C SER E 14 -10.17 22.83 59.47
N GLY E 15 -10.40 21.56 59.81
CA GLY E 15 -10.47 20.52 58.79
C GLY E 15 -11.60 20.74 57.80
N ALA E 16 -12.77 21.11 58.29
CA ALA E 16 -13.92 21.28 57.41
C ALA E 16 -13.72 22.47 56.46
N VAL E 17 -13.22 23.58 56.99
CA VAL E 17 -13.00 24.75 56.13
C VAL E 17 -11.88 24.48 55.13
N THR E 18 -10.86 23.74 55.54
CA THR E 18 -9.82 23.34 54.60
C THR E 18 -10.38 22.47 53.50
N ALA E 19 -11.25 21.52 53.85
CA ALA E 19 -11.85 20.66 52.84
C ALA E 19 -12.71 21.46 51.87
N LEU E 20 -13.50 22.40 52.38
CA LEU E 20 -14.34 23.22 51.50
C LEU E 20 -13.48 24.08 50.56
N ILE E 21 -12.43 24.70 51.09
CA ILE E 21 -11.57 25.54 50.26
C ILE E 21 -10.89 24.69 49.18
N LEU E 22 -10.40 23.50 49.56
CA LEU E 22 -9.76 22.63 48.58
C LEU E 22 -10.74 22.17 47.52
N VAL E 23 -11.98 21.86 47.91
CA VAL E 23 -12.98 21.44 46.93
C VAL E 23 -13.26 22.56 45.93
N ILE E 24 -13.43 23.79 46.43
CA ILE E 24 -13.69 24.91 45.53
C ILE E 24 -12.52 25.13 44.59
N ALA E 25 -11.29 25.11 45.12
CA ALA E 25 -10.13 25.32 44.27
C ALA E 25 -10.00 24.22 43.23
N SER E 26 -10.24 22.97 43.62
CA SER E 26 -10.19 21.87 42.67
C SER E 26 -11.23 22.02 41.58
N VAL E 27 -12.44 22.45 41.94
CA VAL E 27 -13.48 22.63 40.94
C VAL E 27 -13.09 23.71 39.94
N ILE E 28 -12.61 24.85 40.44
CA ILE E 28 -12.21 25.93 39.53
C ILE E 28 -11.09 25.46 38.60
N ILE E 29 -10.09 24.77 39.16
CA ILE E 29 -8.94 24.36 38.36
C ILE E 29 -9.33 23.31 37.32
N ALA E 30 -10.18 22.36 37.70
CA ALA E 30 -10.65 21.36 36.74
C ALA E 30 -11.46 22.02 35.63
N LEU E 31 -12.28 23.01 35.98
CA LEU E 31 -13.02 23.73 34.94
C LEU E 31 -12.08 24.44 33.98
N VAL E 32 -11.01 25.05 34.51
CA VAL E 32 -10.03 25.70 33.65
C VAL E 32 -9.40 24.68 32.71
N VAL E 33 -9.03 23.51 33.24
CA VAL E 33 -8.38 22.49 32.41
C VAL E 33 -9.32 22.01 31.31
N VAL E 34 -10.59 21.75 31.65
CA VAL E 34 -11.54 21.27 30.65
C VAL E 34 -11.76 22.33 29.57
N GLY E 35 -11.91 23.59 29.99
CA GLY E 35 -12.08 24.65 29.02
C GLY E 35 -10.89 24.78 28.09
N PHE E 36 -9.67 24.68 28.64
CA PHE E 36 -8.49 24.74 27.80
C PHE E 36 -8.44 23.58 26.83
N ALA E 37 -8.80 22.38 27.27
CA ALA E 37 -8.78 21.22 26.38
C ALA E 37 -9.75 21.40 25.23
N PHE E 38 -10.96 21.89 25.51
CA PHE E 38 -11.93 22.05 24.43
C PHE E 38 -11.54 23.20 23.49
N GLY E 39 -10.99 24.28 24.04
CA GLY E 39 -10.49 25.34 23.19
C GLY E 39 -9.38 24.87 22.27
N LEU E 40 -8.48 24.02 22.80
CA LEU E 40 -7.43 23.44 21.98
C LEU E 40 -8.01 22.55 20.89
N PHE E 41 -9.04 21.77 21.24
CA PHE E 41 -9.75 21.00 20.21
C PHE E 41 -10.23 21.89 19.08
N GLY E 42 -10.92 22.98 19.43
CA GLY E 42 -11.42 23.87 18.40
C GLY E 42 -10.31 24.47 17.56
N ALA E 43 -9.25 24.92 18.21
CA ALA E 43 -8.15 25.56 17.50
C ALA E 43 -7.49 24.59 16.52
N PHE E 44 -7.25 23.35 16.94
CA PHE E 44 -6.59 22.40 16.05
C PHE E 44 -7.54 21.89 14.98
N THR E 45 -8.86 21.93 15.24
CA THR E 45 -9.81 21.62 14.18
C THR E 45 -9.77 22.71 13.11
N GLY E 46 -9.65 23.96 13.51
CA GLY E 46 -9.57 25.05 12.55
C GLY E 46 -8.16 25.56 12.30
N GLN E 47 -7.18 24.66 12.34
CA GLN E 47 -5.79 25.10 12.27
C GLN E 47 -5.39 25.53 10.85
N GLY E 48 -6.04 24.96 9.84
CA GLY E 48 -5.71 25.29 8.47
C GLY E 48 -5.16 24.13 7.67
N THR E 49 -5.97 23.62 6.75
CA THR E 49 -5.61 22.46 5.92
C THR E 49 -5.51 22.91 4.48
N VAL E 50 -4.41 22.56 3.82
CA VAL E 50 -4.17 22.96 2.43
C VAL E 50 -3.74 21.73 1.64
N ALA E 51 -4.33 21.56 0.46
CA ALA E 51 -3.99 20.48 -0.45
C ALA E 51 -4.22 20.91 -1.88
N GLN E 52 -3.59 20.22 -2.83
CA GLN E 52 -3.73 20.56 -4.24
C GLN E 52 -4.96 19.88 -4.83
N VAL E 53 -5.53 20.50 -5.86
CA VAL E 53 -6.66 19.93 -6.59
C VAL E 53 -6.36 19.71 -8.07
N GLY E 54 -5.46 20.49 -8.66
CA GLY E 54 -5.18 20.35 -10.08
C GLY E 54 -3.70 20.54 -10.36
N THR E 55 -3.30 20.13 -11.56
CA THR E 55 -1.90 20.18 -11.93
C THR E 55 -1.40 21.61 -12.00
N ALA E 56 -0.17 21.82 -11.54
CA ALA E 56 0.45 23.12 -11.53
C ALA E 56 1.34 23.29 -12.74
N THR E 57 1.45 24.53 -13.21
CA THR E 57 2.29 24.88 -14.35
C THR E 57 3.43 25.77 -13.88
N LEU E 58 4.66 25.35 -14.16
CA LEU E 58 5.85 26.11 -13.82
C LEU E 58 6.52 26.57 -15.11
N SER E 59 6.81 27.86 -15.19
CA SER E 59 7.44 28.45 -16.37
C SER E 59 8.94 28.51 -16.15
N ALA E 60 9.69 27.83 -17.02
CA ALA E 60 11.14 27.78 -16.87
C ALA E 60 11.77 29.16 -17.04
N SER E 61 11.28 29.93 -18.02
CA SER E 61 11.91 31.23 -18.30
C SER E 61 11.65 32.24 -17.19
N THR E 62 10.40 32.36 -16.75
CA THR E 62 10.01 33.40 -15.82
C THR E 62 9.89 32.91 -14.38
N LEU E 63 10.02 31.61 -14.14
CA LEU E 63 9.92 31.03 -12.80
C LEU E 63 8.59 31.38 -12.14
N THR E 64 7.53 31.35 -12.92
CA THR E 64 6.18 31.63 -12.44
C THR E 64 5.43 30.33 -12.26
N LEU E 65 4.80 30.16 -11.10
CA LEU E 65 4.04 28.96 -10.79
C LEU E 65 2.56 29.28 -10.81
N THR E 66 1.81 28.59 -11.67
CA THR E 66 0.37 28.73 -11.75
C THR E 66 -0.26 27.52 -11.07
N VAL E 67 -0.42 27.60 -9.75
CA VAL E 67 -0.86 26.47 -8.95
C VAL E 67 -2.17 26.84 -8.26
N THR E 68 -3.06 25.85 -8.17
CA THR E 68 -4.35 26.00 -7.50
C THR E 68 -4.34 25.15 -6.24
N LEU E 69 -4.53 25.78 -5.09
CA LEU E 69 -4.44 25.12 -3.80
C LEU E 69 -5.77 25.18 -3.08
N LYS E 70 -6.28 24.01 -2.68
CA LYS E 70 -7.47 23.95 -1.83
C LYS E 70 -7.08 24.26 -0.40
N ASN E 71 -7.92 25.06 0.28
CA ASN E 71 -7.71 25.38 1.69
C ASN E 71 -9.01 25.15 2.43
N THR E 72 -9.04 24.14 3.29
CA THR E 72 -10.22 23.79 4.06
C THR E 72 -10.16 24.35 5.48
N GLY E 73 -9.10 25.07 5.82
CA GLY E 73 -8.96 25.63 7.15
C GLY E 73 -8.73 27.13 7.15
N ALA E 74 -8.11 27.64 8.20
CA ALA E 74 -7.86 29.06 8.31
C ALA E 74 -6.81 29.50 7.31
N SER E 75 -6.69 30.82 7.14
CA SER E 75 -5.73 31.37 6.18
C SER E 75 -4.30 31.11 6.63
N THR E 76 -3.42 30.86 5.67
CA THR E 76 -2.01 30.62 5.94
C THR E 76 -1.19 31.23 4.81
N GLN E 77 0.09 31.46 5.09
CA GLN E 77 0.99 32.12 4.16
C GLN E 77 2.05 31.15 3.66
N VAL E 78 2.70 31.53 2.56
CA VAL E 78 3.75 30.73 1.94
C VAL E 78 5.08 31.33 2.37
N THR E 79 5.75 30.67 3.32
CA THR E 79 7.05 31.16 3.78
C THR E 79 8.13 30.94 2.73
N GLY E 80 8.09 29.80 2.04
CA GLY E 80 9.10 29.51 1.04
C GLY E 80 8.75 28.29 0.24
N VAL E 81 9.56 28.03 -0.79
CA VAL E 81 9.40 26.88 -1.66
C VAL E 81 10.76 26.27 -1.93
N LEU E 82 10.82 24.94 -1.96
CA LEU E 82 12.05 24.23 -2.26
C LEU E 82 11.91 23.54 -3.61
N ILE E 83 12.95 23.66 -4.43
CA ILE E 83 12.98 23.06 -5.75
C ILE E 83 14.11 22.02 -5.71
N ASN E 84 14.35 21.35 -6.84
CA ASN E 84 15.33 20.27 -6.89
C ASN E 84 16.63 20.62 -6.17
N GLY E 85 17.18 21.80 -6.43
CA GLY E 85 18.49 22.12 -5.90
C GLY E 85 18.51 22.82 -4.57
N ASN E 86 17.81 23.95 -4.45
CA ASN E 86 17.88 24.79 -3.27
C ASN E 86 16.53 25.47 -3.03
N SER E 87 16.16 25.59 -1.76
CA SER E 87 14.94 26.30 -1.41
C SER E 87 15.10 27.79 -1.69
N GLY E 88 14.02 28.43 -2.11
CA GLY E 88 14.05 29.84 -2.45
C GLY E 88 12.82 30.55 -1.93
N SER E 89 12.89 31.87 -1.97
CA SER E 89 11.78 32.70 -1.50
C SER E 89 10.74 32.88 -2.60
N VAL E 90 9.53 33.28 -2.19
CA VAL E 90 8.43 33.53 -3.10
C VAL E 90 8.18 35.03 -3.14
N SER E 91 7.60 35.51 -4.23
CA SER E 91 7.52 36.96 -4.44
C SER E 91 6.10 37.49 -4.22
N GLY E 92 5.12 36.93 -4.93
CA GLY E 92 3.79 37.49 -4.92
C GLY E 92 2.74 36.47 -4.52
N MET E 93 1.60 36.99 -4.09
CA MET E 93 0.44 36.18 -3.70
C MET E 93 0.81 35.15 -2.63
N THR E 94 1.57 35.61 -1.63
CA THR E 94 1.93 34.73 -0.51
C THR E 94 0.70 34.32 0.30
N THR E 95 -0.20 35.27 0.56
CA THR E 95 -1.37 34.99 1.37
C THR E 95 -2.33 34.06 0.64
N ILE E 96 -2.80 33.03 1.33
CA ILE E 96 -3.68 32.03 0.76
C ILE E 96 -5.06 32.18 1.39
N SER E 97 -6.06 32.50 0.57
CA SER E 97 -7.42 32.61 1.07
C SER E 97 -8.04 31.22 1.23
N ALA E 98 -9.10 31.16 2.03
CA ALA E 98 -9.81 29.90 2.21
C ALA E 98 -10.55 29.52 0.93
N GLY E 99 -10.57 28.22 0.64
CA GLY E 99 -11.26 27.71 -0.52
C GLY E 99 -10.34 27.56 -1.73
N VAL E 100 -10.88 26.92 -2.77
CA VAL E 100 -10.10 26.63 -3.96
C VAL E 100 -10.00 27.86 -4.83
N ASN E 101 -8.77 28.30 -5.10
CA ASN E 101 -8.52 29.44 -5.99
C ASN E 101 -7.20 29.20 -6.71
N THR E 102 -7.04 29.88 -7.84
CA THR E 102 -5.85 29.76 -8.67
C THR E 102 -4.87 30.86 -8.27
N TYR E 103 -3.63 30.47 -7.98
CA TYR E 103 -2.62 31.37 -7.44
C TYR E 103 -1.47 31.51 -8.41
N THR E 104 -0.86 32.69 -8.44
CA THR E 104 0.33 32.97 -9.23
C THR E 104 1.47 33.33 -8.29
N ILE E 105 2.55 32.55 -8.33
CA ILE E 105 3.69 32.71 -7.43
C ILE E 105 4.96 32.83 -8.26
N THR E 106 5.78 33.83 -7.94
CA THR E 106 7.07 34.01 -8.59
C THR E 106 8.17 33.48 -7.67
N ILE E 107 8.97 32.54 -8.18
CA ILE E 107 10.00 31.86 -7.41
C ILE E 107 11.35 32.46 -7.79
N SER E 108 12.16 32.78 -6.79
CA SER E 108 13.46 33.40 -7.00
C SER E 108 14.55 32.52 -6.41
N ILE E 109 15.37 31.92 -7.27
CA ILE E 109 16.54 31.16 -6.86
C ILE E 109 17.73 31.65 -7.68
N GLY E 110 18.90 31.72 -7.04
CA GLY E 110 20.06 32.30 -7.70
C GLY E 110 20.54 31.49 -8.88
N SER E 111 20.66 30.17 -8.71
CA SER E 111 21.30 29.35 -9.73
C SER E 111 20.29 28.50 -10.50
N ILE E 112 19.13 28.23 -9.91
CA ILE E 112 18.17 27.32 -10.53
C ILE E 112 17.63 27.89 -11.84
N SER E 113 17.55 29.21 -11.94
CA SER E 113 17.05 29.83 -13.16
C SER E 113 17.91 29.46 -14.36
N THR E 114 17.25 29.30 -15.51
CA THR E 114 17.80 28.92 -16.81
C THR E 114 18.21 27.45 -16.86
N THR E 115 18.09 26.70 -15.76
CA THR E 115 18.40 25.27 -15.81
C THR E 115 17.17 24.46 -16.21
N LEU E 116 15.98 25.01 -15.98
CA LEU E 116 14.75 24.28 -16.30
C LEU E 116 14.38 24.37 -17.77
N ARG E 117 15.09 25.16 -18.57
CA ARG E 117 14.78 25.27 -19.98
C ARG E 117 14.93 23.92 -20.68
N GLY E 118 15.89 23.12 -20.25
CA GLY E 118 16.06 21.80 -20.84
C GLY E 118 14.95 20.84 -20.45
N LEU E 119 14.18 21.21 -19.43
CA LEU E 119 13.12 20.36 -18.91
C LEU E 119 11.72 20.74 -19.43
N VAL E 120 11.63 21.54 -20.49
CA VAL E 120 10.34 21.97 -20.99
C VAL E 120 9.54 20.77 -21.48
N GLY E 121 8.29 20.68 -21.04
CA GLY E 121 7.42 19.59 -21.40
C GLY E 121 7.49 18.38 -20.49
N SER E 122 8.42 18.36 -19.55
CA SER E 122 8.56 17.25 -18.63
C SER E 122 7.70 17.50 -17.38
N THR E 123 7.91 16.69 -16.35
CA THR E 123 7.19 16.82 -15.09
C THR E 123 8.18 17.02 -13.96
N ILE E 124 7.85 17.90 -13.02
CA ILE E 124 8.69 18.19 -11.88
C ILE E 124 7.85 18.18 -10.62
N SER E 125 8.45 17.75 -9.52
CA SER E 125 7.78 17.67 -8.23
C SER E 125 8.44 18.61 -7.25
N LEU E 126 7.65 19.46 -6.61
CA LEU E 126 8.14 20.44 -5.65
C LEU E 126 7.17 20.51 -4.47
N THR E 127 7.68 21.00 -3.33
CA THR E 127 6.87 21.18 -2.14
C THR E 127 6.98 22.62 -1.65
N LEU E 128 5.84 23.23 -1.37
CA LEU E 128 5.81 24.55 -0.75
C LEU E 128 6.01 24.42 0.75
N ILE E 129 6.39 25.53 1.38
CA ILE E 129 6.54 25.59 2.83
C ILE E 129 5.53 26.62 3.33
N LEU E 130 4.50 26.15 4.02
CA LEU E 130 3.48 27.04 4.53
C LEU E 130 3.83 27.54 5.93
N SER E 131 3.04 28.49 6.41
CA SER E 131 3.30 29.09 7.72
C SER E 131 2.90 28.14 8.85
N ASN E 132 1.77 27.46 8.71
CA ASN E 132 1.21 26.67 9.80
C ASN E 132 1.87 25.29 9.89
N GLY E 133 3.19 25.30 9.87
CA GLY E 133 3.95 24.07 10.06
C GLY E 133 3.57 22.96 9.11
N GLU E 134 3.38 23.29 7.84
CA GLU E 134 2.84 22.33 6.89
C GLU E 134 3.56 22.46 5.57
N THR E 135 3.89 21.32 4.97
CA THR E 135 4.53 21.24 3.66
C THR E 135 3.54 20.65 2.67
N VAL E 136 3.27 21.38 1.59
CA VAL E 136 2.32 20.96 0.58
C VAL E 136 3.09 20.44 -0.62
N THR E 137 2.87 19.18 -0.96
CA THR E 137 3.59 18.54 -2.06
C THR E 137 2.78 18.71 -3.34
N VAL E 138 3.34 19.44 -4.31
CA VAL E 138 2.64 19.86 -5.50
C VAL E 138 3.30 19.22 -6.72
N SER E 139 2.49 18.55 -7.54
CA SER E 139 2.97 18.09 -8.84
C SER E 139 2.90 19.23 -9.84
N ALA E 140 3.83 19.24 -10.80
CA ALA E 140 3.93 20.38 -11.71
C ALA E 140 4.44 19.91 -13.06
N ILE E 141 4.17 20.74 -14.07
CA ILE E 141 4.69 20.56 -15.42
C ILE E 141 5.50 21.80 -15.78
N VAL E 142 6.74 21.58 -16.20
CA VAL E 142 7.54 22.70 -16.69
C VAL E 142 7.01 23.12 -18.05
N THR E 143 7.02 24.42 -18.31
CA THR E 143 6.57 24.97 -19.58
C THR E 143 7.60 25.96 -20.11
N SER E 144 7.65 26.10 -21.44
CA SER E 144 8.58 27.00 -22.09
C SER E 144 8.33 28.44 -21.67
N LEU F 13 -6.45 12.52 30.81
CA LEU F 13 -7.16 13.41 29.90
C LEU F 13 -6.29 13.71 28.68
N SER F 14 -4.99 13.45 28.82
CA SER F 14 -4.06 13.74 27.73
C SER F 14 -4.27 12.80 26.55
N GLY F 15 -4.69 11.56 26.83
CA GLY F 15 -4.79 10.56 25.77
C GLY F 15 -5.77 10.94 24.68
N ALA F 16 -6.95 11.45 25.07
CA ALA F 16 -7.95 11.81 24.08
C ALA F 16 -7.52 13.04 23.28
N VAL F 17 -6.84 13.97 23.93
CA VAL F 17 -6.32 15.14 23.21
C VAL F 17 -5.29 14.71 22.17
N THR F 18 -4.38 13.81 22.54
CA THR F 18 -3.46 13.26 21.55
C THR F 18 -4.19 12.53 20.45
N ALA F 19 -5.27 11.81 20.79
CA ALA F 19 -6.03 11.11 19.77
C ALA F 19 -6.59 12.08 18.75
N LEU F 20 -7.20 13.18 19.20
CA LEU F 20 -7.76 14.13 18.25
C LEU F 20 -6.68 14.83 17.44
N ILE F 21 -5.57 15.21 18.10
CA ILE F 21 -4.49 15.88 17.38
C ILE F 21 -3.94 14.97 16.29
N LEU F 22 -3.72 13.69 16.62
CA LEU F 22 -3.20 12.76 15.64
C LEU F 22 -4.21 12.49 14.53
N VAL F 23 -5.50 12.46 14.87
CA VAL F 23 -6.52 12.26 13.85
C VAL F 23 -6.51 13.42 12.85
N ILE F 24 -6.44 14.65 13.37
CA ILE F 24 -6.42 15.82 12.48
C ILE F 24 -5.16 15.83 11.63
N ALA F 25 -4.01 15.51 12.23
CA ALA F 25 -2.76 15.48 11.47
C ALA F 25 -2.81 14.41 10.38
N SER F 26 -3.34 13.22 10.71
CA SER F 26 -3.45 12.16 9.71
C SER F 26 -4.39 12.56 8.60
N VAL F 27 -5.49 13.24 8.93
CA VAL F 27 -6.40 13.72 7.89
C VAL F 27 -5.68 14.69 6.96
N ILE F 28 -4.92 15.63 7.52
CA ILE F 28 -4.21 16.60 6.70
C ILE F 28 -3.21 15.90 5.78
N ILE F 29 -2.44 14.97 6.35
CA ILE F 29 -1.41 14.28 5.58
C ILE F 29 -2.03 13.44 4.47
N ALA F 30 -3.11 12.73 4.78
CA ALA F 30 -3.78 11.92 3.76
C ALA F 30 -4.36 12.81 2.66
N LEU F 31 -4.93 13.96 3.02
CA LEU F 31 -5.45 14.87 2.01
C LEU F 31 -4.34 15.37 1.10
N VAL F 32 -3.19 15.73 1.67
CA VAL F 32 -2.07 16.20 0.86
C VAL F 32 -1.60 15.10 -0.09
N VAL F 33 -1.46 13.87 0.43
CA VAL F 33 -1.00 12.77 -0.41
C VAL F 33 -1.98 12.49 -1.54
N VAL F 34 -3.28 12.48 -1.23
CA VAL F 34 -4.28 12.21 -2.26
C VAL F 34 -4.28 13.31 -3.31
N GLY F 35 -4.19 14.57 -2.88
CA GLY F 35 -4.14 15.66 -3.84
C GLY F 35 -2.93 15.59 -4.74
N PHE F 36 -1.77 15.28 -4.17
CA PHE F 36 -0.56 15.16 -4.99
C PHE F 36 -0.67 13.99 -5.95
N ALA F 37 -1.21 12.86 -5.48
CA ALA F 37 -1.36 11.70 -6.36
C ALA F 37 -2.28 12.00 -7.53
N PHE F 38 -3.40 12.69 -7.26
CA PHE F 38 -4.33 13.01 -8.33
C PHE F 38 -3.76 14.08 -9.25
N GLY F 39 -2.95 14.99 -8.73
CA GLY F 39 -2.27 15.95 -9.59
C GLY F 39 -1.26 15.29 -10.50
N LEU F 40 -0.60 14.24 -10.01
CA LEU F 40 0.38 13.53 -10.83
C LEU F 40 -0.26 12.92 -12.06
N PHE F 41 -1.53 12.50 -11.96
CA PHE F 41 -2.22 11.94 -13.11
C PHE F 41 -2.27 12.95 -14.26
N GLY F 42 -2.77 14.15 -13.98
CA GLY F 42 -2.83 15.16 -15.02
C GLY F 42 -1.45 15.63 -15.46
N ALA F 43 -0.50 15.67 -14.52
CA ALA F 43 0.85 16.09 -14.87
C ALA F 43 1.48 15.15 -15.88
N PHE F 44 1.31 13.85 -15.68
CA PHE F 44 1.92 12.89 -16.60
C PHE F 44 1.06 12.69 -17.83
N THR F 45 -0.20 13.08 -17.78
CA THR F 45 -1.02 13.06 -18.99
C THR F 45 -0.65 14.22 -19.91
N GLY F 46 -0.38 15.39 -19.34
CA GLY F 46 -0.15 16.58 -20.15
C GLY F 46 1.24 16.72 -20.71
N GLN F 47 2.16 15.81 -20.34
CA GLN F 47 3.53 15.92 -20.85
C GLN F 47 3.55 15.73 -22.36
N GLY F 48 2.74 14.82 -22.88
CA GLY F 48 2.54 14.71 -24.32
C GLY F 48 3.64 13.94 -25.01
N THR F 49 3.23 13.13 -25.98
CA THR F 49 4.13 12.34 -26.80
C THR F 49 4.22 12.95 -28.20
N VAL F 50 5.32 12.64 -28.88
CA VAL F 50 5.55 13.11 -30.24
C VAL F 50 5.88 11.91 -31.11
N ALA F 51 5.21 11.81 -32.25
CA ALA F 51 5.46 10.74 -33.20
C ALA F 51 5.33 11.28 -34.62
N GLN F 52 6.22 10.83 -35.50
CA GLN F 52 6.17 11.25 -36.89
C GLN F 52 4.88 10.77 -37.55
N VAL F 53 4.34 11.59 -38.44
CA VAL F 53 3.09 11.25 -39.11
C VAL F 53 3.32 11.03 -40.61
N GLY F 54 4.26 11.78 -41.19
CA GLY F 54 4.52 11.69 -42.60
C GLY F 54 6.01 11.50 -42.87
N THR F 55 6.29 11.02 -44.08
CA THR F 55 7.67 10.76 -44.47
C THR F 55 8.50 12.03 -44.45
N ALA F 56 9.71 11.94 -43.92
CA ALA F 56 10.60 13.07 -43.78
C ALA F 56 11.62 13.10 -44.92
N THR F 57 12.01 14.31 -45.30
CA THR F 57 13.00 14.53 -46.35
C THR F 57 14.24 15.18 -45.76
N LEU F 58 15.39 14.57 -45.98
CA LEU F 58 16.67 15.09 -45.53
C LEU F 58 17.50 15.48 -46.73
N SER F 59 17.92 16.74 -46.79
CA SER F 59 18.72 17.25 -47.89
C SER F 59 20.19 17.01 -47.59
N ALA F 60 20.86 16.25 -48.45
CA ALA F 60 22.24 15.85 -48.18
C ALA F 60 23.20 17.02 -48.25
N SER F 61 23.00 17.91 -49.24
CA SER F 61 23.97 18.98 -49.46
C SER F 61 23.89 20.05 -48.38
N THR F 62 22.68 20.49 -48.02
CA THR F 62 22.50 21.56 -47.05
C THR F 62 22.18 21.06 -45.65
N LEU F 63 22.08 19.74 -45.45
CA LEU F 63 21.78 19.17 -44.13
C LEU F 63 20.50 19.75 -43.54
N THR F 64 19.48 19.89 -44.38
CA THR F 64 18.19 20.43 -43.98
C THR F 64 17.19 19.29 -43.87
N LEU F 65 16.48 19.23 -42.75
CA LEU F 65 15.48 18.19 -42.51
C LEU F 65 14.10 18.81 -42.51
N THR F 66 13.21 18.26 -43.33
CA THR F 66 11.82 18.70 -43.42
C THR F 66 10.94 17.59 -42.90
N VAL F 67 10.55 17.69 -41.62
CA VAL F 67 9.79 16.64 -40.96
C VAL F 67 8.53 17.24 -40.35
N THR F 68 7.48 16.44 -40.29
CA THR F 68 6.22 16.82 -39.65
C THR F 68 6.03 15.96 -38.40
N LEU F 69 5.84 16.61 -37.27
CA LEU F 69 5.77 15.93 -35.98
C LEU F 69 4.41 16.18 -35.34
N LYS F 70 3.74 15.11 -34.94
CA LYS F 70 2.45 15.18 -34.27
C LYS F 70 2.69 15.27 -32.77
N ASN F 71 2.32 16.39 -32.17
CA ASN F 71 2.46 16.59 -30.74
C ASN F 71 1.07 16.61 -30.12
N THR F 72 0.81 15.65 -29.23
CA THR F 72 -0.49 15.49 -28.60
C THR F 72 -0.55 16.11 -27.22
N GLY F 73 0.54 16.71 -26.75
CA GLY F 73 0.57 17.28 -25.42
C GLY F 73 1.21 18.65 -25.33
N ALA F 74 1.93 18.90 -24.24
CA ALA F 74 2.52 20.21 -24.02
C ALA F 74 3.66 20.46 -25.01
N SER F 75 4.00 21.73 -25.16
CA SER F 75 5.08 22.11 -26.07
C SER F 75 6.42 21.62 -25.54
N THR F 76 7.24 21.09 -26.44
CA THR F 76 8.58 20.59 -26.10
C THR F 76 9.58 21.15 -27.10
N GLN F 77 10.86 20.89 -26.84
CA GLN F 77 11.93 21.37 -27.67
C GLN F 77 12.81 20.21 -28.13
N VAL F 78 13.59 20.47 -29.17
CA VAL F 78 14.47 19.46 -29.76
C VAL F 78 15.89 19.80 -29.34
N THR F 79 16.40 19.07 -28.33
CA THR F 79 17.74 19.37 -27.82
C THR F 79 18.82 18.88 -28.78
N GLY F 80 18.66 17.70 -29.35
CA GLY F 80 19.68 17.13 -30.21
C GLY F 80 19.10 16.13 -31.18
N VAL F 81 19.87 15.78 -32.19
CA VAL F 81 19.49 14.80 -33.20
C VAL F 81 20.57 13.73 -33.25
N LEU F 82 20.15 12.49 -33.48
CA LEU F 82 21.07 11.36 -33.60
C LEU F 82 20.96 10.80 -35.01
N ILE F 83 22.10 10.68 -35.69
CA ILE F 83 22.16 10.15 -37.05
C ILE F 83 23.12 8.97 -37.07
N ASN F 84 23.38 8.43 -38.27
CA ASN F 84 24.14 7.20 -38.41
C ASN F 84 25.48 7.28 -37.68
N GLY F 85 26.10 8.45 -37.66
CA GLY F 85 27.37 8.60 -36.98
C GLY F 85 27.23 9.19 -35.59
N ASN F 86 27.82 10.36 -35.37
CA ASN F 86 27.73 11.00 -34.07
C ASN F 86 26.44 11.82 -33.98
N SER F 87 26.14 12.27 -32.75
CA SER F 87 24.96 13.10 -32.54
C SER F 87 25.21 14.51 -33.06
N GLY F 88 24.12 15.25 -33.25
CA GLY F 88 24.19 16.59 -33.80
C GLY F 88 23.40 17.57 -32.95
N SER F 89 23.51 18.84 -33.30
CA SER F 89 22.84 19.92 -32.60
C SER F 89 21.95 20.68 -33.58
N VAL F 90 20.68 20.87 -33.18
CA VAL F 90 19.76 21.63 -34.01
C VAL F 90 20.13 23.11 -33.96
N SER F 91 19.68 23.85 -34.98
CA SER F 91 19.97 25.27 -35.09
C SER F 91 18.76 26.15 -35.34
N GLY F 92 17.69 25.61 -35.91
CA GLY F 92 16.51 26.41 -36.19
C GLY F 92 15.24 25.65 -35.86
N MET F 93 14.21 26.41 -35.47
CA MET F 93 12.89 25.89 -35.16
C MET F 93 12.95 24.78 -34.11
N THR F 94 13.68 25.05 -33.02
CA THR F 94 13.76 24.09 -31.93
C THR F 94 12.40 23.85 -31.28
N THR F 95 11.65 24.94 -31.04
CA THR F 95 10.37 24.82 -30.35
C THR F 95 9.37 24.04 -31.18
N ILE F 96 8.61 23.16 -30.52
CA ILE F 96 7.59 22.35 -31.16
C ILE F 96 6.24 22.81 -30.64
N SER F 97 5.36 23.22 -31.56
CA SER F 97 4.03 23.65 -31.18
C SER F 97 3.10 22.46 -31.05
N ALA F 98 2.00 22.67 -30.33
CA ALA F 98 1.01 21.61 -30.14
C ALA F 98 0.29 21.31 -31.45
N GLY F 99 -0.09 20.05 -31.61
CA GLY F 99 -0.81 19.62 -32.79
C GLY F 99 0.08 18.99 -33.83
N VAL F 100 -0.29 19.19 -35.08
CA VAL F 100 0.42 18.65 -36.24
C VAL F 100 0.88 19.84 -37.09
N ASN F 101 2.17 19.86 -37.42
CA ASN F 101 2.74 20.94 -38.21
C ASN F 101 3.97 20.44 -38.94
N THR F 102 4.39 21.21 -39.96
CA THR F 102 5.59 20.90 -40.72
C THR F 102 6.77 21.68 -40.16
N TYR F 103 7.86 20.99 -39.88
CA TYR F 103 9.03 21.59 -39.24
C TYR F 103 10.22 21.56 -40.19
N THR F 104 11.00 22.64 -40.20
CA THR F 104 12.25 22.74 -40.94
C THR F 104 13.39 22.82 -39.95
N ILE F 105 14.25 21.80 -39.94
CA ILE F 105 15.31 21.65 -38.95
C ILE F 105 16.63 21.49 -39.66
N THR F 106 17.65 22.22 -39.19
CA THR F 106 18.99 22.15 -39.75
C THR F 106 19.91 21.40 -38.80
N ILE F 107 20.67 20.46 -39.33
CA ILE F 107 21.59 19.63 -38.55
C ILE F 107 23.02 20.02 -38.89
N SER F 108 23.85 20.21 -37.87
CA SER F 108 25.23 20.64 -38.05
C SER F 108 26.16 19.63 -37.40
N ILE F 109 26.93 18.92 -38.23
CA ILE F 109 27.96 17.99 -37.77
C ILE F 109 29.18 18.16 -38.66
N GLY F 110 30.37 18.23 -38.05
CA GLY F 110 31.57 18.50 -38.82
C GLY F 110 32.04 17.31 -39.63
N SER F 111 32.25 16.17 -38.97
CA SER F 111 32.86 15.03 -39.64
C SER F 111 31.91 14.38 -40.64
N ILE F 112 30.64 14.20 -40.26
CA ILE F 112 29.69 13.49 -41.09
C ILE F 112 29.21 14.33 -42.28
N SER F 113 29.65 15.59 -42.37
CA SER F 113 29.23 16.45 -43.45
C SER F 113 29.59 15.84 -44.81
N THR F 114 28.64 15.91 -45.74
CA THR F 114 28.74 15.52 -47.15
C THR F 114 28.90 14.02 -47.36
N THR F 115 28.87 13.19 -46.32
CA THR F 115 29.00 11.76 -46.54
C THR F 115 27.72 11.18 -47.13
N LEU F 116 26.60 11.88 -46.96
CA LEU F 116 25.32 11.41 -47.48
C LEU F 116 25.24 11.49 -49.00
N ARG F 117 26.22 12.13 -49.66
CA ARG F 117 26.17 12.29 -51.10
C ARG F 117 26.09 10.94 -51.80
N GLY F 118 26.75 9.92 -51.25
CA GLY F 118 26.66 8.59 -51.84
C GLY F 118 25.30 7.96 -51.64
N LEU F 119 24.55 8.41 -50.64
CA LEU F 119 23.26 7.83 -50.31
C LEU F 119 22.08 8.61 -50.89
N VAL F 120 22.31 9.45 -51.91
CA VAL F 120 21.23 10.25 -52.47
C VAL F 120 20.23 9.35 -53.17
N GLY F 121 18.94 9.54 -52.87
CA GLY F 121 17.88 8.74 -53.42
C GLY F 121 17.50 7.53 -52.60
N SER F 122 18.27 7.21 -51.56
CA SER F 122 18.00 6.06 -50.71
C SER F 122 17.21 6.52 -49.48
N THR F 123 17.05 5.62 -48.51
CA THR F 123 16.33 5.91 -47.28
C THR F 123 17.27 5.77 -46.09
N ILE F 124 17.07 6.62 -45.09
CA ILE F 124 17.90 6.64 -43.90
C ILE F 124 17.00 6.72 -42.67
N SER F 125 17.53 6.30 -41.53
CA SER F 125 16.82 6.33 -40.26
C SER F 125 17.58 7.19 -39.27
N LEU F 126 16.87 8.15 -38.66
CA LEU F 126 17.46 9.06 -37.68
C LEU F 126 16.52 9.16 -36.49
N THR F 127 17.09 9.54 -35.35
CA THR F 127 16.35 9.69 -34.11
C THR F 127 16.52 11.09 -33.57
N LEU F 128 15.42 11.71 -33.15
CA LEU F 128 15.44 13.04 -32.55
C LEU F 128 15.40 12.91 -31.04
N ILE F 129 16.11 13.79 -30.35
CA ILE F 129 16.14 13.82 -28.89
C ILE F 129 15.35 15.04 -28.44
N LEU F 130 14.21 14.81 -27.80
CA LEU F 130 13.37 15.91 -27.35
C LEU F 130 13.72 16.30 -25.91
N SER F 131 13.13 17.40 -25.46
CA SER F 131 13.46 17.93 -24.14
C SER F 131 12.89 17.06 -23.03
N ASN F 132 11.66 16.59 -23.19
CA ASN F 132 10.97 15.88 -22.11
C ASN F 132 11.38 14.39 -22.07
N GLY F 133 12.69 14.17 -22.07
CA GLY F 133 13.24 12.84 -21.94
C GLY F 133 12.72 11.87 -22.98
N GLU F 134 12.68 12.31 -24.24
CA GLU F 134 12.01 11.56 -25.28
C GLU F 134 12.94 11.40 -26.48
N THR F 135 12.85 10.24 -27.13
CA THR F 135 13.52 9.99 -28.39
C THR F 135 12.44 9.66 -29.42
N VAL F 136 12.49 10.32 -30.57
CA VAL F 136 11.48 10.18 -31.60
C VAL F 136 12.13 9.50 -32.81
N THR F 137 11.66 8.32 -33.16
CA THR F 137 12.13 7.64 -34.35
C THR F 137 11.53 8.27 -35.59
N VAL F 138 12.38 8.63 -36.54
CA VAL F 138 11.97 9.32 -37.76
C VAL F 138 12.58 8.59 -38.95
N SER F 139 11.77 8.32 -39.97
CA SER F 139 12.23 7.71 -41.20
C SER F 139 12.40 8.79 -42.26
N ALA F 140 13.58 8.89 -42.85
CA ALA F 140 13.92 9.98 -43.75
C ALA F 140 14.38 9.44 -45.09
N ILE F 141 13.96 10.11 -46.17
CA ILE F 141 14.42 9.81 -47.52
C ILE F 141 15.36 10.93 -47.95
N VAL F 142 16.58 10.58 -48.34
CA VAL F 142 17.55 11.58 -48.74
C VAL F 142 17.25 12.04 -50.16
N THR F 143 17.40 13.35 -50.40
CA THR F 143 17.23 13.92 -51.73
C THR F 143 18.47 14.72 -52.09
N SER F 144 18.68 14.88 -53.39
CA SER F 144 19.84 15.61 -53.90
C SER F 144 19.81 17.07 -53.46
N LEU G 13 -12.86 28.63 75.78
CA LEU G 13 -11.93 29.75 75.65
C LEU G 13 -10.59 29.26 75.10
N SER G 14 -9.96 28.37 75.87
CA SER G 14 -8.71 27.78 75.41
C SER G 14 -8.91 27.01 74.12
N GLY G 15 -10.03 26.30 73.99
CA GLY G 15 -10.35 25.64 72.74
C GLY G 15 -10.65 26.64 71.63
N ALA G 16 -11.34 27.73 71.97
CA ALA G 16 -11.75 28.69 70.95
C ALA G 16 -10.56 29.39 70.32
N VAL G 17 -9.61 29.82 71.14
CA VAL G 17 -8.43 30.51 70.61
C VAL G 17 -7.63 29.58 69.71
N THR G 18 -7.46 28.32 70.14
CA THR G 18 -6.76 27.34 69.33
C THR G 18 -7.49 27.10 68.01
N ALA G 19 -8.82 27.01 68.06
CA ALA G 19 -9.58 26.80 66.83
C ALA G 19 -9.41 27.97 65.86
N LEU G 20 -9.44 29.21 66.38
CA LEU G 20 -9.25 30.37 65.52
C LEU G 20 -7.85 30.37 64.89
N ILE G 21 -6.82 30.09 65.70
CA ILE G 21 -5.46 30.07 65.17
C ILE G 21 -5.32 28.99 64.10
N LEU G 22 -5.87 27.81 64.37
CA LEU G 22 -5.77 26.72 63.41
C LEU G 22 -6.51 27.03 62.12
N VAL G 23 -7.69 27.65 62.22
CA VAL G 23 -8.44 28.01 61.01
C VAL G 23 -7.66 29.01 60.18
N ILE G 24 -7.08 30.03 60.83
CA ILE G 24 -6.31 31.03 60.09
C ILE G 24 -5.10 30.38 59.42
N ALA G 25 -4.38 29.53 60.14
CA ALA G 25 -3.21 28.87 59.57
C ALA G 25 -3.60 27.99 58.40
N SER G 26 -4.70 27.26 58.52
CA SER G 26 -5.16 26.40 57.43
C SER G 26 -5.54 27.21 56.21
N VAL G 27 -6.21 28.35 56.41
CA VAL G 27 -6.56 29.21 55.28
C VAL G 27 -5.29 29.71 54.59
N ILE G 28 -4.29 30.12 55.38
CA ILE G 28 -3.05 30.60 54.80
C ILE G 28 -2.38 29.51 53.97
N ILE G 29 -2.29 28.30 54.51
CA ILE G 29 -1.59 27.23 53.80
C ILE G 29 -2.35 26.82 52.55
N ALA G 30 -3.69 26.79 52.62
CA ALA G 30 -4.48 26.47 51.44
C ALA G 30 -4.29 27.52 50.35
N LEU G 31 -4.25 28.80 50.74
CA LEU G 31 -4.00 29.85 49.76
C LEU G 31 -2.63 29.70 49.11
N VAL G 32 -1.61 29.36 49.93
CA VAL G 32 -0.27 29.14 49.38
C VAL G 32 -0.29 27.99 48.37
N VAL G 33 -0.96 26.90 48.71
CA VAL G 33 -1.00 25.74 47.81
C VAL G 33 -1.70 26.10 46.51
N VAL G 34 -2.82 26.82 46.59
CA VAL G 34 -3.54 27.20 45.37
C VAL G 34 -2.69 28.11 44.51
N GLY G 35 -1.99 29.08 45.12
CA GLY G 35 -1.11 29.94 44.36
C GLY G 35 0.01 29.16 43.68
N PHE G 36 0.58 28.18 44.38
CA PHE G 36 1.61 27.35 43.79
C PHE G 36 1.07 26.56 42.60
N ALA G 37 -0.15 26.02 42.74
CA ALA G 37 -0.73 25.25 41.63
C ALA G 37 -0.94 26.14 40.41
N PHE G 38 -1.45 27.35 40.62
CA PHE G 38 -1.69 28.24 39.47
C PHE G 38 -0.39 28.69 38.84
N GLY G 39 0.63 28.97 39.66
CA GLY G 39 1.94 29.27 39.10
C GLY G 39 2.49 28.11 38.29
N LEU G 40 2.26 26.88 38.76
CA LEU G 40 2.65 25.72 37.99
C LEU G 40 1.93 25.67 36.65
N PHE G 41 0.63 25.98 36.65
CA PHE G 41 -0.12 26.02 35.40
C PHE G 41 0.51 27.00 34.43
N GLY G 42 0.79 28.21 34.89
CA GLY G 42 1.41 29.20 34.02
C GLY G 42 2.77 28.76 33.50
N ALA G 43 3.62 28.24 34.39
CA ALA G 43 4.96 27.83 33.98
C ALA G 43 4.92 26.70 32.97
N PHE G 44 4.05 25.71 33.18
CA PHE G 44 3.98 24.59 32.27
C PHE G 44 3.35 24.99 30.93
N THR G 45 2.40 25.91 30.94
CA THR G 45 1.86 26.41 29.69
C THR G 45 2.94 27.16 28.90
N GLY G 46 3.77 27.93 29.60
CA GLY G 46 4.80 28.70 28.93
C GLY G 46 6.19 28.09 28.93
N GLN G 47 6.30 26.77 29.12
CA GLN G 47 7.62 26.16 29.26
C GLN G 47 8.40 26.19 27.96
N GLY G 48 7.71 26.20 26.82
CA GLY G 48 8.41 26.23 25.55
C GLY G 48 8.17 25.04 24.66
N THR G 49 7.81 25.28 23.40
CA THR G 49 7.56 24.25 22.41
C THR G 49 8.55 24.42 21.27
N VAL G 50 9.18 23.33 20.84
CA VAL G 50 10.13 23.35 19.76
C VAL G 50 9.78 22.24 18.76
N ALA G 51 9.75 22.59 17.48
CA ALA G 51 9.45 21.63 16.43
C ALA G 51 10.04 22.13 15.12
N GLN G 52 10.15 21.22 14.15
CA GLN G 52 10.70 21.52 12.84
C GLN G 52 9.56 21.64 11.84
N VAL G 53 9.57 22.71 11.04
CA VAL G 53 8.48 22.98 10.10
C VAL G 53 8.95 22.95 8.65
N GLY G 54 10.19 22.54 8.40
CA GLY G 54 10.68 22.52 7.03
C GLY G 54 11.83 21.54 6.87
N THR G 55 12.12 21.23 5.62
CA THR G 55 13.23 20.33 5.32
C THR G 55 14.55 20.95 5.79
N ALA G 56 15.35 20.14 6.48
CA ALA G 56 16.65 20.55 6.98
C ALA G 56 17.72 20.11 5.99
N THR G 57 18.63 21.02 5.67
CA THR G 57 19.73 20.73 4.75
C THR G 57 21.00 20.53 5.57
N LEU G 58 21.52 19.31 5.57
CA LEU G 58 22.71 18.96 6.32
C LEU G 58 23.87 18.78 5.34
N SER G 59 25.00 19.42 5.64
CA SER G 59 26.18 19.38 4.79
C SER G 59 27.12 18.30 5.29
N ALA G 60 27.67 17.50 4.37
CA ALA G 60 28.59 16.44 4.77
C ALA G 60 30.03 16.90 4.67
N SER G 61 30.33 17.85 3.78
CA SER G 61 31.71 18.30 3.60
C SER G 61 32.23 19.03 4.83
N THR G 62 31.47 19.99 5.33
CA THR G 62 31.86 20.77 6.51
C THR G 62 31.07 20.41 7.76
N LEU G 63 30.15 19.45 7.66
CA LEU G 63 29.35 18.98 8.80
C LEU G 63 28.61 20.14 9.46
N THR G 64 27.84 20.87 8.65
CA THR G 64 27.02 21.97 9.13
C THR G 64 25.56 21.65 8.86
N LEU G 65 24.71 21.86 9.86
CA LEU G 65 23.29 21.51 9.80
C LEU G 65 22.46 22.78 9.76
N THR G 66 21.63 22.93 8.73
CA THR G 66 20.69 24.05 8.63
C THR G 66 19.29 23.53 8.91
N VAL G 67 18.62 24.15 9.88
CA VAL G 67 17.31 23.69 10.33
C VAL G 67 16.41 24.89 10.57
N THR G 68 15.10 24.63 10.55
CA THR G 68 14.08 25.62 10.85
C THR G 68 13.29 25.15 12.07
N LEU G 69 13.15 26.02 13.06
CA LEU G 69 12.52 25.67 14.32
C LEU G 69 11.50 26.73 14.71
N LYS G 70 10.33 26.29 15.17
CA LYS G 70 9.29 27.18 15.66
C LYS G 70 9.22 27.04 17.18
N ASN G 71 9.15 28.18 17.87
CA ASN G 71 9.09 28.20 19.32
C ASN G 71 8.01 29.19 19.76
N THR G 72 7.02 28.68 20.48
CA THR G 72 5.93 29.50 21.01
C THR G 72 6.07 29.73 22.51
N GLY G 73 7.20 29.38 23.10
CA GLY G 73 7.39 29.56 24.53
C GLY G 73 8.74 30.14 24.89
N ALA G 74 9.27 29.76 26.04
CA ALA G 74 10.55 30.29 26.49
C ALA G 74 11.69 29.83 25.58
N SER G 75 12.69 30.70 25.43
CA SER G 75 13.87 30.34 24.65
C SER G 75 14.65 29.23 25.35
N THR G 76 15.20 28.32 24.55
CA THR G 76 15.95 27.19 25.08
C THR G 76 17.21 26.98 24.26
N GLN G 77 18.21 26.38 24.89
CA GLN G 77 19.49 26.11 24.24
C GLN G 77 19.54 24.68 23.72
N VAL G 78 20.54 24.42 22.87
CA VAL G 78 20.79 23.09 22.33
C VAL G 78 22.09 22.59 22.96
N THR G 79 21.97 21.70 23.94
CA THR G 79 23.14 21.19 24.62
C THR G 79 23.95 20.25 23.73
N GLY G 80 23.26 19.40 22.97
CA GLY G 80 23.95 18.45 22.12
C GLY G 80 23.03 17.93 21.02
N VAL G 81 23.63 17.20 20.10
CA VAL G 81 22.90 16.57 19.00
C VAL G 81 23.33 15.10 18.93
N LEU G 82 22.36 14.23 18.66
CA LEU G 82 22.62 12.80 18.52
C LEU G 82 22.54 12.44 17.04
N ILE G 83 23.61 11.84 16.53
CA ILE G 83 23.66 11.42 15.13
C ILE G 83 23.83 9.90 15.14
N ASN G 84 23.96 9.30 13.95
CA ASN G 84 23.93 7.84 13.81
C ASN G 84 24.79 7.14 14.85
N GLY G 85 26.03 7.59 15.05
CA GLY G 85 26.94 6.85 15.89
C GLY G 85 26.95 7.24 17.35
N ASN G 86 27.16 8.53 17.64
CA ASN G 86 27.32 9.00 19.00
C ASN G 86 26.91 10.46 19.09
N SER G 87 26.53 10.89 20.30
CA SER G 87 26.18 12.29 20.52
C SER G 87 27.41 13.17 20.42
N GLY G 88 27.26 14.32 19.79
CA GLY G 88 28.34 15.27 19.65
C GLY G 88 27.87 16.67 19.97
N SER G 89 28.79 17.45 20.53
CA SER G 89 28.45 18.82 20.92
C SER G 89 28.24 19.69 19.69
N VAL G 90 27.53 20.80 19.89
CA VAL G 90 27.27 21.78 18.85
C VAL G 90 28.12 23.01 19.15
N SER G 91 28.51 23.73 18.10
CA SER G 91 29.46 24.83 18.26
C SER G 91 28.97 26.15 17.66
N GLY G 92 27.79 26.18 17.07
CA GLY G 92 27.33 27.39 16.41
C GLY G 92 25.86 27.67 16.69
N MET G 93 25.60 28.90 17.13
CA MET G 93 24.24 29.42 17.33
C MET G 93 23.40 28.44 18.15
N THR G 94 23.80 28.23 19.40
CA THR G 94 23.03 27.35 20.28
C THR G 94 21.68 27.97 20.64
N THR G 95 21.64 29.28 20.85
CA THR G 95 20.42 29.93 21.33
C THR G 95 19.30 29.82 20.31
N ILE G 96 18.10 29.53 20.79
CA ILE G 96 16.90 29.43 19.96
C ILE G 96 15.95 30.55 20.38
N SER G 97 15.72 31.49 19.48
CA SER G 97 14.79 32.58 19.76
C SER G 97 13.35 32.11 19.59
N ALA G 98 12.43 32.98 19.99
CA ALA G 98 11.01 32.67 19.85
C ALA G 98 10.55 32.88 18.41
N GLY G 99 9.36 32.36 18.11
CA GLY G 99 8.80 32.48 16.79
C GLY G 99 9.31 31.42 15.82
N VAL G 100 9.37 31.76 14.53
CA VAL G 100 9.89 30.86 13.51
C VAL G 100 11.16 31.50 12.95
N ASN G 101 12.26 30.74 12.98
CA ASN G 101 13.55 31.26 12.56
C ASN G 101 14.35 30.14 11.89
N THR G 102 15.48 30.53 11.31
CA THR G 102 16.40 29.60 10.65
C THR G 102 17.71 29.60 11.43
N TYR G 103 18.15 28.41 11.86
CA TYR G 103 19.36 28.26 12.65
C TYR G 103 20.39 27.46 11.89
N THR G 104 21.63 27.95 11.86
CA THR G 104 22.74 27.27 11.24
C THR G 104 23.66 26.76 12.33
N ILE G 105 23.88 25.45 12.39
CA ILE G 105 24.58 24.80 13.49
C ILE G 105 25.74 23.98 12.95
N THR G 106 26.89 24.10 13.59
CA THR G 106 28.08 23.34 13.24
C THR G 106 28.25 22.20 14.27
N ILE G 107 28.37 20.98 13.77
CA ILE G 107 28.51 19.79 14.60
C ILE G 107 29.96 19.33 14.54
N SER G 108 30.51 18.96 15.69
CA SER G 108 31.90 18.52 15.79
C SER G 108 31.94 17.12 16.40
N ILE G 109 32.10 16.11 15.56
CA ILE G 109 32.32 14.74 15.99
C ILE G 109 33.51 14.18 15.21
N GLY G 110 34.55 13.76 15.93
CA GLY G 110 35.71 13.20 15.27
C GLY G 110 35.48 11.81 14.72
N SER G 111 34.74 10.98 15.47
CA SER G 111 34.59 9.58 15.09
C SER G 111 33.77 9.43 13.81
N ILE G 112 32.66 10.15 13.70
CA ILE G 112 31.77 10.01 12.54
C ILE G 112 32.26 10.82 11.35
N SER G 113 33.39 11.50 11.47
CA SER G 113 33.90 12.30 10.37
C SER G 113 34.26 11.41 9.19
N THR G 114 34.11 11.97 7.98
CA THR G 114 34.48 11.35 6.71
C THR G 114 33.63 10.13 6.36
N THR G 115 32.51 9.92 7.05
CA THR G 115 31.64 8.80 6.70
C THR G 115 30.49 9.24 5.80
N LEU G 116 30.16 10.53 5.82
CA LEU G 116 28.94 10.99 5.17
C LEU G 116 29.11 11.29 3.69
N ARG G 117 30.32 11.17 3.14
CA ARG G 117 30.50 11.39 1.71
C ARG G 117 29.74 10.35 0.90
N GLY G 118 29.53 9.16 1.46
CA GLY G 118 28.76 8.15 0.75
C GLY G 118 27.27 8.42 0.77
N LEU G 119 26.82 9.32 1.63
CA LEU G 119 25.40 9.58 1.83
C LEU G 119 24.92 10.86 1.14
N VAL G 120 25.75 11.48 0.31
CA VAL G 120 25.36 12.75 -0.30
C VAL G 120 24.17 12.53 -1.23
N GLY G 121 23.16 13.38 -1.09
CA GLY G 121 21.94 13.27 -1.85
C GLY G 121 20.87 12.41 -1.21
N SER G 122 21.19 11.68 -0.15
CA SER G 122 20.23 10.85 0.55
C SER G 122 19.57 11.65 1.68
N THR G 123 18.74 10.97 2.46
CA THR G 123 18.06 11.56 3.60
C THR G 123 18.55 10.91 4.89
N ILE G 124 18.74 11.72 5.92
CA ILE G 124 19.26 11.26 7.20
C ILE G 124 18.34 11.75 8.31
N SER G 125 18.26 10.98 9.39
CA SER G 125 17.47 11.32 10.57
C SER G 125 18.40 11.54 11.74
N LEU G 126 18.25 12.69 12.40
CA LEU G 126 19.06 13.04 13.55
C LEU G 126 18.19 13.69 14.61
N THR G 127 18.63 13.62 15.86
CA THR G 127 17.86 14.08 17.00
C THR G 127 18.61 15.19 17.72
N LEU G 128 17.91 16.27 18.05
CA LEU G 128 18.46 17.36 18.83
C LEU G 128 18.19 17.12 20.31
N ILE G 129 19.14 17.52 21.15
CA ILE G 129 19.00 17.45 22.60
C ILE G 129 18.93 18.87 23.12
N LEU G 130 17.80 19.22 23.73
CA LEU G 130 17.60 20.58 24.22
C LEU G 130 17.85 20.65 25.72
N SER G 131 18.03 21.89 26.20
CA SER G 131 18.34 22.11 27.61
C SER G 131 17.17 21.70 28.49
N ASN G 132 15.94 22.00 28.08
CA ASN G 132 14.77 21.75 28.90
C ASN G 132 14.33 20.29 28.89
N GLY G 133 15.15 19.38 28.37
CA GLY G 133 14.87 17.97 28.39
C GLY G 133 14.15 17.46 27.14
N GLU G 134 13.53 18.34 26.38
CA GLU G 134 12.81 17.93 25.19
C GLU G 134 13.80 17.56 24.08
N THR G 135 13.49 16.49 23.35
CA THR G 135 14.29 16.04 22.23
C THR G 135 13.51 16.25 20.95
N VAL G 136 14.09 16.99 20.01
CA VAL G 136 13.44 17.33 18.76
C VAL G 136 13.98 16.44 17.66
N THR G 137 13.14 15.58 17.11
CA THR G 137 13.55 14.74 16.00
C THR G 137 13.50 15.52 14.70
N VAL G 138 14.58 15.45 13.93
CA VAL G 138 14.74 16.25 12.72
C VAL G 138 15.02 15.33 11.54
N SER G 139 14.37 15.62 10.41
CA SER G 139 14.64 14.95 9.15
C SER G 139 15.44 15.89 8.25
N ALA G 140 16.56 15.40 7.72
CA ALA G 140 17.48 16.26 7.00
C ALA G 140 17.93 15.59 5.72
N ILE G 141 18.36 16.42 4.77
CA ILE G 141 18.92 15.98 3.50
C ILE G 141 20.42 16.18 3.52
N VAL G 142 21.17 15.16 3.13
CA VAL G 142 22.63 15.21 3.12
C VAL G 142 23.07 15.82 1.80
N THR G 143 23.88 16.88 1.86
CA THR G 143 24.42 17.52 0.68
C THR G 143 25.91 17.77 0.86
N SER G 144 26.62 17.89 -0.24
CA SER G 144 28.06 18.17 -0.19
C SER G 144 28.33 19.63 -0.52
N LEU H 13 -6.67 17.97 44.19
CA LEU H 13 -5.93 19.09 43.64
C LEU H 13 -4.75 18.59 42.81
N SER H 14 -4.13 17.51 43.29
CA SER H 14 -3.00 16.94 42.57
C SER H 14 -3.40 16.39 41.21
N GLY H 15 -4.59 15.77 41.14
CA GLY H 15 -5.02 15.16 39.90
C GLY H 15 -5.14 16.16 38.76
N ALA H 16 -5.67 17.35 39.05
CA ALA H 16 -5.90 18.34 38.01
C ALA H 16 -4.58 18.89 37.48
N VAL H 17 -3.63 19.21 38.37
CA VAL H 17 -2.34 19.71 37.91
C VAL H 17 -1.59 18.63 37.15
N THR H 18 -1.71 17.37 37.58
CA THR H 18 -1.11 16.29 36.81
C THR H 18 -1.72 16.19 35.43
N ALA H 19 -3.04 16.34 35.34
CA ALA H 19 -3.72 16.26 34.05
C ALA H 19 -3.26 17.38 33.11
N LEU H 20 -3.12 18.59 33.64
CA LEU H 20 -2.70 19.69 32.78
C LEU H 20 -1.24 19.52 32.35
N ILE H 21 -0.38 19.07 33.26
CA ILE H 21 1.01 18.81 32.90
C ILE H 21 1.08 17.78 31.78
N LEU H 22 0.33 16.69 31.92
CA LEU H 22 0.32 15.64 30.91
C LEU H 22 -0.23 16.17 29.59
N VAL H 23 -1.29 16.97 29.63
CA VAL H 23 -1.86 17.51 28.40
C VAL H 23 -0.84 18.36 27.66
N ILE H 24 -0.16 19.26 28.38
CA ILE H 24 0.81 20.13 27.73
C ILE H 24 1.97 19.34 27.15
N ALA H 25 2.50 18.39 27.93
CA ALA H 25 3.61 17.58 27.44
C ALA H 25 3.21 16.76 26.22
N SER H 26 2.01 16.19 26.25
CA SER H 26 1.54 15.39 25.12
C SER H 26 1.32 16.26 23.88
N VAL H 27 0.83 17.48 24.06
CA VAL H 27 0.67 18.39 22.94
C VAL H 27 2.01 18.73 22.32
N ILE H 28 3.01 18.99 23.17
CA ILE H 28 4.36 19.26 22.67
C ILE H 28 4.88 18.08 21.86
N ILE H 29 4.72 16.86 22.39
CA ILE H 29 5.23 15.68 21.72
C ILE H 29 4.51 15.46 20.39
N ALA H 30 3.19 15.64 20.37
CA ALA H 30 2.42 15.46 19.14
C ALA H 30 2.82 16.48 18.08
N LEU H 31 3.03 17.73 18.48
CA LEU H 31 3.49 18.73 17.52
C LEU H 31 4.87 18.38 16.97
N VAL H 32 5.76 17.88 17.83
CA VAL H 32 7.08 17.45 17.36
C VAL H 32 6.94 16.35 16.33
N VAL H 33 6.07 15.36 16.61
CA VAL H 33 5.90 14.24 15.69
C VAL H 33 5.34 14.71 14.35
N VAL H 34 4.35 15.61 14.39
CA VAL H 34 3.77 16.12 13.15
C VAL H 34 4.82 16.88 12.34
N GLY H 35 5.60 17.71 13.02
CA GLY H 35 6.66 18.43 12.32
C GLY H 35 7.67 17.51 11.67
N PHE H 36 8.06 16.45 12.38
CA PHE H 36 8.99 15.49 11.79
C PHE H 36 8.36 14.75 10.62
N ALA H 37 7.06 14.45 10.71
CA ALA H 37 6.39 13.79 9.60
C ALA H 37 6.38 14.66 8.36
N PHE H 38 6.15 15.96 8.52
CA PHE H 38 6.17 16.86 7.37
C PHE H 38 7.60 17.03 6.83
N GLY H 39 8.58 17.08 7.72
CA GLY H 39 9.97 17.11 7.28
C GLY H 39 10.32 15.89 6.44
N LEU H 40 9.76 14.73 6.81
CA LEU H 40 9.99 13.52 6.03
C LEU H 40 9.41 13.67 4.62
N PHE H 41 8.22 14.26 4.50
CA PHE H 41 7.64 14.51 3.19
C PHE H 41 8.56 15.38 2.36
N GLY H 42 9.02 16.48 2.94
CA GLY H 42 9.92 17.37 2.20
C GLY H 42 11.21 16.67 1.78
N ALA H 43 11.81 15.91 2.69
CA ALA H 43 13.08 15.26 2.40
C ALA H 43 12.93 14.21 1.32
N PHE H 44 11.87 13.41 1.36
CA PHE H 44 11.69 12.39 0.33
C PHE H 44 11.32 13.00 -1.01
N THR H 45 10.56 14.10 -1.01
CA THR H 45 10.27 14.76 -2.29
C THR H 45 11.53 15.32 -2.90
N GLY H 46 12.39 15.95 -2.10
CA GLY H 46 13.61 16.53 -2.60
C GLY H 46 14.83 15.64 -2.57
N GLN H 47 14.64 14.33 -2.46
CA GLN H 47 15.79 13.43 -2.33
C GLN H 47 16.64 13.40 -3.60
N GLY H 48 16.01 13.55 -4.76
CA GLY H 48 16.77 13.57 -5.99
C GLY H 48 16.74 12.28 -6.78
N THR H 49 16.36 12.35 -8.04
CA THR H 49 16.28 11.20 -8.91
C THR H 49 17.09 11.46 -10.17
N VAL H 50 17.53 10.38 -10.81
CA VAL H 50 18.32 10.45 -12.04
C VAL H 50 17.77 9.44 -13.03
N ALA H 51 17.59 9.88 -14.27
CA ALA H 51 17.13 9.01 -15.34
C ALA H 51 17.76 9.45 -16.65
N GLN H 52 17.88 8.51 -17.59
CA GLN H 52 18.51 8.76 -18.87
C GLN H 52 17.49 9.33 -19.86
N VAL H 53 17.93 10.27 -20.70
CA VAL H 53 17.06 10.90 -21.68
C VAL H 53 17.48 10.65 -23.12
N GLY H 54 18.60 9.96 -23.34
CA GLY H 54 19.04 9.72 -24.70
C GLY H 54 20.12 8.67 -24.76
N THR H 55 20.43 8.26 -25.99
CA THR H 55 21.45 7.25 -26.21
C THR H 55 22.81 7.73 -25.74
N ALA H 56 23.51 6.89 -25.00
CA ALA H 56 24.85 7.17 -24.52
C ALA H 56 25.88 6.48 -25.40
N THR H 57 27.14 6.85 -25.23
CA THR H 57 28.24 6.28 -26.00
C THR H 57 29.36 5.88 -25.06
N LEU H 58 29.80 4.63 -25.18
CA LEU H 58 30.89 4.09 -24.37
C LEU H 58 32.07 3.81 -25.29
N SER H 59 33.14 4.59 -25.14
CA SER H 59 34.33 4.40 -25.97
C SER H 59 34.99 3.07 -25.64
N ALA H 60 35.27 2.28 -26.67
CA ALA H 60 35.86 0.96 -26.44
C ALA H 60 37.35 1.07 -26.12
N SER H 61 38.05 1.99 -26.78
CA SER H 61 39.50 2.04 -26.64
C SER H 61 39.93 2.54 -25.27
N THR H 62 39.35 3.64 -24.81
CA THR H 62 39.77 4.29 -23.57
C THR H 62 38.83 4.06 -22.41
N LEU H 63 37.77 3.26 -22.60
CA LEU H 63 36.76 3.03 -21.56
C LEU H 63 36.17 4.34 -21.05
N THR H 64 35.91 5.27 -21.97
CA THR H 64 35.35 6.57 -21.66
C THR H 64 33.85 6.55 -21.95
N LEU H 65 33.06 6.91 -20.95
CA LEU H 65 31.61 6.86 -21.04
C LEU H 65 31.05 8.28 -21.15
N THR H 66 30.27 8.52 -22.21
CA THR H 66 29.57 9.78 -22.41
C THR H 66 28.08 9.53 -22.27
N VAL H 67 27.44 10.23 -21.33
CA VAL H 67 26.04 9.99 -21.03
C VAL H 67 25.40 11.28 -20.53
N THR H 68 24.11 11.44 -20.82
CA THR H 68 23.32 12.57 -20.39
C THR H 68 22.30 12.08 -19.37
N LEU H 69 22.27 12.72 -18.20
CA LEU H 69 21.40 12.30 -17.11
C LEU H 69 20.54 13.46 -16.65
N LYS H 70 19.24 13.22 -16.54
CA LYS H 70 18.28 14.20 -16.06
C LYS H 70 18.14 14.05 -14.55
N ASN H 71 18.47 15.11 -13.82
CA ASN H 71 18.39 15.09 -12.36
C ASN H 71 17.32 16.08 -11.92
N THR H 72 16.49 15.65 -10.97
CA THR H 72 15.46 16.50 -10.38
C THR H 72 15.62 16.60 -8.87
N GLY H 73 16.84 16.81 -8.39
CA GLY H 73 17.09 16.92 -6.96
C GLY H 73 18.46 17.45 -6.62
N ALA H 74 18.97 17.09 -5.44
CA ALA H 74 20.26 17.58 -5.00
C ALA H 74 21.38 16.93 -5.79
N SER H 75 22.58 17.51 -5.68
CA SER H 75 23.74 16.95 -6.33
C SER H 75 24.04 15.56 -5.75
N THR H 76 24.42 14.64 -6.64
CA THR H 76 24.62 13.25 -6.27
C THR H 76 26.00 12.81 -6.76
N GLN H 77 26.61 11.90 -6.00
CA GLN H 77 27.93 11.37 -6.33
C GLN H 77 27.78 9.99 -6.95
N VAL H 78 28.49 9.75 -8.05
CA VAL H 78 28.49 8.43 -8.70
C VAL H 78 29.61 7.64 -8.05
N THR H 79 29.24 6.84 -7.05
CA THR H 79 30.25 6.10 -6.30
C THR H 79 30.88 4.99 -7.13
N GLY H 80 30.08 4.29 -7.94
CA GLY H 80 30.58 3.16 -8.69
C GLY H 80 29.80 2.97 -9.97
N VAL H 81 30.33 2.08 -10.82
CA VAL H 81 29.70 1.68 -12.07
C VAL H 81 29.78 0.17 -12.18
N LEU H 82 28.88 -0.41 -12.97
CA LEU H 82 28.86 -1.85 -13.20
C LEU H 82 28.88 -2.09 -14.71
N ILE H 83 29.74 -3.00 -15.15
CA ILE H 83 29.88 -3.33 -16.56
C ILE H 83 29.59 -4.82 -16.66
N ASN H 84 29.71 -5.41 -17.86
CA ASN H 84 29.40 -6.82 -18.05
C ASN H 84 30.00 -7.70 -16.96
N GLY H 85 31.24 -7.44 -16.58
CA GLY H 85 31.88 -8.28 -15.57
C GLY H 85 31.92 -7.65 -14.19
N ASN H 86 33.12 -7.39 -13.69
CA ASN H 86 33.29 -6.92 -12.33
C ASN H 86 32.89 -5.45 -12.22
N SER H 87 32.38 -5.09 -11.04
CA SER H 87 32.07 -3.69 -10.77
C SER H 87 33.36 -2.87 -10.72
N GLY H 88 33.32 -1.68 -11.30
CA GLY H 88 34.50 -0.84 -11.39
C GLY H 88 34.23 0.56 -10.87
N SER H 89 35.32 1.26 -10.59
CA SER H 89 35.21 2.63 -10.10
C SER H 89 35.24 3.62 -11.25
N VAL H 90 34.78 4.84 -10.96
CA VAL H 90 34.77 5.94 -11.93
C VAL H 90 35.77 6.98 -11.48
N SER H 91 36.43 7.62 -12.44
CA SER H 91 37.56 8.50 -12.14
C SER H 91 37.42 9.90 -12.73
N GLY H 92 36.24 10.29 -13.20
CA GLY H 92 36.07 11.60 -13.78
C GLY H 92 34.64 12.07 -13.73
N MET H 93 34.47 13.35 -13.40
CA MET H 93 33.16 14.01 -13.40
C MET H 93 32.14 13.22 -12.60
N THR H 94 32.50 12.90 -11.35
CA THR H 94 31.60 12.15 -10.49
C THR H 94 30.37 12.97 -10.13
N THR H 95 30.54 14.27 -9.88
CA THR H 95 29.44 15.11 -9.43
C THR H 95 28.36 15.22 -10.50
N ILE H 96 27.10 15.17 -10.06
CA ILE H 96 25.95 15.31 -10.94
C ILE H 96 25.19 16.56 -10.51
N SER H 97 25.04 17.50 -11.43
CA SER H 97 24.35 18.75 -11.13
C SER H 97 22.84 18.57 -11.31
N ALA H 98 22.11 19.67 -11.11
CA ALA H 98 20.67 19.67 -11.32
C ALA H 98 20.34 19.87 -12.79
N GLY H 99 19.07 19.64 -13.12
CA GLY H 99 18.62 19.82 -14.49
C GLY H 99 19.14 18.73 -15.42
N VAL H 100 19.31 19.11 -16.68
CA VAL H 100 19.80 18.21 -17.72
C VAL H 100 21.24 18.58 -18.05
N ASN H 101 22.13 17.59 -18.04
CA ASN H 101 23.54 17.82 -18.29
C ASN H 101 24.13 16.61 -19.00
N THR H 102 25.29 16.83 -19.64
CA THR H 102 26.02 15.79 -20.33
C THR H 102 27.32 15.51 -19.59
N TYR H 103 27.58 14.23 -19.33
CA TYR H 103 28.72 13.83 -18.51
C TYR H 103 29.70 12.99 -19.32
N THR H 104 30.98 13.13 -18.99
CA THR H 104 32.04 12.31 -19.56
C THR H 104 32.74 11.60 -18.40
N ILE H 105 32.59 10.28 -18.35
CA ILE H 105 33.04 9.47 -17.22
C ILE H 105 34.04 8.43 -17.70
N THR H 106 35.13 8.26 -16.96
CA THR H 106 36.14 7.26 -17.26
C THR H 106 36.00 6.10 -16.28
N ILE H 107 36.02 4.88 -16.82
CA ILE H 107 35.85 3.67 -16.03
C ILE H 107 37.20 2.97 -15.92
N SER H 108 37.52 2.49 -14.73
CA SER H 108 38.81 1.83 -14.46
C SER H 108 38.55 0.39 -14.05
N ILE H 109 38.66 -0.53 -15.00
CA ILE H 109 38.60 -1.97 -14.73
C ILE H 109 39.75 -2.62 -15.48
N GLY H 110 40.60 -3.36 -14.76
CA GLY H 110 41.74 -3.98 -15.41
C GLY H 110 41.37 -5.15 -16.30
N SER H 111 40.47 -6.02 -15.81
CA SER H 111 40.21 -7.27 -16.51
C SER H 111 39.40 -7.04 -17.79
N ILE H 112 38.35 -6.22 -17.71
CA ILE H 112 37.46 -6.03 -18.85
C ILE H 112 38.10 -5.18 -19.94
N SER H 113 39.27 -4.60 -19.66
CA SER H 113 39.96 -3.78 -20.64
C SER H 113 40.29 -4.61 -21.88
N THR H 114 40.17 -3.97 -23.04
CA THR H 114 40.42 -4.49 -24.39
C THR H 114 39.40 -5.54 -24.81
N THR H 115 38.44 -5.90 -23.96
CA THR H 115 37.40 -6.84 -24.38
C THR H 115 36.35 -6.13 -25.24
N LEU H 116 36.22 -4.81 -25.09
CA LEU H 116 35.22 -4.07 -25.85
C LEU H 116 35.62 -3.94 -27.32
N ARG H 117 36.85 -4.34 -27.67
CA ARG H 117 37.28 -4.23 -29.06
C ARG H 117 36.42 -5.09 -29.98
N GLY H 118 36.03 -6.27 -29.53
CA GLY H 118 35.20 -7.14 -30.35
C GLY H 118 33.81 -6.59 -30.58
N LEU H 119 33.24 -5.90 -29.58
CA LEU H 119 31.85 -5.48 -29.61
C LEU H 119 31.65 -4.07 -30.14
N VAL H 120 32.53 -3.58 -31.03
CA VAL H 120 32.36 -2.24 -31.55
C VAL H 120 31.16 -2.20 -32.47
N GLY H 121 30.28 -1.21 -32.26
CA GLY H 121 29.08 -1.05 -33.05
C GLY H 121 27.84 -1.71 -32.49
N SER H 122 27.97 -2.48 -31.42
CA SER H 122 26.83 -3.17 -30.82
C SER H 122 26.17 -2.27 -29.78
N THR H 123 25.27 -2.83 -28.99
CA THR H 123 24.61 -2.12 -27.91
C THR H 123 24.92 -2.79 -26.59
N ILE H 124 25.07 -1.98 -25.54
CA ILE H 124 25.48 -2.47 -24.23
C ILE H 124 24.58 -1.88 -23.16
N SER H 125 24.48 -2.57 -22.04
CA SER H 125 23.66 -2.16 -20.90
C SER H 125 24.57 -1.91 -19.71
N LEU H 126 24.41 -0.73 -19.09
CA LEU H 126 25.23 -0.30 -17.98
C LEU H 126 24.38 -0.04 -16.74
N THR H 127 25.06 0.16 -15.62
CA THR H 127 24.45 0.59 -14.38
C THR H 127 25.39 1.56 -13.68
N LEU H 128 24.86 2.72 -13.31
CA LEU H 128 25.63 3.74 -12.60
C LEU H 128 25.18 3.75 -11.14
N ILE H 129 26.04 3.27 -10.26
CA ILE H 129 25.73 3.31 -8.84
C ILE H 129 25.76 4.75 -8.36
N LEU H 130 24.67 5.19 -7.75
CA LEU H 130 24.58 6.54 -7.22
C LEU H 130 24.69 6.50 -5.71
N SER H 131 25.05 7.66 -5.14
CA SER H 131 25.26 7.75 -3.70
C SER H 131 23.97 7.51 -2.93
N ASN H 132 22.85 8.04 -3.42
CA ASN H 132 21.61 7.94 -2.67
C ASN H 132 20.93 6.59 -2.88
N GLY H 133 21.68 5.51 -2.74
CA GLY H 133 21.10 4.18 -2.83
C GLY H 133 20.30 3.93 -4.08
N GLU H 134 20.75 4.46 -5.21
CA GLU H 134 19.99 4.38 -6.45
C GLU H 134 20.88 3.86 -7.56
N THR H 135 20.33 2.96 -8.38
CA THR H 135 21.02 2.41 -9.53
C THR H 135 20.25 2.81 -10.78
N VAL H 136 20.96 3.43 -11.73
CA VAL H 136 20.34 3.93 -12.96
C VAL H 136 20.76 3.03 -14.10
N THR H 137 19.79 2.35 -14.70
CA THR H 137 20.07 1.56 -15.89
C THR H 137 20.35 2.49 -17.07
N VAL H 138 21.43 2.23 -17.77
CA VAL H 138 21.88 3.06 -18.88
C VAL H 138 22.07 2.20 -20.12
N SER H 139 21.63 2.72 -21.27
CA SER H 139 21.84 2.06 -22.55
C SER H 139 22.83 2.89 -23.36
N ALA H 140 23.87 2.25 -23.86
CA ALA H 140 24.93 2.94 -24.58
C ALA H 140 25.38 2.11 -25.78
N ILE H 141 25.94 2.79 -26.77
CA ILE H 141 26.48 2.16 -27.97
C ILE H 141 27.99 2.10 -27.84
N VAL H 142 28.57 0.92 -28.05
CA VAL H 142 30.00 0.74 -27.94
C VAL H 142 30.66 1.24 -29.23
N THR H 143 31.52 2.23 -29.11
CA THR H 143 32.24 2.79 -30.26
C THR H 143 33.73 2.78 -29.97
N SER H 144 34.52 2.67 -31.03
CA SER H 144 35.97 2.65 -30.91
C SER H 144 36.56 4.01 -31.26
N LEU I 13 -6.04 20.81 59.54
CA LEU I 13 -4.80 21.46 59.13
C LEU I 13 -3.95 20.50 58.30
N SER I 14 -4.11 19.20 58.57
CA SER I 14 -3.29 18.21 57.89
C SER I 14 -3.67 18.07 56.42
N GLY I 15 -4.89 18.48 56.07
CA GLY I 15 -5.34 18.34 54.70
C GLY I 15 -4.50 19.16 53.73
N ALA I 16 -4.18 20.40 54.10
CA ALA I 16 -3.37 21.25 53.23
C ALA I 16 -1.96 20.68 53.08
N VAL I 17 -1.37 20.18 54.16
CA VAL I 17 -0.04 19.59 54.09
C VAL I 17 -0.05 18.37 53.17
N THR I 18 -1.07 17.52 53.30
CA THR I 18 -1.17 16.36 52.43
C THR I 18 -1.33 16.79 50.98
N ALA I 19 -2.14 17.81 50.72
CA ALA I 19 -2.31 18.28 49.35
C ALA I 19 -1.00 18.80 48.77
N LEU I 20 -0.24 19.56 49.55
CA LEU I 20 1.05 20.05 49.07
C LEU I 20 2.01 18.91 48.77
N ILE I 21 2.08 17.93 49.66
CA ILE I 21 2.98 16.79 49.44
C ILE I 21 2.59 16.05 48.17
N LEU I 22 1.28 15.82 47.97
CA LEU I 22 0.82 15.14 46.77
C LEU I 22 1.13 15.94 45.52
N VAL I 23 0.99 17.26 45.57
CA VAL I 23 1.30 18.08 44.39
C VAL I 23 2.78 17.95 44.03
N ILE I 24 3.66 18.02 45.02
CA ILE I 24 5.10 17.91 44.73
C ILE I 24 5.42 16.53 44.17
N ALA I 25 4.86 15.48 44.77
CA ALA I 25 5.12 14.14 44.28
C ALA I 25 4.62 13.95 42.85
N SER I 26 3.44 14.49 42.55
CA SER I 26 2.89 14.40 41.20
C SER I 26 3.79 15.13 40.21
N VAL I 27 4.29 16.31 40.59
CA VAL I 27 5.18 17.05 39.71
C VAL I 27 6.44 16.26 39.43
N ILE I 28 7.03 15.67 40.48
CA ILE I 28 8.27 14.91 40.29
C ILE I 28 8.02 13.74 39.34
N ILE I 29 6.93 13.00 39.56
CA ILE I 29 6.65 11.83 38.73
C ILE I 29 6.37 12.25 37.29
N ALA I 30 5.62 13.33 37.10
CA ALA I 30 5.30 13.79 35.75
C ALA I 30 6.56 14.23 35.00
N LEU I 31 7.46 14.94 35.68
CA LEU I 31 8.72 15.32 35.04
C LEU I 31 9.54 14.09 34.68
N VAL I 32 9.57 13.08 35.55
CA VAL I 32 10.28 11.85 35.24
C VAL I 32 9.70 11.20 33.98
N VAL I 33 8.36 11.14 33.91
CA VAL I 33 7.71 10.51 32.76
C VAL I 33 8.03 11.28 31.47
N VAL I 34 7.96 12.60 31.53
CA VAL I 34 8.24 13.41 30.34
C VAL I 34 9.68 13.22 29.89
N GLY I 35 10.62 13.22 30.83
CA GLY I 35 12.01 12.98 30.48
C GLY I 35 12.23 11.62 29.84
N PHE I 36 11.60 10.58 30.40
CA PHE I 36 11.72 9.24 29.84
C PHE I 36 11.15 9.18 28.43
N ALA I 37 9.98 9.78 28.22
CA ALA I 37 9.35 9.77 26.90
C ALA I 37 10.21 10.49 25.88
N PHE I 38 10.80 11.63 26.27
CA PHE I 38 11.65 12.36 25.33
C PHE I 38 12.96 11.64 25.07
N GLY I 39 13.51 10.94 26.07
CA GLY I 39 14.71 10.17 25.84
C GLY I 39 14.49 9.01 24.89
N LEU I 40 13.31 8.39 24.98
CA LEU I 40 13.00 7.26 24.08
C LEU I 40 13.01 7.71 22.62
N PHE I 41 12.73 8.98 22.36
CA PHE I 41 12.76 9.47 20.98
C PHE I 41 14.14 9.28 20.37
N GLY I 42 15.17 9.79 21.03
CA GLY I 42 16.52 9.57 20.54
C GLY I 42 16.93 8.11 20.61
N ALA I 43 16.49 7.40 21.66
CA ALA I 43 16.85 6.00 21.81
C ALA I 43 16.37 5.17 20.64
N PHE I 44 15.22 5.53 20.06
CA PHE I 44 14.71 4.77 18.93
C PHE I 44 15.21 5.32 17.60
N THR I 45 15.38 6.64 17.50
CA THR I 45 15.85 7.22 16.24
C THR I 45 17.28 6.80 15.94
N GLY I 46 18.10 6.63 16.98
CA GLY I 46 19.50 6.29 16.78
C GLY I 46 19.78 4.81 16.58
N GLN I 47 18.74 3.97 16.53
CA GLN I 47 18.98 2.54 16.37
C GLN I 47 19.53 2.22 14.98
N GLY I 48 19.22 3.04 13.99
CA GLY I 48 19.89 2.93 12.71
C GLY I 48 19.04 2.26 11.65
N THR I 49 19.26 2.70 10.41
CA THR I 49 18.60 2.15 9.23
C THR I 49 19.63 1.44 8.38
N VAL I 50 19.40 0.16 8.09
CA VAL I 50 20.33 -0.64 7.31
C VAL I 50 19.60 -1.15 6.07
N ALA I 51 20.16 -0.87 4.90
CA ALA I 51 19.53 -1.24 3.64
C ALA I 51 20.59 -1.27 2.54
N GLN I 52 20.44 -2.22 1.63
CA GLN I 52 21.36 -2.33 0.50
C GLN I 52 21.23 -1.11 -0.41
N VAL I 53 22.35 -0.69 -0.99
CA VAL I 53 22.38 0.43 -1.92
C VAL I 53 22.94 0.06 -3.27
N GLY I 54 23.47 -1.15 -3.43
CA GLY I 54 23.99 -1.57 -4.71
C GLY I 54 24.05 -3.08 -4.80
N THR I 55 24.04 -3.58 -6.02
CA THR I 55 24.03 -5.03 -6.23
C THR I 55 25.28 -5.66 -5.62
N ALA I 56 25.08 -6.72 -4.87
CA ALA I 56 26.17 -7.41 -4.20
C ALA I 56 26.83 -8.42 -5.14
N THR I 57 27.77 -9.19 -4.59
CA THR I 57 28.44 -10.24 -5.34
C THR I 57 28.64 -11.43 -4.43
N LEU I 58 28.34 -12.62 -4.93
CA LEU I 58 28.54 -13.88 -4.21
C LEU I 58 29.37 -14.82 -5.06
N SER I 59 30.38 -15.43 -4.45
CA SER I 59 31.24 -16.39 -5.13
C SER I 59 30.73 -17.79 -4.84
N ALA I 60 30.42 -18.55 -5.90
CA ALA I 60 29.87 -19.88 -5.70
C ALA I 60 30.92 -20.86 -5.19
N SER I 61 32.12 -20.82 -5.75
CA SER I 61 33.14 -21.80 -5.37
C SER I 61 33.63 -21.58 -3.95
N THR I 62 33.97 -20.33 -3.60
CA THR I 62 34.52 -20.03 -2.28
C THR I 62 33.46 -19.72 -1.25
N LEU I 63 32.22 -19.44 -1.66
CA LEU I 63 31.12 -19.14 -0.76
C LEU I 63 31.49 -17.98 0.17
N THR I 64 32.03 -16.92 -0.44
CA THR I 64 32.37 -15.69 0.26
C THR I 64 31.45 -14.58 -0.21
N LEU I 65 30.93 -13.80 0.73
CA LEU I 65 29.93 -12.78 0.43
C LEU I 65 30.59 -11.40 0.37
N THR I 66 30.37 -10.70 -0.74
CA THR I 66 30.75 -9.31 -0.88
C THR I 66 29.47 -8.50 -1.06
N VAL I 67 29.29 -7.48 -0.22
CA VAL I 67 28.05 -6.71 -0.21
C VAL I 67 28.36 -5.28 0.23
N THR I 68 27.51 -4.36 -0.22
CA THR I 68 27.58 -2.96 0.18
C THR I 68 26.35 -2.65 1.01
N LEU I 69 26.56 -2.15 2.22
CA LEU I 69 25.46 -1.89 3.15
C LEU I 69 25.56 -0.47 3.68
N LYS I 70 24.41 0.18 3.82
CA LYS I 70 24.30 1.53 4.33
C LYS I 70 23.70 1.49 5.73
N ASN I 71 24.36 2.15 6.69
CA ASN I 71 23.88 2.19 8.06
C ASN I 71 23.79 3.64 8.52
N THR I 72 22.66 3.99 9.13
CA THR I 72 22.48 5.29 9.76
C THR I 72 22.32 5.15 11.28
N GLY I 73 23.13 4.31 11.91
CA GLY I 73 23.04 4.12 13.35
C GLY I 73 24.29 3.51 13.95
N ALA I 74 24.17 3.02 15.19
CA ALA I 74 25.31 2.44 15.88
C ALA I 74 25.74 1.16 15.20
N SER I 75 26.95 0.70 15.55
CA SER I 75 27.48 -0.54 14.99
C SER I 75 26.55 -1.70 15.31
N THR I 76 26.23 -2.49 14.29
CA THR I 76 25.31 -3.61 14.43
C THR I 76 25.96 -4.87 13.87
N GLN I 77 25.99 -5.92 14.68
CA GLN I 77 26.56 -7.18 14.24
C GLN I 77 25.55 -7.98 13.42
N VAL I 78 26.06 -8.88 12.59
CA VAL I 78 25.23 -9.80 11.81
C VAL I 78 25.28 -11.16 12.51
N THR I 79 24.22 -11.47 13.25
CA THR I 79 24.20 -12.71 14.01
C THR I 79 24.13 -13.93 13.10
N GLY I 80 23.23 -13.91 12.12
CA GLY I 80 23.06 -15.03 11.22
C GLY I 80 22.64 -14.57 9.85
N VAL I 81 22.79 -15.46 8.88
CA VAL I 81 22.40 -15.21 7.50
C VAL I 81 21.66 -16.42 6.96
N LEU I 82 20.64 -16.17 6.14
CA LEU I 82 19.90 -17.21 5.46
C LEU I 82 19.82 -16.88 3.99
N ILE I 83 19.95 -17.90 3.13
CA ILE I 83 19.97 -17.66 1.70
C ILE I 83 18.78 -18.30 1.02
N ASN I 84 18.71 -19.63 1.03
CA ASN I 84 17.55 -20.29 0.44
C ASN I 84 16.54 -20.70 1.51
N GLY I 85 16.90 -21.65 2.37
CA GLY I 85 16.05 -22.05 3.47
C GLY I 85 16.77 -22.09 4.80
N ASN I 86 18.08 -22.29 4.75
CA ASN I 86 18.83 -22.57 5.96
C ASN I 86 19.57 -21.33 6.45
N SER I 87 19.81 -21.29 7.76
CA SER I 87 20.52 -20.20 8.40
C SER I 87 21.94 -20.62 8.73
N GLY I 88 22.91 -19.80 8.35
CA GLY I 88 24.30 -20.11 8.60
C GLY I 88 25.00 -18.96 9.29
N SER I 89 26.15 -19.28 9.89
CA SER I 89 26.91 -18.27 10.61
C SER I 89 27.90 -17.57 9.68
N VAL I 90 28.33 -16.39 10.08
CA VAL I 90 29.31 -15.60 9.34
C VAL I 90 30.66 -15.82 10.00
N SER I 91 31.73 -15.78 9.20
CA SER I 91 33.06 -16.09 9.72
C SER I 91 33.78 -14.84 10.21
N GLY I 92 33.99 -13.87 9.32
CA GLY I 92 34.81 -12.72 9.66
C GLY I 92 34.14 -11.42 9.28
N MET I 93 34.69 -10.33 9.82
CA MET I 93 34.20 -8.98 9.60
C MET I 93 32.71 -8.88 9.96
N THR I 94 32.42 -9.23 11.22
CA THR I 94 31.03 -9.23 11.68
C THR I 94 30.49 -7.82 11.82
N THR I 95 31.27 -6.93 12.42
CA THR I 95 30.79 -5.60 12.78
C THR I 95 30.48 -4.78 11.54
N ILE I 96 29.41 -3.99 11.63
CA ILE I 96 28.99 -3.09 10.55
C ILE I 96 29.14 -1.66 11.05
N SER I 97 30.00 -0.89 10.39
CA SER I 97 30.20 0.50 10.75
C SER I 97 29.12 1.38 10.12
N ALA I 98 29.05 2.62 10.59
CA ALA I 98 28.12 3.59 10.02
C ALA I 98 28.64 4.08 8.67
N GLY I 99 27.70 4.43 7.80
CA GLY I 99 28.04 4.90 6.47
C GLY I 99 28.13 3.78 5.45
N VAL I 100 28.31 4.19 4.20
CA VAL I 100 28.30 3.27 3.06
C VAL I 100 29.73 2.81 2.80
N ASN I 101 30.00 1.53 3.04
CA ASN I 101 31.30 0.93 2.77
C ASN I 101 31.14 -0.54 2.42
N THR I 102 32.09 -1.06 1.64
CA THR I 102 32.01 -2.44 1.18
C THR I 102 32.30 -3.40 2.33
N TYR I 103 31.64 -4.55 2.30
CA TYR I 103 31.78 -5.57 3.35
C TYR I 103 32.11 -6.91 2.72
N THR I 104 33.14 -7.56 3.25
CA THR I 104 33.55 -8.90 2.83
C THR I 104 33.24 -9.87 3.96
N ILE I 105 32.34 -10.82 3.71
CA ILE I 105 31.88 -11.75 4.73
C ILE I 105 32.03 -13.18 4.19
N THR I 106 32.63 -14.05 4.98
CA THR I 106 32.75 -15.46 4.64
C THR I 106 31.56 -16.22 5.23
N ILE I 107 30.80 -16.90 4.37
CA ILE I 107 29.58 -17.57 4.75
C ILE I 107 29.88 -19.05 4.94
N SER I 108 29.44 -19.60 6.07
CA SER I 108 29.64 -21.02 6.39
C SER I 108 28.28 -21.70 6.52
N ILE I 109 28.01 -22.65 5.63
CA ILE I 109 26.75 -23.39 5.62
C ILE I 109 26.97 -24.69 4.85
N GLY I 110 26.49 -25.80 5.42
CA GLY I 110 26.73 -27.10 4.79
C GLY I 110 25.84 -27.35 3.58
N SER I 111 24.58 -26.93 3.66
CA SER I 111 23.62 -27.27 2.61
C SER I 111 23.98 -26.62 1.28
N ILE I 112 24.44 -25.35 1.31
CA ILE I 112 24.72 -24.61 0.10
C ILE I 112 25.88 -25.22 -0.68
N SER I 113 26.81 -25.89 0.03
CA SER I 113 28.01 -26.43 -0.59
C SER I 113 27.64 -27.38 -1.72
N THR I 114 28.35 -27.24 -2.85
CA THR I 114 28.24 -28.05 -4.07
C THR I 114 26.92 -27.81 -4.80
N THR I 115 26.15 -26.78 -4.45
CA THR I 115 24.87 -26.56 -5.12
C THR I 115 24.92 -25.34 -6.04
N LEU I 116 25.65 -24.30 -5.64
CA LEU I 116 25.61 -23.04 -6.36
C LEU I 116 26.28 -23.09 -7.73
N ARG I 117 26.98 -24.17 -8.07
CA ARG I 117 27.61 -24.24 -9.39
C ARG I 117 26.57 -24.16 -10.50
N GLY I 118 25.34 -24.62 -10.23
CA GLY I 118 24.28 -24.51 -11.21
C GLY I 118 23.88 -23.07 -11.48
N LEU I 119 23.91 -22.23 -10.44
CA LEU I 119 23.39 -20.87 -10.52
C LEU I 119 24.49 -19.83 -10.75
N VAL I 120 25.55 -20.18 -11.48
CA VAL I 120 26.60 -19.22 -11.75
C VAL I 120 26.09 -18.18 -12.74
N GLY I 121 26.26 -16.91 -12.40
CA GLY I 121 25.81 -15.82 -13.25
C GLY I 121 24.34 -15.49 -13.15
N SER I 122 23.61 -16.07 -12.19
CA SER I 122 22.19 -15.86 -12.05
C SER I 122 21.90 -15.08 -10.77
N THR I 123 20.90 -14.20 -10.83
CA THR I 123 20.54 -13.38 -9.69
C THR I 123 19.92 -14.23 -8.58
N ILE I 124 20.25 -13.91 -7.33
CA ILE I 124 19.73 -14.59 -6.16
C ILE I 124 19.34 -13.54 -5.13
N SER I 125 18.44 -13.92 -4.22
CA SER I 125 17.98 -13.06 -3.15
C SER I 125 18.33 -13.69 -1.81
N LEU I 126 18.97 -12.92 -0.93
CA LEU I 126 19.34 -13.40 0.39
C LEU I 126 19.14 -12.29 1.40
N THR I 127 18.99 -12.67 2.67
CA THR I 127 18.72 -11.75 3.75
C THR I 127 19.76 -11.91 4.84
N LEU I 128 20.25 -10.77 5.36
CA LEU I 128 21.19 -10.74 6.46
C LEU I 128 20.44 -10.37 7.73
N ILE I 129 20.57 -11.20 8.76
CA ILE I 129 19.90 -10.96 10.04
C ILE I 129 20.85 -10.21 10.95
N LEU I 130 20.42 -9.05 11.44
CA LEU I 130 21.29 -8.21 12.26
C LEU I 130 21.01 -8.43 13.74
N SER I 131 21.90 -7.91 14.58
CA SER I 131 21.78 -8.11 16.02
C SER I 131 20.67 -7.26 16.61
N ASN I 132 20.51 -6.03 16.11
CA ASN I 132 19.54 -5.10 16.70
C ASN I 132 18.09 -5.46 16.37
N GLY I 133 17.86 -6.55 15.65
CA GLY I 133 16.51 -6.97 15.28
C GLY I 133 16.09 -6.55 13.89
N GLU I 134 16.77 -5.57 13.30
CA GLU I 134 16.46 -5.16 11.94
C GLU I 134 16.91 -6.22 10.96
N THR I 135 16.10 -6.44 9.92
CA THR I 135 16.40 -7.41 8.88
C THR I 135 16.59 -6.68 7.56
N VAL I 136 17.57 -7.14 6.78
CA VAL I 136 17.91 -6.55 5.50
C VAL I 136 17.87 -7.62 4.42
N THR I 137 17.13 -7.37 3.36
CA THR I 137 17.06 -8.26 2.21
C THR I 137 17.99 -7.73 1.13
N VAL I 138 18.73 -8.64 0.49
CA VAL I 138 19.77 -8.28 -0.46
C VAL I 138 19.58 -9.07 -1.75
N SER I 139 19.76 -8.39 -2.87
CA SER I 139 19.79 -9.03 -4.19
C SER I 139 21.24 -9.08 -4.65
N ALA I 140 21.68 -10.27 -5.07
CA ALA I 140 23.09 -10.48 -5.34
C ALA I 140 23.26 -11.31 -6.61
N ILE I 141 24.44 -11.18 -7.21
CA ILE I 141 24.81 -11.92 -8.41
C ILE I 141 25.79 -13.02 -8.00
N VAL I 142 25.47 -14.27 -8.33
CA VAL I 142 26.36 -15.38 -8.00
C VAL I 142 27.44 -15.47 -9.07
N THR I 143 28.70 -15.47 -8.64
CA THR I 143 29.85 -15.54 -9.53
C THR I 143 30.62 -16.83 -9.27
N SER I 144 31.27 -17.34 -10.31
CA SER I 144 32.06 -18.55 -10.20
C SER I 144 33.26 -18.34 -9.28
N LEU J 13 -0.75 10.93 26.00
CA LEU J 13 0.70 10.90 26.05
C LEU J 13 1.23 9.61 25.41
N SER J 14 0.53 8.51 25.65
CA SER J 14 0.97 7.23 25.13
C SER J 14 0.81 7.16 23.61
N GLY J 15 -0.18 7.86 23.07
CA GLY J 15 -0.44 7.78 21.65
C GLY J 15 0.68 8.35 20.79
N ALA J 16 1.21 9.51 21.20
CA ALA J 16 2.15 10.22 20.34
C ALA J 16 3.49 9.49 20.23
N VAL J 17 3.98 8.95 21.35
CA VAL J 17 5.24 8.22 21.31
C VAL J 17 5.11 6.97 20.44
N THR J 18 3.98 6.27 20.55
CA THR J 18 3.75 5.12 19.69
C THR J 18 3.66 5.55 18.22
N ALA J 19 3.05 6.70 17.96
CA ALA J 19 3.00 7.21 16.60
C ALA J 19 4.40 7.46 16.06
N LEU J 20 5.28 8.06 16.86
CA LEU J 20 6.64 8.30 16.40
C LEU J 20 7.38 6.99 16.15
N ILE J 21 7.23 6.01 17.04
CA ILE J 21 7.88 4.72 16.85
C ILE J 21 7.40 4.08 15.56
N LEU J 22 6.09 4.12 15.31
CA LEU J 22 5.55 3.54 14.08
C LEU J 22 6.06 4.27 12.85
N VAL J 23 6.16 5.60 12.92
CA VAL J 23 6.68 6.37 11.79
C VAL J 23 8.10 5.98 11.49
N ILE J 24 8.93 5.86 12.52
CA ILE J 24 10.33 5.48 12.30
C ILE J 24 10.44 4.09 11.71
N ALA J 25 9.64 3.15 12.22
CA ALA J 25 9.68 1.79 11.69
C ALA J 25 9.24 1.77 10.23
N SER J 26 8.18 2.52 9.90
CA SER J 26 7.72 2.57 8.51
C SER J 26 8.78 3.16 7.60
N VAL J 27 9.46 4.21 8.04
CA VAL J 27 10.52 4.80 7.23
C VAL J 27 11.65 3.81 7.01
N ILE J 28 12.04 3.09 8.06
CA ILE J 28 13.11 2.10 7.93
C ILE J 28 12.72 1.03 6.92
N ILE J 29 11.50 0.50 7.04
CA ILE J 29 11.07 -0.56 6.13
C ILE J 29 10.98 -0.04 4.69
N ALA J 30 10.49 1.19 4.52
CA ALA J 30 10.39 1.77 3.18
C ALA J 30 11.77 1.92 2.55
N LEU J 31 12.75 2.38 3.32
CA LEU J 31 14.11 2.50 2.78
C LEU J 31 14.69 1.14 2.41
N VAL J 32 14.45 0.13 3.24
CA VAL J 32 14.93 -1.22 2.89
C VAL J 32 14.28 -1.69 1.60
N VAL J 33 12.97 -1.46 1.45
CA VAL J 33 12.27 -1.91 0.25
C VAL J 33 12.81 -1.21 -0.98
N VAL J 34 13.03 0.11 -0.90
CA VAL J 34 13.54 0.87 -2.03
C VAL J 34 14.94 0.38 -2.40
N GLY J 35 15.80 0.17 -1.40
CA GLY J 35 17.14 -0.33 -1.68
C GLY J 35 17.12 -1.69 -2.35
N PHE J 36 16.25 -2.59 -1.88
CA PHE J 36 16.15 -3.91 -2.48
C PHE J 36 15.61 -3.82 -3.91
N ALA J 37 14.68 -2.90 -4.15
CA ALA J 37 14.14 -2.73 -5.49
C ALA J 37 15.24 -2.26 -6.45
N PHE J 38 16.07 -1.33 -6.02
CA PHE J 38 17.17 -0.88 -6.88
C PHE J 38 18.22 -1.98 -7.06
N GLY J 39 18.44 -2.77 -6.02
CA GLY J 39 19.33 -3.91 -6.17
C GLY J 39 18.83 -4.90 -7.20
N LEU J 40 17.51 -5.11 -7.25
CA LEU J 40 16.94 -5.96 -8.30
C LEU J 40 17.19 -5.39 -9.68
N PHE J 41 17.03 -4.07 -9.86
CA PHE J 41 17.36 -3.46 -11.14
C PHE J 41 18.79 -3.76 -11.54
N GLY J 42 19.72 -3.50 -10.62
CA GLY J 42 21.13 -3.73 -10.95
C GLY J 42 21.42 -5.19 -11.28
N ALA J 43 20.93 -6.10 -10.46
CA ALA J 43 21.21 -7.52 -10.66
C ALA J 43 20.62 -8.03 -11.96
N PHE J 44 19.37 -7.64 -12.27
CA PHE J 44 18.73 -8.13 -13.48
C PHE J 44 19.34 -7.51 -14.72
N THR J 45 19.84 -6.27 -14.62
CA THR J 45 20.54 -5.68 -15.75
C THR J 45 21.88 -6.36 -15.98
N GLY J 46 22.56 -6.76 -14.90
CA GLY J 46 23.84 -7.42 -15.02
C GLY J 46 23.81 -8.93 -15.05
N GLN J 47 22.68 -9.54 -15.37
CA GLN J 47 22.58 -11.00 -15.30
C GLN J 47 23.48 -11.68 -16.32
N GLY J 48 23.58 -11.13 -17.53
CA GLY J 48 24.41 -11.74 -18.55
C GLY J 48 23.64 -12.32 -19.72
N THR J 49 24.05 -11.97 -20.94
CA THR J 49 23.41 -12.45 -22.16
C THR J 49 24.44 -13.12 -23.05
N VAL J 50 24.02 -14.16 -23.76
CA VAL J 50 24.86 -14.85 -24.74
C VAL J 50 24.02 -15.10 -25.98
N ALA J 51 24.56 -14.72 -27.15
CA ALA J 51 23.87 -14.91 -28.41
C ALA J 51 24.88 -15.13 -29.53
N GLN J 52 24.46 -15.83 -30.57
CA GLN J 52 25.34 -16.10 -31.70
C GLN J 52 25.59 -14.81 -32.47
N VAL J 53 26.83 -14.63 -32.92
CA VAL J 53 27.20 -13.48 -33.73
C VAL J 53 27.73 -13.86 -35.10
N GLY J 54 28.25 -15.07 -35.28
CA GLY J 54 28.72 -15.51 -36.58
C GLY J 54 28.50 -17.00 -36.73
N THR J 55 28.59 -17.47 -37.98
CA THR J 55 28.36 -18.87 -38.25
C THR J 55 29.41 -19.74 -37.55
N ALA J 56 28.96 -20.85 -36.98
CA ALA J 56 29.80 -21.75 -36.21
C ALA J 56 30.13 -22.99 -37.03
N THR J 57 31.29 -23.56 -36.78
CA THR J 57 31.71 -24.77 -37.47
C THR J 57 31.63 -25.97 -36.53
N LEU J 58 30.98 -27.03 -36.98
CA LEU J 58 30.82 -28.26 -36.22
C LEU J 58 31.51 -29.40 -36.96
N SER J 59 32.36 -30.14 -36.25
CA SER J 59 33.08 -31.27 -36.83
C SER J 59 32.23 -32.53 -36.64
N ALA J 60 31.75 -33.09 -37.75
CA ALA J 60 30.89 -34.26 -37.66
C ALA J 60 31.67 -35.50 -37.25
N SER J 61 32.89 -35.66 -37.76
CA SER J 61 33.65 -36.88 -37.49
C SER J 61 34.03 -36.99 -36.01
N THR J 62 34.50 -35.90 -35.42
CA THR J 62 34.94 -35.92 -34.03
C THR J 62 33.90 -35.38 -33.06
N LEU J 63 32.73 -34.98 -33.55
CA LEU J 63 31.67 -34.38 -32.71
C LEU J 63 32.20 -33.19 -31.93
N THR J 64 32.98 -32.35 -32.62
CA THR J 64 33.54 -31.15 -32.03
C THR J 64 32.87 -29.93 -32.65
N LEU J 65 32.46 -28.99 -31.79
CA LEU J 65 31.76 -27.79 -32.23
C LEU J 65 32.60 -26.57 -31.92
N THR J 66 32.91 -25.79 -32.95
CA THR J 66 33.59 -24.52 -32.80
C THR J 66 32.58 -23.40 -33.03
N VAL J 67 32.37 -22.58 -32.00
CA VAL J 67 31.31 -21.57 -32.02
C VAL J 67 31.89 -20.24 -31.54
N THR J 68 31.28 -19.16 -32.02
CA THR J 68 31.62 -17.80 -31.60
C THR J 68 30.40 -17.21 -30.89
N LEU J 69 30.48 -17.12 -29.57
CA LEU J 69 29.36 -16.68 -28.75
C LEU J 69 29.75 -15.44 -27.97
N LYS J 70 28.98 -14.36 -28.11
CA LYS J 70 29.22 -13.11 -27.43
C LYS J 70 28.68 -13.19 -26.01
N ASN J 71 29.28 -12.42 -25.11
CA ASN J 71 28.80 -12.30 -23.74
C ASN J 71 28.88 -10.85 -23.32
N THR J 72 27.73 -10.25 -23.03
CA THR J 72 27.67 -8.86 -22.57
C THR J 72 27.39 -8.79 -21.07
N GLY J 73 27.58 -9.89 -20.35
CA GLY J 73 27.36 -9.91 -18.92
C GLY J 73 28.32 -10.81 -18.18
N ALA J 74 27.93 -11.26 -16.99
CA ALA J 74 28.83 -12.05 -16.15
C ALA J 74 29.13 -13.39 -16.79
N SER J 75 30.18 -14.04 -16.30
CA SER J 75 30.58 -15.34 -16.83
C SER J 75 29.49 -16.37 -16.60
N THR J 76 29.28 -17.22 -17.60
CA THR J 76 28.22 -18.22 -17.54
C THR J 76 28.81 -19.59 -17.89
N GLN J 77 28.28 -20.62 -17.24
CA GLN J 77 28.71 -22.00 -17.46
C GLN J 77 27.72 -22.69 -18.39
N VAL J 78 28.24 -23.40 -19.38
CA VAL J 78 27.40 -24.14 -20.32
C VAL J 78 27.06 -25.49 -19.71
N THR J 79 25.86 -25.61 -19.15
CA THR J 79 25.49 -26.83 -18.43
C THR J 79 25.25 -27.98 -19.39
N GLY J 80 24.51 -27.75 -20.46
CA GLY J 80 24.13 -28.83 -21.36
C GLY J 80 23.91 -28.34 -22.77
N VAL J 81 23.92 -29.29 -23.70
CA VAL J 81 23.70 -29.03 -25.12
C VAL J 81 22.63 -30.00 -25.62
N LEU J 82 21.76 -29.51 -26.50
CA LEU J 82 20.71 -30.35 -27.05
C LEU J 82 20.67 -30.16 -28.57
N ILE J 83 20.20 -31.21 -29.24
CA ILE J 83 20.04 -31.22 -30.70
C ILE J 83 18.57 -31.50 -30.96
N ASN J 84 18.18 -31.63 -32.23
CA ASN J 84 16.80 -31.95 -32.56
C ASN J 84 16.39 -33.30 -31.96
N GLY J 85 17.36 -34.13 -31.61
CA GLY J 85 17.08 -35.38 -30.94
C GLY J 85 17.56 -35.41 -29.50
N ASN J 86 18.57 -36.23 -29.23
CA ASN J 86 19.06 -36.41 -27.88
C ASN J 86 19.88 -35.20 -27.42
N SER J 87 19.98 -35.01 -26.12
CA SER J 87 20.76 -33.95 -25.52
C SER J 87 21.92 -34.54 -24.73
N GLY J 88 23.10 -33.96 -24.87
CA GLY J 88 24.29 -34.47 -24.22
C GLY J 88 25.08 -33.38 -23.54
N SER J 89 25.94 -33.82 -22.61
CA SER J 89 26.74 -32.88 -21.83
C SER J 89 27.94 -32.41 -22.62
N VAL J 90 28.55 -31.32 -22.16
CA VAL J 90 29.73 -30.75 -22.80
C VAL J 90 30.97 -31.50 -22.32
N SER J 91 31.99 -31.57 -23.18
CA SER J 91 33.21 -32.26 -22.81
C SER J 91 34.23 -31.29 -22.22
N GLY J 92 34.50 -30.18 -22.89
CA GLY J 92 35.53 -29.26 -22.45
C GLY J 92 35.14 -27.82 -22.65
N MET J 93 35.86 -26.94 -21.95
CA MET J 93 35.66 -25.49 -22.02
C MET J 93 34.22 -25.13 -21.67
N THR J 94 33.85 -25.42 -20.41
CA THR J 94 32.51 -25.08 -19.94
C THR J 94 32.35 -23.58 -19.74
N THR J 95 33.40 -22.92 -19.23
CA THR J 95 33.30 -21.53 -18.85
C THR J 95 33.23 -20.62 -20.07
N ILE J 96 32.39 -19.59 -19.99
CA ILE J 96 32.28 -18.58 -21.03
C ILE J 96 32.83 -17.27 -20.48
N SER J 97 33.82 -16.71 -21.17
CA SER J 97 34.39 -15.44 -20.76
C SER J 97 33.50 -14.29 -21.22
N ALA J 98 33.67 -13.13 -20.58
CA ALA J 98 32.94 -11.93 -20.98
C ALA J 98 33.49 -11.40 -22.30
N GLY J 99 32.57 -10.97 -23.16
CA GLY J 99 32.94 -10.47 -24.47
C GLY J 99 32.95 -11.56 -25.53
N VAL J 100 33.29 -11.14 -26.75
CA VAL J 100 33.29 -12.02 -27.91
C VAL J 100 34.58 -12.82 -27.91
N ASN J 101 34.45 -14.15 -27.95
CA ASN J 101 35.60 -15.05 -27.98
C ASN J 101 35.26 -16.28 -28.80
N THR J 102 36.31 -16.95 -29.26
CA THR J 102 36.18 -18.17 -30.06
C THR J 102 36.33 -19.38 -29.15
N TYR J 103 35.32 -20.24 -29.12
CA TYR J 103 35.28 -21.37 -28.21
C TYR J 103 35.39 -22.68 -28.95
N THR J 104 36.19 -23.59 -28.40
CA THR J 104 36.29 -24.96 -28.90
C THR J 104 35.57 -25.88 -27.92
N ILE J 105 34.46 -26.48 -28.38
CA ILE J 105 33.59 -27.27 -27.52
C ILE J 105 33.38 -28.64 -28.16
N THR J 106 33.59 -29.70 -27.38
CA THR J 106 33.37 -31.07 -27.83
C THR J 106 32.05 -31.57 -27.25
N ILE J 107 31.22 -32.15 -28.10
CA ILE J 107 29.92 -32.68 -27.70
C ILE J 107 30.02 -34.20 -27.66
N SER J 108 29.58 -34.79 -26.55
CA SER J 108 29.65 -36.22 -26.34
C SER J 108 28.25 -36.77 -26.10
N ILE J 109 27.66 -37.38 -27.12
CA ILE J 109 26.36 -38.04 -27.02
C ILE J 109 26.49 -39.43 -27.60
N GLY J 110 26.00 -40.44 -26.88
CA GLY J 110 26.11 -41.81 -27.34
C GLY J 110 25.30 -42.08 -28.60
N SER J 111 24.07 -41.58 -28.64
CA SER J 111 23.20 -41.85 -29.80
C SER J 111 23.64 -41.06 -31.02
N ILE J 112 24.09 -39.81 -30.82
CA ILE J 112 24.44 -38.95 -31.95
C ILE J 112 25.71 -39.44 -32.64
N SER J 113 26.53 -40.23 -31.95
CA SER J 113 27.77 -40.72 -32.52
C SER J 113 27.52 -41.50 -33.80
N THR J 114 28.32 -41.22 -34.82
CA THR J 114 28.26 -41.87 -36.13
C THR J 114 26.89 -41.74 -36.79
N THR J 115 26.21 -40.62 -36.60
CA THR J 115 24.92 -40.38 -37.23
C THR J 115 24.90 -39.11 -38.09
N LEU J 116 25.95 -38.31 -38.06
CA LEU J 116 26.03 -37.09 -38.87
C LEU J 116 26.79 -37.28 -40.16
N ARG J 117 27.08 -38.53 -40.54
CA ARG J 117 27.89 -38.78 -41.73
C ARG J 117 27.21 -38.27 -43.00
N GLY J 118 25.90 -38.52 -43.13
CA GLY J 118 25.21 -38.09 -44.34
C GLY J 118 24.95 -36.59 -44.39
N LEU J 119 24.96 -35.94 -43.23
CA LEU J 119 24.58 -34.54 -43.14
C LEU J 119 25.75 -33.59 -43.34
N VAL J 120 26.94 -34.09 -43.66
CA VAL J 120 28.11 -33.24 -43.80
C VAL J 120 27.87 -32.19 -44.88
N GLY J 121 28.19 -30.94 -44.57
CA GLY J 121 28.05 -29.86 -45.51
C GLY J 121 26.72 -29.12 -45.49
N SER J 122 25.79 -29.54 -44.63
CA SER J 122 24.47 -28.92 -44.55
C SER J 122 24.27 -28.32 -43.17
N THR J 123 23.50 -27.24 -43.12
CA THR J 123 23.33 -26.49 -41.88
C THR J 123 22.56 -27.30 -40.85
N ILE J 124 22.90 -27.09 -39.58
CA ILE J 124 22.25 -27.73 -38.45
C ILE J 124 21.98 -26.69 -37.38
N SER J 125 20.83 -26.84 -36.71
CA SER J 125 20.39 -25.91 -35.68
C SER J 125 20.61 -26.55 -34.31
N LEU J 126 21.22 -25.80 -33.40
CA LEU J 126 21.59 -26.31 -32.08
C LEU J 126 21.14 -25.31 -31.03
N THR J 127 21.10 -25.80 -29.78
CA THR J 127 20.74 -24.97 -28.64
C THR J 127 21.78 -25.17 -27.54
N LEU J 128 22.25 -24.06 -26.97
CA LEU J 128 23.25 -24.07 -25.91
C LEU J 128 22.60 -23.63 -24.61
N ILE J 129 22.32 -24.57 -23.72
CA ILE J 129 21.74 -24.24 -22.43
C ILE J 129 22.79 -23.55 -21.56
N LEU J 130 22.35 -22.55 -20.80
CA LEU J 130 23.23 -21.77 -19.95
C LEU J 130 22.84 -21.93 -18.48
N SER J 131 23.84 -21.77 -17.61
CA SER J 131 23.60 -21.95 -16.17
C SER J 131 22.70 -20.87 -15.61
N ASN J 132 22.85 -19.63 -16.08
CA ASN J 132 22.08 -18.52 -15.54
C ASN J 132 20.60 -18.54 -15.95
N GLY J 133 20.14 -19.60 -16.60
CA GLY J 133 18.78 -19.72 -17.04
C GLY J 133 18.52 -19.25 -18.46
N GLU J 134 19.45 -18.50 -19.03
CA GLU J 134 19.32 -18.05 -20.41
C GLU J 134 19.50 -19.23 -21.37
N THR J 135 18.93 -19.08 -22.56
CA THR J 135 19.02 -20.10 -23.60
C THR J 135 19.63 -19.49 -24.85
N VAL J 136 20.53 -20.24 -25.48
CA VAL J 136 21.23 -19.79 -26.67
C VAL J 136 20.83 -20.68 -27.84
N THR J 137 20.33 -20.07 -28.91
CA THR J 137 19.99 -20.77 -30.13
C THR J 137 21.01 -20.41 -31.21
N VAL J 138 21.66 -21.41 -31.78
CA VAL J 138 22.72 -21.20 -32.76
C VAL J 138 22.41 -22.01 -34.01
N SER J 139 22.74 -21.45 -35.16
CA SER J 139 22.69 -22.16 -36.43
C SER J 139 24.12 -22.28 -36.96
N ALA J 140 24.51 -23.50 -37.31
CA ALA J 140 25.90 -23.78 -37.66
C ALA J 140 25.96 -24.68 -38.88
N ILE J 141 27.11 -24.65 -39.56
CA ILE J 141 27.41 -25.54 -40.65
C ILE J 141 28.28 -26.67 -40.13
N VAL J 142 28.05 -27.88 -40.60
CA VAL J 142 28.76 -29.06 -40.13
C VAL J 142 29.71 -29.52 -41.23
N THR J 143 30.94 -29.86 -40.85
CA THR J 143 31.97 -30.31 -41.78
C THR J 143 32.57 -31.62 -41.27
N SER J 144 33.15 -32.37 -42.20
CA SER J 144 33.78 -33.64 -41.87
C SER J 144 35.02 -33.42 -41.00
N LEU K 13 -6.84 23.43 74.77
CA LEU K 13 -5.48 22.89 74.72
C LEU K 13 -5.44 21.61 73.92
N SER K 14 -6.51 20.82 74.02
CA SER K 14 -6.56 19.54 73.31
C SER K 14 -6.54 19.75 71.80
N GLY K 15 -6.97 20.91 71.33
CA GLY K 15 -7.00 21.16 69.90
C GLY K 15 -5.62 21.13 69.27
N ALA K 16 -4.63 21.75 69.93
CA ALA K 16 -3.28 21.75 69.41
C ALA K 16 -2.71 20.34 69.35
N VAL K 17 -2.93 19.55 70.40
CA VAL K 17 -2.42 18.17 70.42
C VAL K 17 -3.06 17.35 69.31
N THR K 18 -4.38 17.47 69.14
CA THR K 18 -5.07 16.73 68.08
C THR K 18 -4.56 17.15 66.71
N ALA K 19 -4.35 18.45 66.51
CA ALA K 19 -3.83 18.92 65.23
C ALA K 19 -2.43 18.37 64.97
N LEU K 20 -1.57 18.35 66.00
CA LEU K 20 -0.22 17.84 65.82
C LEU K 20 -0.23 16.36 65.49
N ILE K 21 -1.06 15.58 66.19
CA ILE K 21 -1.16 14.15 65.90
C ILE K 21 -1.64 13.92 64.48
N LEU K 22 -2.68 14.65 64.06
CA LEU K 22 -3.20 14.47 62.72
C LEU K 22 -2.19 14.89 61.65
N VAL K 23 -1.44 15.97 61.91
CA VAL K 23 -0.44 16.43 60.94
C VAL K 23 0.66 15.39 60.79
N ILE K 24 1.16 14.84 61.90
CA ILE K 24 2.22 13.85 61.82
C ILE K 24 1.72 12.60 61.10
N ALA K 25 0.49 12.16 61.42
CA ALA K 25 -0.06 10.98 60.75
C ALA K 25 -0.23 11.22 59.26
N SER K 26 -0.72 12.40 58.88
CA SER K 26 -0.89 12.71 57.46
C SER K 26 0.43 12.73 56.72
N VAL K 27 1.46 13.33 57.34
CA VAL K 27 2.78 13.36 56.71
C VAL K 27 3.32 11.94 56.52
N ILE K 28 3.17 11.10 57.54
CA ILE K 28 3.67 9.73 57.44
C ILE K 28 2.95 8.98 56.33
N ILE K 29 1.62 9.10 56.27
CA ILE K 29 0.87 8.36 55.26
C ILE K 29 1.19 8.86 53.86
N ALA K 30 1.33 10.18 53.71
CA ALA K 30 1.67 10.74 52.41
C ALA K 30 3.03 10.26 51.95
N LEU K 31 4.02 10.26 52.85
CA LEU K 31 5.34 9.74 52.47
C LEU K 31 5.28 8.26 52.12
N VAL K 32 4.44 7.50 52.83
CA VAL K 32 4.25 6.09 52.50
C VAL K 32 3.73 5.94 51.08
N VAL K 33 2.72 6.74 50.72
CA VAL K 33 2.15 6.65 49.39
C VAL K 33 3.17 7.03 48.33
N VAL K 34 3.93 8.12 48.56
CA VAL K 34 4.93 8.55 47.59
C VAL K 34 6.00 7.48 47.41
N GLY K 35 6.46 6.89 48.51
CA GLY K 35 7.45 5.83 48.40
C GLY K 35 6.90 4.61 47.69
N PHE K 36 5.62 4.30 47.91
CA PHE K 36 5.02 3.16 47.22
C PHE K 36 4.90 3.40 45.73
N ALA K 37 4.71 4.67 45.33
CA ALA K 37 4.53 4.97 43.92
C ALA K 37 5.77 4.61 43.09
N PHE K 38 6.96 4.90 43.63
CA PHE K 38 8.17 4.74 42.83
C PHE K 38 8.54 3.26 42.65
N GLY K 39 8.36 2.46 43.70
CA GLY K 39 8.62 1.04 43.56
C GLY K 39 7.73 0.41 42.51
N LEU K 40 6.54 0.96 42.32
CA LEU K 40 5.64 0.50 41.27
C LEU K 40 6.25 0.73 39.89
N PHE K 41 6.80 1.93 39.65
CA PHE K 41 7.47 2.20 38.39
C PHE K 41 8.66 1.26 38.21
N GLY K 42 9.43 1.05 39.27
CA GLY K 42 10.56 0.14 39.18
C GLY K 42 10.14 -1.25 38.78
N ALA K 43 9.10 -1.78 39.43
CA ALA K 43 8.63 -3.12 39.11
C ALA K 43 8.12 -3.21 37.69
N PHE K 44 7.39 -2.18 37.22
CA PHE K 44 6.81 -2.27 35.89
C PHE K 44 7.86 -2.08 34.80
N THR K 45 8.90 -1.29 35.05
CA THR K 45 10.02 -1.24 34.11
C THR K 45 10.79 -2.55 34.12
N GLY K 46 10.86 -3.21 35.27
CA GLY K 46 11.53 -4.49 35.35
C GLY K 46 10.59 -5.67 35.20
N GLN K 47 9.41 -5.44 34.61
CA GLN K 47 8.42 -6.50 34.51
C GLN K 47 8.84 -7.58 33.52
N GLY K 48 9.67 -7.23 32.54
CA GLY K 48 10.07 -8.18 31.53
C GLY K 48 9.43 -7.89 30.19
N THR K 49 10.26 -7.59 29.18
CA THR K 49 9.80 -7.27 27.84
C THR K 49 10.40 -8.28 26.87
N VAL K 50 9.57 -8.78 25.96
CA VAL K 50 9.96 -9.83 25.01
C VAL K 50 9.57 -9.38 23.61
N ALA K 51 10.50 -9.50 22.67
CA ALA K 51 10.25 -9.15 21.27
C ALA K 51 11.03 -10.11 20.37
N GLN K 52 10.57 -10.22 19.13
CA GLN K 52 11.19 -11.09 18.14
C GLN K 52 12.25 -10.32 17.35
N VAL K 53 13.34 -11.01 17.01
CA VAL K 53 14.40 -10.40 16.22
C VAL K 53 14.79 -11.21 15.00
N GLY K 54 14.39 -12.48 14.90
CA GLY K 54 14.83 -13.33 13.81
C GLY K 54 13.75 -14.30 13.38
N THR K 55 13.91 -14.81 12.16
CA THR K 55 12.96 -15.77 11.61
C THR K 55 13.14 -17.13 12.27
N ALA K 56 12.02 -17.82 12.51
CA ALA K 56 12.02 -19.08 13.23
C ALA K 56 11.99 -20.27 12.28
N THR K 57 12.00 -21.47 12.87
CA THR K 57 11.98 -22.72 12.14
C THR K 57 11.08 -23.72 12.85
N LEU K 58 10.22 -24.39 12.10
CA LEU K 58 9.37 -25.46 12.60
C LEU K 58 9.66 -26.73 11.81
N SER K 59 9.72 -27.86 12.50
CA SER K 59 9.94 -29.15 11.86
C SER K 59 8.61 -29.85 11.67
N ALA K 60 8.37 -30.33 10.44
CA ALA K 60 7.13 -31.06 10.17
C ALA K 60 7.13 -32.41 10.86
N SER K 61 8.25 -33.13 10.80
CA SER K 61 8.29 -34.50 11.31
C SER K 61 8.31 -34.54 12.83
N THR K 62 9.10 -33.67 13.47
CA THR K 62 9.32 -33.73 14.90
C THR K 62 8.69 -32.59 15.68
N LEU K 63 8.33 -31.50 15.00
CA LEU K 63 7.75 -30.33 15.66
C LEU K 63 8.69 -29.79 16.73
N THR K 64 9.86 -29.31 16.30
CA THR K 64 10.85 -28.70 17.18
C THR K 64 10.99 -27.23 16.79
N LEU K 65 10.83 -26.35 17.77
CA LEU K 65 10.82 -24.91 17.52
C LEU K 65 12.08 -24.27 18.09
N THR K 66 12.74 -23.45 17.28
CA THR K 66 13.94 -22.73 17.69
C THR K 66 13.80 -21.28 17.28
N VAL K 67 13.69 -20.38 18.27
CA VAL K 67 13.42 -18.97 18.01
C VAL K 67 14.37 -18.16 18.89
N THR K 68 14.73 -16.97 18.41
CA THR K 68 15.53 -16.04 19.19
C THR K 68 14.64 -14.88 19.63
N LEU K 69 14.49 -14.70 20.94
CA LEU K 69 13.69 -13.61 21.50
C LEU K 69 14.63 -12.62 22.19
N LYS K 70 14.54 -11.36 21.79
CA LYS K 70 15.22 -10.32 22.55
C LYS K 70 14.53 -10.15 23.90
N ASN K 71 15.34 -10.14 24.96
CA ASN K 71 14.84 -10.04 26.32
C ASN K 71 15.48 -8.84 26.98
N THR K 72 14.69 -7.80 27.26
CA THR K 72 15.18 -6.56 27.84
C THR K 72 14.71 -6.40 29.28
N GLY K 73 14.15 -7.47 29.87
CA GLY K 73 13.65 -7.41 31.23
C GLY K 73 13.99 -8.68 31.98
N ALA K 74 13.38 -8.84 33.14
CA ALA K 74 13.63 -10.00 33.98
C ALA K 74 13.20 -11.28 33.29
N SER K 75 13.79 -12.39 33.70
CA SER K 75 13.49 -13.68 33.08
C SER K 75 12.02 -14.04 33.28
N THR K 76 11.30 -14.18 32.17
CA THR K 76 9.90 -14.57 32.19
C THR K 76 9.74 -15.87 31.41
N GLN K 77 9.29 -16.92 32.09
CA GLN K 77 9.15 -18.22 31.45
C GLN K 77 7.92 -18.25 30.55
N VAL K 78 7.87 -19.26 29.68
CA VAL K 78 6.75 -19.46 28.78
C VAL K 78 5.82 -20.52 29.36
N THR K 79 4.58 -20.13 29.65
CA THR K 79 3.60 -21.10 30.15
C THR K 79 3.06 -21.98 29.03
N GLY K 80 2.87 -21.42 27.84
CA GLY K 80 2.34 -22.19 26.73
C GLY K 80 2.57 -21.46 25.42
N VAL K 81 2.23 -22.15 24.34
CA VAL K 81 2.39 -21.65 22.98
C VAL K 81 1.07 -21.80 22.24
N LEU K 82 0.76 -20.81 21.41
CA LEU K 82 -0.38 -20.89 20.51
C LEU K 82 0.08 -21.44 19.17
N ILE K 83 -0.83 -22.16 18.52
CA ILE K 83 -0.62 -22.65 17.16
C ILE K 83 -1.73 -22.07 16.31
N ASN K 84 -1.78 -22.46 15.03
CA ASN K 84 -2.76 -21.89 14.12
C ASN K 84 -4.17 -22.02 14.65
N GLY K 85 -4.56 -23.19 15.12
CA GLY K 85 -5.93 -23.42 15.54
C GLY K 85 -6.15 -23.65 17.02
N ASN K 86 -5.17 -24.24 17.69
CA ASN K 86 -5.35 -24.62 19.08
C ASN K 86 -4.32 -23.94 19.98
N SER K 87 -4.29 -24.37 21.23
CA SER K 87 -3.28 -23.95 22.19
C SER K 87 -2.37 -25.12 22.48
N GLY K 88 -1.06 -24.91 22.31
CA GLY K 88 -0.08 -25.97 22.44
C GLY K 88 0.69 -25.85 23.74
N SER K 89 0.66 -26.94 24.52
CA SER K 89 1.42 -26.99 25.77
C SER K 89 2.91 -27.13 25.48
N VAL K 90 3.71 -26.57 26.39
CA VAL K 90 5.17 -26.61 26.28
C VAL K 90 5.68 -27.85 26.98
N SER K 91 6.56 -28.59 26.31
CA SER K 91 7.12 -29.82 26.87
C SER K 91 8.64 -29.83 26.89
N GLY K 92 9.29 -28.75 26.44
CA GLY K 92 10.74 -28.72 26.41
C GLY K 92 11.35 -27.35 26.58
N MET K 93 12.34 -27.25 27.46
CA MET K 93 13.10 -26.02 27.69
C MET K 93 12.16 -24.87 28.06
N THR K 94 11.47 -25.03 29.20
CA THR K 94 10.54 -24.00 29.66
C THR K 94 11.28 -22.73 30.06
N THR K 95 12.44 -22.88 30.69
CA THR K 95 13.16 -21.73 31.22
C THR K 95 13.70 -20.86 30.10
N ILE K 96 13.72 -19.54 30.34
CA ILE K 96 14.29 -18.57 29.41
C ILE K 96 15.41 -17.83 30.11
N SER K 97 16.57 -17.76 29.46
CA SER K 97 17.70 -16.96 29.92
C SER K 97 17.74 -15.65 29.14
N ALA K 98 17.94 -14.55 29.85
CA ALA K 98 17.96 -13.25 29.20
C ALA K 98 19.05 -13.19 28.13
N GLY K 99 18.73 -12.56 27.01
CA GLY K 99 19.62 -12.49 25.88
C GLY K 99 19.23 -13.48 24.79
N VAL K 100 19.80 -13.25 23.60
CA VAL K 100 19.46 -14.08 22.45
C VAL K 100 20.09 -15.45 22.60
N ASN K 101 19.25 -16.50 22.59
CA ASN K 101 19.73 -17.86 22.76
C ASN K 101 18.97 -18.79 21.82
N THR K 102 19.37 -20.06 21.85
CA THR K 102 18.74 -21.12 21.07
C THR K 102 17.94 -22.00 22.02
N TYR K 103 16.66 -22.20 21.71
CA TYR K 103 15.77 -23.02 22.53
C TYR K 103 15.22 -24.17 21.69
N THR K 104 15.15 -25.34 22.30
CA THR K 104 14.51 -26.50 21.69
C THR K 104 13.13 -26.66 22.35
N ILE K 105 12.08 -26.42 21.57
CA ILE K 105 10.71 -26.41 22.07
C ILE K 105 9.95 -27.57 21.44
N THR K 106 9.31 -28.37 22.28
CA THR K 106 8.46 -29.48 21.84
C THR K 106 7.04 -29.25 22.36
N ILE K 107 6.06 -29.46 21.49
CA ILE K 107 4.66 -29.20 21.79
C ILE K 107 3.94 -30.53 21.91
N SER K 108 3.20 -30.71 23.01
CA SER K 108 2.46 -31.95 23.26
C SER K 108 1.03 -31.77 22.74
N ILE K 109 0.84 -32.05 21.46
CA ILE K 109 -0.46 -31.95 20.82
C ILE K 109 -0.69 -33.19 19.94
N GLY K 110 -1.78 -33.92 20.20
CA GLY K 110 -1.98 -35.18 19.52
C GLY K 110 -2.71 -35.04 18.20
N SER K 111 -3.89 -34.40 18.22
CA SER K 111 -4.71 -34.32 17.01
C SER K 111 -4.05 -33.46 15.94
N ILE K 112 -3.20 -32.51 16.36
CA ILE K 112 -2.55 -31.61 15.41
C ILE K 112 -1.38 -32.29 14.69
N SER K 113 -1.03 -33.50 15.10
CA SER K 113 0.08 -34.20 14.48
C SER K 113 -0.22 -34.49 13.01
N THR K 114 0.84 -34.49 12.20
CA THR K 114 0.76 -34.74 10.75
C THR K 114 -0.17 -33.74 10.07
N THR K 115 -0.10 -32.48 10.51
CA THR K 115 -0.84 -31.40 9.86
C THR K 115 0.09 -30.34 9.27
N LEU K 116 1.40 -30.48 9.45
CA LEU K 116 2.38 -29.54 8.92
C LEU K 116 3.00 -30.03 7.63
N ARG K 117 2.54 -31.17 7.10
CA ARG K 117 3.17 -31.76 5.92
C ARG K 117 3.04 -30.87 4.70
N GLY K 118 1.86 -30.29 4.49
CA GLY K 118 1.58 -29.51 3.30
C GLY K 118 2.00 -28.06 3.34
N LEU K 119 2.56 -27.59 4.45
CA LEU K 119 2.96 -26.21 4.60
C LEU K 119 4.46 -26.01 4.51
N VAL K 120 5.23 -27.07 4.26
CA VAL K 120 6.68 -27.01 4.37
C VAL K 120 7.25 -26.01 3.36
N GLY K 121 7.80 -24.92 3.88
CA GLY K 121 8.34 -23.86 3.05
C GLY K 121 7.46 -22.65 2.90
N SER K 122 6.49 -22.45 3.78
CA SER K 122 5.56 -21.33 3.69
C SER K 122 5.53 -20.57 5.01
N THR K 123 5.08 -19.33 4.94
CA THR K 123 5.00 -18.49 6.13
C THR K 123 3.91 -19.00 7.07
N ILE K 124 4.23 -19.01 8.37
CA ILE K 124 3.30 -19.45 9.40
C ILE K 124 3.35 -18.43 10.53
N SER K 125 2.28 -18.39 11.32
CA SER K 125 2.15 -17.46 12.42
C SER K 125 1.95 -18.22 13.72
N LEU K 126 2.64 -17.79 14.77
CA LEU K 126 2.55 -18.40 16.08
C LEU K 126 2.55 -17.30 17.14
N THR K 127 2.20 -17.69 18.37
CA THR K 127 2.18 -16.75 19.48
C THR K 127 2.57 -17.48 20.76
N LEU K 128 3.42 -16.82 21.56
CA LEU K 128 3.89 -17.35 22.82
C LEU K 128 3.04 -16.81 23.95
N ILE K 129 2.82 -17.63 24.98
CA ILE K 129 2.12 -17.19 26.18
C ILE K 129 3.13 -17.14 27.32
N LEU K 130 3.43 -15.94 27.80
CA LEU K 130 4.39 -15.79 28.88
C LEU K 130 3.72 -16.01 30.23
N SER K 131 4.54 -16.19 31.25
CA SER K 131 4.05 -16.37 32.62
C SER K 131 3.78 -15.04 33.32
N ASN K 132 4.19 -13.93 32.72
CA ASN K 132 3.95 -12.61 33.29
C ASN K 132 2.71 -11.96 32.67
N GLY K 133 2.02 -12.65 31.78
CA GLY K 133 0.79 -12.13 31.21
C GLY K 133 0.94 -11.44 29.88
N GLU K 134 2.04 -11.64 29.15
CA GLU K 134 2.25 -11.01 27.86
C GLU K 134 2.33 -12.07 26.78
N THR K 135 1.92 -11.70 25.58
CA THR K 135 2.00 -12.58 24.42
C THR K 135 2.69 -11.85 23.27
N VAL K 136 3.46 -12.61 22.49
CA VAL K 136 4.24 -12.06 21.40
C VAL K 136 4.00 -12.89 20.14
N THR K 137 3.72 -12.22 19.03
CA THR K 137 3.49 -12.90 17.77
C THR K 137 4.80 -13.43 17.19
N VAL K 138 4.71 -14.57 16.51
CA VAL K 138 5.86 -15.25 15.92
C VAL K 138 5.62 -15.42 14.43
N SER K 139 6.61 -15.03 13.62
CA SER K 139 6.61 -15.29 12.18
C SER K 139 7.69 -16.31 11.88
N ALA K 140 7.35 -17.34 11.10
CA ALA K 140 8.24 -18.47 10.92
C ALA K 140 7.99 -19.17 9.60
N ILE K 141 8.95 -20.01 9.21
CA ILE K 141 8.81 -20.94 8.09
C ILE K 141 8.96 -22.36 8.62
N VAL K 142 7.97 -23.20 8.33
CA VAL K 142 8.05 -24.60 8.74
C VAL K 142 8.89 -25.38 7.74
N THR K 143 9.63 -26.36 8.25
CA THR K 143 10.46 -27.23 7.42
C THR K 143 10.02 -28.67 7.63
N SER K 144 10.47 -29.53 6.73
CA SER K 144 10.12 -30.95 6.77
C SER K 144 10.71 -31.65 7.99
N LEU L 13 -2.48 12.05 42.00
CA LEU L 13 -1.22 11.32 41.91
C LEU L 13 -1.34 10.11 40.99
N SER L 14 -2.52 9.50 41.01
CA SER L 14 -2.73 8.28 40.23
C SER L 14 -2.63 8.55 38.73
N GLY L 15 -2.94 9.77 38.32
CA GLY L 15 -2.90 10.09 36.90
C GLY L 15 -1.52 9.90 36.29
N ALA L 16 -0.48 10.40 36.97
CA ALA L 16 0.87 10.26 36.46
C ALA L 16 1.34 8.82 36.47
N VAL L 17 0.95 8.06 37.50
CA VAL L 17 1.32 6.64 37.55
C VAL L 17 0.71 5.89 36.37
N THR L 18 -0.58 6.14 36.10
CA THR L 18 -1.21 5.52 34.93
C THR L 18 -0.56 5.99 33.64
N ALA L 19 -0.17 7.26 33.58
CA ALA L 19 0.49 7.76 32.39
C ALA L 19 1.79 7.02 32.11
N LEU L 20 2.61 6.81 33.15
CA LEU L 20 3.83 6.04 32.98
C LEU L 20 3.56 4.59 32.62
N ILE L 21 2.59 3.94 33.27
CA ILE L 21 2.30 2.55 32.96
C ILE L 21 1.85 2.39 31.52
N LEU L 22 0.95 3.26 31.07
CA LEU L 22 0.45 3.18 29.70
C LEU L 22 1.55 3.46 28.69
N VAL L 23 2.43 4.42 28.98
CA VAL L 23 3.55 4.69 28.09
C VAL L 23 4.46 3.47 27.97
N ILE L 24 4.78 2.85 29.10
CA ILE L 24 5.65 1.68 29.08
C ILE L 24 5.01 0.55 28.28
N ALA L 25 3.72 0.29 28.52
CA ALA L 25 3.03 -0.77 27.80
C ALA L 25 2.97 -0.48 26.31
N SER L 26 2.70 0.78 25.94
CA SER L 26 2.63 1.16 24.53
C SER L 26 3.97 0.97 23.84
N VAL L 27 5.06 1.34 24.52
CA VAL L 27 6.39 1.16 23.94
C VAL L 27 6.68 -0.32 23.75
N ILE L 28 6.35 -1.15 24.74
CA ILE L 28 6.59 -2.59 24.60
C ILE L 28 5.80 -3.15 23.43
N ILE L 29 4.53 -2.74 23.31
CA ILE L 29 3.69 -3.28 22.24
C ILE L 29 4.22 -2.84 20.87
N ALA L 30 4.64 -1.57 20.76
CA ALA L 30 5.18 -1.10 19.50
C ALA L 30 6.46 -1.84 19.11
N LEU L 31 7.34 -2.08 20.08
CA LEU L 31 8.54 -2.86 19.78
C LEU L 31 8.19 -4.28 19.36
N VAL L 32 7.18 -4.88 19.99
CA VAL L 32 6.73 -6.22 19.59
C VAL L 32 6.24 -6.19 18.15
N VAL L 33 5.47 -5.17 17.79
CA VAL L 33 4.94 -5.08 16.43
C VAL L 33 6.08 -4.93 15.42
N VAL L 34 7.07 -4.10 15.74
CA VAL L 34 8.20 -3.91 14.83
C VAL L 34 8.98 -5.21 14.66
N GLY L 35 9.22 -5.91 15.78
CA GLY L 35 9.94 -7.17 15.70
C GLY L 35 9.19 -8.21 14.88
N PHE L 36 7.86 -8.24 15.02
CA PHE L 36 7.06 -9.14 14.20
C PHE L 36 7.15 -8.75 12.73
N ALA L 37 7.12 -7.44 12.44
CA ALA L 37 7.15 -6.98 11.06
C ALA L 37 8.46 -7.38 10.38
N PHE L 38 9.58 -7.28 11.09
CA PHE L 38 10.84 -7.72 10.50
C PHE L 38 10.87 -9.23 10.28
N GLY L 39 10.20 -9.98 11.17
CA GLY L 39 10.06 -11.41 10.94
C GLY L 39 9.30 -11.71 9.66
N LEU L 40 8.38 -10.82 9.28
CA LEU L 40 7.67 -10.99 8.02
C LEU L 40 8.62 -10.93 6.83
N PHE L 41 9.53 -9.97 6.81
CA PHE L 41 10.51 -9.89 5.73
C PHE L 41 11.43 -11.10 5.74
N GLY L 42 11.90 -11.49 6.93
CA GLY L 42 12.75 -12.66 7.02
C GLY L 42 12.07 -13.91 6.52
N ALA L 43 10.76 -14.02 6.75
CA ALA L 43 10.01 -15.18 6.27
C ALA L 43 9.78 -15.11 4.77
N PHE L 44 9.41 -13.93 4.25
CA PHE L 44 9.07 -13.81 2.84
C PHE L 44 10.29 -14.01 1.95
N THR L 45 11.46 -13.53 2.37
CA THR L 45 12.64 -13.67 1.51
C THR L 45 12.96 -15.14 1.25
N GLY L 46 12.87 -15.97 2.28
CA GLY L 46 13.18 -17.38 2.18
C GLY L 46 12.04 -18.27 1.75
N GLN L 47 10.90 -17.71 1.31
CA GLN L 47 9.77 -18.54 0.94
C GLN L 47 10.06 -19.36 -0.32
N GLY L 48 11.02 -18.92 -1.12
CA GLY L 48 11.46 -19.70 -2.25
C GLY L 48 10.96 -19.24 -3.60
N THR L 49 11.85 -19.20 -4.58
CA THR L 49 11.52 -18.89 -5.96
C THR L 49 12.03 -20.00 -6.86
N VAL L 50 11.17 -20.51 -7.73
CA VAL L 50 11.49 -21.66 -8.58
C VAL L 50 11.12 -21.30 -10.01
N ALA L 51 12.04 -21.56 -10.94
CA ALA L 51 11.81 -21.32 -12.36
C ALA L 51 12.54 -22.38 -13.19
N GLN L 52 12.03 -22.61 -14.39
CA GLN L 52 12.64 -23.57 -15.29
C GLN L 52 13.92 -22.97 -15.89
N VAL L 53 14.83 -23.86 -16.32
CA VAL L 53 16.12 -23.47 -16.87
C VAL L 53 16.29 -23.97 -18.30
N GLY L 54 15.88 -25.20 -18.59
CA GLY L 54 16.11 -25.79 -19.89
C GLY L 54 14.98 -26.71 -20.29
N THR L 55 15.08 -27.22 -21.52
CA THR L 55 14.11 -28.17 -22.04
C THR L 55 14.12 -29.45 -21.21
N ALA L 56 12.94 -29.94 -20.87
CA ALA L 56 12.80 -31.08 -19.99
C ALA L 56 12.85 -32.39 -20.77
N THR L 57 12.70 -33.49 -20.02
CA THR L 57 12.68 -34.83 -20.59
C THR L 57 11.39 -35.54 -20.21
N LEU L 58 10.69 -36.08 -21.20
CA LEU L 58 9.44 -36.79 -21.00
C LEU L 58 9.47 -38.10 -21.76
N SER L 59 9.15 -39.20 -21.08
CA SER L 59 9.10 -40.52 -21.67
C SER L 59 7.65 -40.93 -21.85
N ALA L 60 7.27 -41.25 -23.10
CA ALA L 60 5.88 -41.59 -23.38
C ALA L 60 5.54 -42.98 -22.85
N SER L 61 6.41 -43.96 -23.09
CA SER L 61 6.07 -45.35 -22.77
C SER L 61 6.10 -45.60 -21.26
N THR L 62 7.14 -45.12 -20.57
CA THR L 62 7.27 -45.35 -19.14
C THR L 62 6.63 -44.26 -18.29
N LEU L 63 6.21 -43.15 -18.89
CA LEU L 63 5.64 -42.02 -18.16
C LEU L 63 6.57 -41.56 -17.04
N THR L 64 7.87 -41.55 -17.34
CA THR L 64 8.89 -41.12 -16.38
C THR L 64 9.35 -39.72 -16.73
N LEU L 65 9.34 -38.83 -15.73
CA LEU L 65 9.64 -37.43 -15.94
C LEU L 65 10.95 -37.07 -15.25
N THR L 66 11.79 -36.31 -15.95
CA THR L 66 13.01 -35.75 -15.38
C THR L 66 13.13 -34.31 -15.84
N VAL L 67 13.01 -33.37 -14.90
CA VAL L 67 12.98 -31.96 -15.23
C VAL L 67 13.93 -31.25 -14.28
N THR L 68 14.58 -30.20 -14.78
CA THR L 68 15.52 -29.41 -13.99
C THR L 68 14.82 -28.16 -13.47
N LEU L 69 14.80 -27.99 -12.15
CA LEU L 69 14.17 -26.84 -11.52
C LEU L 69 15.21 -26.05 -10.75
N LYS L 70 15.34 -24.78 -11.07
CA LYS L 70 16.18 -23.90 -10.25
C LYS L 70 15.50 -23.67 -8.90
N ASN L 71 16.27 -23.86 -7.82
CA ASN L 71 15.74 -23.75 -6.48
C ASN L 71 16.55 -22.72 -5.70
N THR L 72 15.86 -21.72 -5.15
CA THR L 72 16.50 -20.67 -4.36
C THR L 72 15.85 -20.51 -3.00
N GLY L 73 15.13 -21.51 -2.52
CA GLY L 73 14.45 -21.41 -1.25
C GLY L 73 14.47 -22.70 -0.44
N ALA L 74 13.66 -22.75 0.62
CA ALA L 74 13.62 -23.93 1.46
C ALA L 74 13.07 -25.12 0.69
N SER L 75 13.59 -26.31 1.01
CA SER L 75 13.11 -27.53 0.38
C SER L 75 11.64 -27.74 0.71
N THR L 76 10.85 -28.06 -0.32
CA THR L 76 9.42 -28.24 -0.16
C THR L 76 8.97 -29.50 -0.88
N GLN L 77 7.94 -30.14 -0.35
CA GLN L 77 7.37 -31.31 -1.01
C GLN L 77 6.59 -30.88 -2.25
N VAL L 78 6.47 -31.81 -3.19
CA VAL L 78 5.67 -31.61 -4.39
C VAL L 78 4.36 -32.35 -4.20
N THR L 79 3.27 -31.58 -4.01
CA THR L 79 1.97 -32.18 -3.76
C THR L 79 1.51 -33.02 -4.94
N GLY L 80 1.75 -32.52 -6.16
CA GLY L 80 1.37 -33.26 -7.35
C GLY L 80 1.89 -32.58 -8.59
N VAL L 81 1.51 -33.13 -9.73
CA VAL L 81 1.90 -32.60 -11.03
C VAL L 81 0.63 -32.37 -11.84
N LEU L 82 0.69 -31.38 -12.73
CA LEU L 82 -0.44 -31.06 -13.59
C LEU L 82 -0.16 -31.56 -14.99
N ILE L 83 -1.15 -32.24 -15.56
CA ILE L 83 -1.05 -32.87 -16.88
C ILE L 83 -2.10 -32.22 -17.75
N ASN L 84 -2.25 -32.68 -18.99
CA ASN L 84 -3.15 -32.04 -19.94
C ASN L 84 -4.52 -31.77 -19.32
N GLY L 85 -5.26 -32.81 -18.99
CA GLY L 85 -6.62 -32.62 -18.52
C GLY L 85 -6.84 -32.93 -17.06
N ASN L 86 -6.09 -33.89 -16.53
CA ASN L 86 -6.25 -34.35 -15.16
C ASN L 86 -4.95 -34.12 -14.40
N SER L 87 -5.07 -33.66 -13.15
CA SER L 87 -3.90 -33.51 -12.30
C SER L 87 -3.30 -34.87 -11.98
N GLY L 88 -1.99 -34.89 -11.74
CA GLY L 88 -1.28 -36.12 -11.52
C GLY L 88 -0.52 -36.11 -10.21
N SER L 89 -0.30 -37.30 -9.68
CA SER L 89 0.41 -37.48 -8.43
C SER L 89 1.90 -37.67 -8.69
N VAL L 90 2.65 -37.84 -7.61
CA VAL L 90 4.09 -38.04 -7.66
C VAL L 90 4.41 -39.38 -7.02
N SER L 91 5.21 -40.19 -7.73
CA SER L 91 5.51 -41.54 -7.23
C SER L 91 6.73 -41.54 -6.33
N GLY L 92 7.88 -41.12 -6.86
CA GLY L 92 9.12 -41.17 -6.10
C GLY L 92 9.87 -39.85 -6.15
N MET L 93 10.82 -39.71 -5.24
CA MET L 93 11.64 -38.49 -5.11
C MET L 93 10.76 -37.25 -5.01
N THR L 94 9.79 -37.30 -4.11
CA THR L 94 8.91 -36.15 -3.89
C THR L 94 9.70 -34.95 -3.39
N THR L 95 10.63 -35.16 -2.47
CA THR L 95 11.41 -34.08 -1.91
C THR L 95 12.34 -33.48 -2.98
N ILE L 96 12.51 -32.16 -2.91
CA ILE L 96 13.33 -31.41 -3.86
C ILE L 96 14.57 -30.92 -3.13
N SER L 97 15.71 -30.98 -3.80
CA SER L 97 16.97 -30.48 -3.26
C SER L 97 17.28 -29.12 -3.84
N ALA L 98 17.73 -28.20 -2.98
CA ALA L 98 18.04 -26.85 -3.43
C ALA L 98 19.18 -26.87 -4.44
N GLY L 99 19.09 -26.00 -5.43
CA GLY L 99 20.09 -25.92 -6.48
C GLY L 99 19.71 -26.74 -7.70
N VAL L 100 20.42 -26.47 -8.81
CA VAL L 100 20.14 -27.16 -10.05
C VAL L 100 20.51 -28.63 -9.92
N ASN L 101 19.54 -29.51 -10.16
CA ASN L 101 19.75 -30.95 -10.09
C ASN L 101 18.83 -31.63 -11.09
N THR L 102 19.19 -32.86 -11.44
CA THR L 102 18.38 -33.71 -12.31
C THR L 102 17.84 -34.86 -11.48
N TYR L 103 16.52 -34.98 -11.41
CA TYR L 103 15.86 -35.99 -10.59
C TYR L 103 14.83 -36.74 -11.42
N THR L 104 14.73 -38.05 -11.20
CA THR L 104 13.79 -38.90 -11.92
C THR L 104 12.51 -39.04 -11.09
N ILE L 105 11.39 -38.58 -11.64
CA ILE L 105 10.10 -38.62 -10.96
C ILE L 105 9.10 -39.29 -11.89
N THR L 106 8.18 -40.07 -11.30
CA THR L 106 7.21 -40.85 -12.06
C THR L 106 5.81 -40.32 -11.79
N ILE L 107 5.08 -40.02 -12.85
CA ILE L 107 3.68 -39.59 -12.72
C ILE L 107 2.79 -40.83 -12.69
N SER L 108 1.82 -40.83 -11.77
CA SER L 108 0.94 -41.98 -11.55
C SER L 108 -0.50 -41.60 -11.86
N ILE L 109 -0.88 -41.71 -13.13
CA ILE L 109 -2.27 -41.57 -13.56
C ILE L 109 -2.62 -42.73 -14.46
N GLY L 110 -3.73 -43.41 -14.15
CA GLY L 110 -4.12 -44.56 -14.95
C GLY L 110 -4.56 -44.20 -16.36
N SER L 111 -5.29 -43.09 -16.51
CA SER L 111 -5.88 -42.77 -17.80
C SER L 111 -4.84 -42.27 -18.79
N ILE L 112 -3.89 -41.45 -18.33
CA ILE L 112 -2.92 -40.82 -19.23
C ILE L 112 -1.98 -41.85 -19.83
N SER L 113 -1.84 -43.01 -19.18
CA SER L 113 -0.90 -44.02 -19.66
C SER L 113 -1.26 -44.46 -21.08
N THR L 114 -0.23 -44.64 -21.90
CA THR L 114 -0.26 -45.08 -23.31
C THR L 114 -0.86 -44.02 -24.22
N THR L 115 -1.34 -42.89 -23.70
CA THR L 115 -1.88 -41.84 -24.57
C THR L 115 -0.75 -41.03 -25.22
N LEU L 116 0.38 -40.90 -24.53
CA LEU L 116 1.46 -40.04 -25.01
C LEU L 116 2.20 -40.63 -26.21
N ARG L 117 1.93 -41.88 -26.57
CA ARG L 117 2.66 -42.51 -27.66
C ARG L 117 2.41 -41.80 -28.99
N GLY L 118 1.26 -41.13 -29.12
CA GLY L 118 0.95 -40.44 -30.36
C GLY L 118 1.78 -39.19 -30.56
N LEU L 119 2.15 -38.52 -29.47
CA LEU L 119 2.79 -37.21 -29.52
C LEU L 119 4.28 -37.26 -29.22
N VAL L 120 4.98 -38.31 -29.68
CA VAL L 120 6.42 -38.36 -29.49
C VAL L 120 7.09 -37.30 -30.37
N GLY L 121 7.91 -36.46 -29.76
CA GLY L 121 8.64 -35.45 -30.48
C GLY L 121 7.95 -34.12 -30.66
N SER L 122 6.91 -33.84 -29.88
CA SER L 122 6.18 -32.58 -29.98
C SER L 122 6.25 -31.83 -28.65
N THR L 123 6.29 -30.50 -28.74
CA THR L 123 6.38 -29.69 -27.53
C THR L 123 5.11 -29.81 -26.70
N ILE L 124 5.29 -29.83 -25.38
CA ILE L 124 4.19 -30.01 -24.45
C ILE L 124 4.41 -29.10 -23.25
N SER L 125 3.32 -28.62 -22.67
CA SER L 125 3.35 -27.73 -21.52
C SER L 125 2.82 -28.46 -20.30
N LEU L 126 3.61 -28.49 -19.23
CA LEU L 126 3.21 -29.10 -17.97
C LEU L 126 3.36 -28.08 -16.85
N THR L 127 2.77 -28.40 -15.70
CA THR L 127 2.83 -27.54 -14.53
C THR L 127 3.21 -28.36 -13.31
N LEU L 128 4.19 -27.88 -12.56
CA LEU L 128 4.53 -28.43 -11.27
C LEU L 128 4.02 -27.49 -10.18
N ILE L 129 3.22 -28.01 -9.27
CA ILE L 129 2.58 -27.22 -8.23
C ILE L 129 3.33 -27.44 -6.92
N LEU L 130 3.84 -26.36 -6.35
CA LEU L 130 4.53 -26.45 -5.07
C LEU L 130 3.51 -26.37 -3.94
N SER L 131 3.92 -26.90 -2.78
CA SER L 131 3.01 -26.93 -1.64
C SER L 131 2.71 -25.54 -1.12
N ASN L 132 3.69 -24.63 -1.18
CA ASN L 132 3.54 -23.30 -0.59
C ASN L 132 3.04 -22.30 -1.63
N GLY L 133 2.01 -22.70 -2.36
CA GLY L 133 1.38 -21.79 -3.31
C GLY L 133 2.29 -21.29 -4.42
N GLU L 134 3.07 -22.19 -5.02
CA GLU L 134 3.80 -21.86 -6.23
C GLU L 134 3.41 -22.83 -7.34
N THR L 135 3.10 -22.27 -8.52
CA THR L 135 2.86 -23.06 -9.72
C THR L 135 3.81 -22.55 -10.78
N VAL L 136 4.57 -23.47 -11.39
CA VAL L 136 5.61 -23.11 -12.33
C VAL L 136 5.30 -23.72 -13.69
N THR L 137 5.36 -22.91 -14.73
CA THR L 137 5.15 -23.39 -16.09
C THR L 137 6.37 -24.15 -16.58
N VAL L 138 6.13 -25.35 -17.11
CA VAL L 138 7.20 -26.22 -17.58
C VAL L 138 6.95 -26.53 -19.05
N SER L 139 7.96 -26.29 -19.88
CA SER L 139 7.93 -26.65 -21.29
C SER L 139 8.83 -27.85 -21.52
N ALA L 140 8.30 -28.88 -22.15
CA ALA L 140 9.01 -30.14 -22.28
C ALA L 140 8.83 -30.70 -23.68
N ILE L 141 9.60 -31.74 -23.98
CA ILE L 141 9.53 -32.48 -25.24
C ILE L 141 9.18 -33.92 -24.91
N VAL L 142 8.27 -34.51 -25.68
CA VAL L 142 7.85 -35.88 -25.45
C VAL L 142 8.73 -36.83 -26.24
N THR L 143 9.28 -37.83 -25.56
CA THR L 143 10.15 -38.83 -26.17
C THR L 143 9.58 -40.22 -25.92
N SER L 144 9.93 -41.15 -26.81
CA SER L 144 9.46 -42.52 -26.70
C SER L 144 10.18 -43.24 -25.57
N LEU M 13 -5.06 13.70 56.39
CA LEU M 13 -5.46 12.31 56.53
C LEU M 13 -6.54 11.98 55.51
N SER M 14 -7.53 12.87 55.42
CA SER M 14 -8.60 12.68 54.44
C SER M 14 -8.06 12.69 53.02
N GLY M 15 -7.13 13.59 52.73
CA GLY M 15 -6.50 13.59 51.41
C GLY M 15 -5.63 12.37 51.18
N ALA M 16 -4.90 11.94 52.21
CA ALA M 16 -4.00 10.80 52.07
C ALA M 16 -4.76 9.52 51.77
N VAL M 17 -5.88 9.31 52.45
CA VAL M 17 -6.67 8.10 52.22
C VAL M 17 -7.20 8.06 50.80
N THR M 18 -7.70 9.19 50.30
CA THR M 18 -8.18 9.25 48.93
C THR M 18 -7.05 9.02 47.94
N ALA M 19 -5.88 9.60 48.20
CA ALA M 19 -4.74 9.37 47.32
C ALA M 19 -4.41 7.88 47.24
N LEU M 20 -4.34 7.21 48.40
CA LEU M 20 -4.03 5.78 48.42
C LEU M 20 -5.09 4.98 47.66
N ILE M 21 -6.37 5.20 47.98
CA ILE M 21 -7.43 4.39 47.37
C ILE M 21 -7.47 4.60 45.86
N LEU M 22 -7.39 5.86 45.42
CA LEU M 22 -7.44 6.14 44.00
C LEU M 22 -6.21 5.60 43.28
N VAL M 23 -5.04 5.64 43.92
CA VAL M 23 -3.84 5.07 43.30
C VAL M 23 -4.02 3.57 43.11
N ILE M 24 -4.51 2.87 44.14
CA ILE M 24 -4.69 1.42 44.01
C ILE M 24 -5.72 1.11 42.93
N ALA M 25 -6.83 1.86 42.89
CA ALA M 25 -7.86 1.61 41.89
C ALA M 25 -7.33 1.85 40.49
N SER M 26 -6.59 2.95 40.30
CA SER M 26 -6.01 3.24 38.98
C SER M 26 -5.02 2.17 38.57
N VAL M 27 -4.24 1.65 39.51
CA VAL M 27 -3.29 0.60 39.19
C VAL M 27 -4.02 -0.66 38.75
N ILE M 28 -5.06 -1.05 39.48
CA ILE M 28 -5.83 -2.24 39.09
C ILE M 28 -6.41 -2.06 37.70
N ILE M 29 -6.95 -0.87 37.42
CA ILE M 29 -7.52 -0.59 36.11
C ILE M 29 -6.45 -0.66 35.03
N ALA M 30 -5.27 -0.13 35.31
CA ALA M 30 -4.19 -0.14 34.32
C ALA M 30 -3.75 -1.57 34.00
N LEU M 31 -3.59 -2.42 35.02
CA LEU M 31 -3.29 -3.81 34.74
C LEU M 31 -4.40 -4.49 33.95
N VAL M 32 -5.66 -4.19 34.25
CA VAL M 32 -6.74 -4.80 33.50
C VAL M 32 -6.65 -4.42 32.02
N VAL M 33 -6.42 -3.13 31.75
CA VAL M 33 -6.36 -2.66 30.37
C VAL M 33 -5.16 -3.27 29.65
N VAL M 34 -4.00 -3.31 30.32
CA VAL M 34 -2.80 -3.87 29.69
C VAL M 34 -3.00 -5.35 29.41
N GLY M 35 -3.61 -6.08 30.34
CA GLY M 35 -3.90 -7.48 30.10
C GLY M 35 -4.83 -7.68 28.92
N PHE M 36 -5.86 -6.84 28.81
CA PHE M 36 -6.75 -6.93 27.66
C PHE M 36 -6.00 -6.70 26.36
N ALA M 37 -5.16 -5.66 26.33
CA ALA M 37 -4.41 -5.34 25.12
C ALA M 37 -3.48 -6.48 24.73
N PHE M 38 -2.79 -7.07 25.71
CA PHE M 38 -1.86 -8.15 25.41
C PHE M 38 -2.59 -9.42 25.00
N GLY M 39 -3.76 -9.69 25.59
CA GLY M 39 -4.54 -10.84 25.16
C GLY M 39 -5.03 -10.68 23.73
N LEU M 40 -5.36 -9.45 23.34
CA LEU M 40 -5.81 -9.21 21.98
C LEU M 40 -4.75 -9.64 20.96
N PHE M 41 -3.48 -9.62 21.35
CA PHE M 41 -2.42 -10.05 20.44
C PHE M 41 -2.68 -11.46 19.93
N GLY M 42 -2.67 -12.44 20.83
CA GLY M 42 -2.95 -13.80 20.43
C GLY M 42 -4.37 -13.98 19.92
N ALA M 43 -5.32 -13.22 20.48
CA ALA M 43 -6.71 -13.34 20.07
C ALA M 43 -6.87 -13.05 18.58
N PHE M 44 -6.15 -12.06 18.07
CA PHE M 44 -6.30 -11.72 16.66
C PHE M 44 -5.26 -12.42 15.80
N THR M 45 -4.17 -12.89 16.40
CA THR M 45 -3.20 -13.67 15.63
C THR M 45 -3.77 -15.04 15.29
N GLY M 46 -4.47 -15.67 16.23
CA GLY M 46 -5.10 -16.94 15.99
C GLY M 46 -6.51 -16.85 15.45
N GLN M 47 -6.90 -15.71 14.87
CA GLN M 47 -8.27 -15.55 14.38
C GLN M 47 -8.55 -16.49 13.22
N GLY M 48 -7.54 -16.83 12.44
CA GLY M 48 -7.72 -17.72 11.31
C GLY M 48 -7.42 -17.09 9.97
N THR M 49 -6.37 -17.59 9.31
CA THR M 49 -5.99 -17.11 7.99
C THR M 49 -5.99 -18.29 7.01
N VAL M 50 -6.52 -18.05 5.82
CA VAL M 50 -6.65 -19.08 4.79
C VAL M 50 -6.23 -18.48 3.46
N ALA M 51 -5.44 -19.24 2.70
CA ALA M 51 -4.99 -18.81 1.38
C ALA M 51 -5.17 -19.95 0.39
N GLN M 52 -5.06 -19.61 -0.89
CA GLN M 52 -5.20 -20.56 -1.99
C GLN M 52 -3.82 -20.87 -2.55
N VAL M 53 -3.50 -22.16 -2.67
CA VAL M 53 -2.13 -22.59 -2.96
C VAL M 53 -2.01 -23.49 -4.19
N GLY M 54 -3.12 -23.81 -4.86
CA GLY M 54 -3.02 -24.68 -6.02
C GLY M 54 -4.24 -24.56 -6.90
N THR M 55 -4.10 -25.02 -8.13
CA THR M 55 -5.20 -24.99 -9.09
C THR M 55 -6.38 -25.82 -8.57
N ALA M 56 -7.57 -25.24 -8.65
CA ALA M 56 -8.78 -25.87 -8.13
C ALA M 56 -9.59 -26.41 -9.30
N THR M 57 -9.84 -27.72 -9.29
CA THR M 57 -10.64 -28.32 -10.35
C THR M 57 -12.12 -28.21 -10.03
N LEU M 58 -12.90 -27.79 -11.03
CA LEU M 58 -14.34 -27.70 -10.93
C LEU M 58 -14.97 -28.70 -11.89
N SER M 59 -16.01 -29.39 -11.42
CA SER M 59 -16.74 -30.35 -12.23
C SER M 59 -17.97 -29.67 -12.81
N ALA M 60 -18.15 -29.79 -14.12
CA ALA M 60 -19.29 -29.14 -14.77
C ALA M 60 -20.59 -29.92 -14.54
N SER M 61 -20.50 -31.26 -14.52
CA SER M 61 -21.71 -32.08 -14.49
C SER M 61 -22.36 -32.08 -13.12
N THR M 62 -21.65 -32.58 -12.11
CA THR M 62 -22.20 -32.69 -10.77
C THR M 62 -21.94 -31.46 -9.91
N LEU M 63 -21.26 -30.45 -10.45
CA LEU M 63 -20.89 -29.22 -9.78
C LEU M 63 -19.96 -29.50 -8.60
N THR M 64 -19.36 -30.69 -8.55
CA THR M 64 -18.38 -30.99 -7.51
C THR M 64 -17.18 -30.07 -7.66
N LEU M 65 -16.71 -29.54 -6.53
CA LEU M 65 -15.62 -28.57 -6.53
C LEU M 65 -14.45 -29.16 -5.76
N THR M 66 -13.29 -29.21 -6.42
CA THR M 66 -12.05 -29.69 -5.81
C THR M 66 -11.10 -28.51 -5.65
N VAL M 67 -10.79 -28.17 -4.40
CA VAL M 67 -9.97 -27.01 -4.09
C VAL M 67 -8.78 -27.43 -3.23
N THR M 68 -7.86 -26.49 -3.04
CA THR M 68 -6.69 -26.67 -2.19
C THR M 68 -6.40 -25.35 -1.49
N LEU M 69 -6.86 -25.23 -0.25
CA LEU M 69 -6.69 -24.00 0.52
C LEU M 69 -5.86 -24.29 1.77
N LYS M 70 -4.71 -23.64 1.86
CA LYS M 70 -3.89 -23.72 3.06
C LYS M 70 -4.60 -23.05 4.23
N ASN M 71 -4.54 -23.68 5.40
CA ASN M 71 -5.05 -23.09 6.63
C ASN M 71 -3.89 -22.87 7.59
N THR M 72 -3.45 -21.62 7.70
CA THR M 72 -2.38 -21.24 8.61
C THR M 72 -2.95 -20.63 9.89
N GLY M 73 -4.27 -20.69 10.07
CA GLY M 73 -4.92 -20.11 11.22
C GLY M 73 -5.85 -21.10 11.90
N ALA M 74 -6.82 -20.54 12.62
CA ALA M 74 -7.75 -21.36 13.39
C ALA M 74 -8.63 -22.19 12.48
N SER M 75 -9.16 -23.28 13.04
CA SER M 75 -10.14 -24.08 12.32
C SER M 75 -11.38 -23.24 12.04
N THR M 76 -11.79 -23.22 10.78
CA THR M 76 -12.91 -22.40 10.35
C THR M 76 -13.88 -23.26 9.54
N GLN M 77 -15.05 -22.68 9.27
CA GLN M 77 -16.08 -23.32 8.46
C GLN M 77 -16.40 -22.42 7.27
N VAL M 78 -16.51 -23.02 6.09
CA VAL M 78 -16.88 -22.29 4.88
C VAL M 78 -18.36 -21.95 4.99
N THR M 79 -18.65 -20.68 5.27
CA THR M 79 -20.03 -20.25 5.47
C THR M 79 -20.83 -20.36 4.18
N GLY M 80 -20.26 -19.94 3.06
CA GLY M 80 -20.97 -19.97 1.81
C GLY M 80 -20.02 -19.81 0.63
N VAL M 81 -20.56 -20.05 -0.56
CA VAL M 81 -19.82 -19.95 -1.80
C VAL M 81 -20.55 -18.99 -2.73
N LEU M 82 -19.80 -18.19 -3.48
CA LEU M 82 -20.34 -17.26 -4.44
C LEU M 82 -19.80 -17.61 -5.82
N ILE M 83 -20.69 -17.63 -6.81
CA ILE M 83 -20.32 -17.93 -8.18
C ILE M 83 -20.61 -16.67 -8.99
N ASN M 84 -20.41 -16.74 -10.31
CA ASN M 84 -20.48 -15.54 -11.15
C ASN M 84 -21.76 -14.75 -10.92
N GLY M 85 -22.91 -15.43 -10.82
CA GLY M 85 -24.16 -14.71 -10.69
C GLY M 85 -25.02 -15.13 -9.51
N ASN M 86 -24.70 -16.25 -8.87
CA ASN M 86 -25.53 -16.80 -7.82
C ASN M 86 -24.69 -17.12 -6.59
N SER M 87 -25.38 -17.25 -5.45
CA SER M 87 -24.77 -17.65 -4.19
C SER M 87 -25.51 -18.87 -3.66
N GLY M 88 -24.76 -19.89 -3.28
CA GLY M 88 -25.35 -21.13 -2.81
C GLY M 88 -24.61 -21.66 -1.59
N SER M 89 -25.20 -22.69 -0.99
CA SER M 89 -24.61 -23.30 0.19
C SER M 89 -23.56 -24.33 -0.19
N VAL M 90 -22.82 -24.80 0.81
CA VAL M 90 -21.84 -25.85 0.65
C VAL M 90 -22.40 -27.13 1.26
N SER M 91 -22.24 -28.24 0.56
CA SER M 91 -22.89 -29.48 0.98
C SER M 91 -22.09 -30.21 2.05
N GLY M 92 -20.82 -30.51 1.77
CA GLY M 92 -20.03 -31.35 2.66
C GLY M 92 -18.66 -30.77 2.90
N MET M 93 -18.00 -31.33 3.92
CA MET M 93 -16.66 -30.90 4.34
C MET M 93 -16.62 -29.41 4.64
N THR M 94 -17.61 -28.94 5.40
CA THR M 94 -17.64 -27.53 5.79
C THR M 94 -16.43 -27.17 6.66
N THR M 95 -16.08 -28.06 7.60
CA THR M 95 -14.94 -27.81 8.46
C THR M 95 -13.63 -27.89 7.68
N ILE M 96 -12.73 -26.95 7.96
CA ILE M 96 -11.40 -26.94 7.36
C ILE M 96 -10.38 -27.16 8.47
N SER M 97 -9.60 -28.23 8.36
CA SER M 97 -8.57 -28.52 9.35
C SER M 97 -7.32 -27.69 9.09
N ALA M 98 -6.35 -27.82 10.00
CA ALA M 98 -5.08 -27.15 9.82
C ALA M 98 -4.29 -27.80 8.70
N GLY M 99 -3.54 -26.98 7.96
CA GLY M 99 -2.63 -27.48 6.94
C GLY M 99 -3.31 -27.71 5.60
N VAL M 100 -2.47 -27.91 4.58
CA VAL M 100 -2.98 -28.12 3.23
C VAL M 100 -3.61 -29.51 3.11
N ASN M 101 -4.78 -29.56 2.51
CA ASN M 101 -5.47 -30.81 2.24
C ASN M 101 -6.25 -30.68 0.95
N THR M 102 -6.83 -31.80 0.51
CA THR M 102 -7.67 -31.85 -0.68
C THR M 102 -9.12 -31.83 -0.24
N TYR M 103 -9.85 -30.77 -0.62
CA TYR M 103 -11.21 -30.55 -0.17
C TYR M 103 -12.18 -30.80 -1.30
N THR M 104 -13.20 -31.62 -1.04
CA THR M 104 -14.27 -31.90 -1.99
C THR M 104 -15.55 -31.22 -1.49
N ILE M 105 -15.96 -30.15 -2.18
CA ILE M 105 -17.10 -29.35 -1.76
C ILE M 105 -18.14 -29.37 -2.87
N THR M 106 -19.39 -29.62 -2.50
CA THR M 106 -20.51 -29.67 -3.44
C THR M 106 -21.40 -28.45 -3.24
N ILE M 107 -21.78 -27.82 -4.35
CA ILE M 107 -22.63 -26.63 -4.33
C ILE M 107 -24.00 -27.01 -4.88
N SER M 108 -25.05 -26.47 -4.30
CA SER M 108 -26.43 -26.78 -4.68
C SER M 108 -27.13 -25.51 -5.13
N ILE M 109 -27.00 -25.19 -6.42
CA ILE M 109 -27.74 -24.10 -7.04
C ILE M 109 -28.40 -24.64 -8.31
N GLY M 110 -29.73 -24.50 -8.39
CA GLY M 110 -30.44 -25.03 -9.54
C GLY M 110 -30.11 -24.30 -10.83
N SER M 111 -30.00 -22.97 -10.76
CA SER M 111 -29.79 -22.19 -11.97
C SER M 111 -28.40 -22.40 -12.55
N ILE M 112 -27.40 -22.60 -11.69
CA ILE M 112 -26.02 -22.73 -12.15
C ILE M 112 -25.85 -24.00 -12.97
N SER M 113 -26.58 -25.06 -12.63
CA SER M 113 -26.41 -26.35 -13.26
C SER M 113 -26.62 -26.26 -14.78
N THR M 114 -25.73 -26.92 -15.52
CA THR M 114 -25.72 -27.10 -16.98
C THR M 114 -25.36 -25.81 -17.73
N THR M 115 -25.19 -24.67 -17.04
CA THR M 115 -24.80 -23.45 -17.75
C THR M 115 -23.30 -23.41 -17.98
N LEU M 116 -22.50 -24.01 -17.09
CA LEU M 116 -21.06 -23.96 -17.20
C LEU M 116 -20.49 -25.01 -18.15
N ARG M 117 -21.35 -25.85 -18.75
CA ARG M 117 -20.85 -26.89 -19.64
C ARG M 117 -20.12 -26.31 -20.85
N GLY M 118 -20.54 -25.12 -21.29
CA GLY M 118 -19.86 -24.49 -22.41
C GLY M 118 -18.51 -23.90 -22.02
N LEU M 119 -18.28 -23.74 -20.73
CA LEU M 119 -17.04 -23.15 -20.23
C LEU M 119 -15.99 -24.19 -19.86
N VAL M 120 -16.07 -25.39 -20.44
CA VAL M 120 -15.14 -26.45 -20.07
C VAL M 120 -13.74 -26.09 -20.57
N GLY M 121 -12.76 -26.19 -19.69
CA GLY M 121 -11.38 -25.90 -20.02
C GLY M 121 -10.95 -24.47 -19.75
N SER M 122 -11.89 -23.57 -19.44
CA SER M 122 -11.55 -22.18 -19.22
C SER M 122 -11.17 -21.94 -17.75
N THR M 123 -10.94 -20.67 -17.43
CA THR M 123 -10.57 -20.25 -16.09
C THR M 123 -11.72 -19.48 -15.45
N ILE M 124 -12.16 -19.92 -14.27
CA ILE M 124 -13.26 -19.30 -13.56
C ILE M 124 -12.81 -18.99 -12.14
N SER M 125 -13.18 -17.81 -11.65
CA SER M 125 -12.83 -17.36 -10.31
C SER M 125 -14.03 -17.47 -9.39
N LEU M 126 -13.83 -18.06 -8.22
CA LEU M 126 -14.88 -18.31 -7.26
C LEU M 126 -14.56 -17.62 -5.93
N THR M 127 -15.58 -17.46 -5.11
CA THR M 127 -15.47 -16.79 -3.82
C THR M 127 -15.98 -17.72 -2.73
N LEU M 128 -15.19 -17.86 -1.67
CA LEU M 128 -15.55 -18.68 -0.51
C LEU M 128 -15.61 -17.79 0.72
N ILE M 129 -16.81 -17.49 1.19
CA ILE M 129 -16.98 -16.65 2.36
C ILE M 129 -16.77 -17.49 3.60
N LEU M 130 -15.74 -17.17 4.37
CA LEU M 130 -15.41 -17.94 5.57
C LEU M 130 -16.21 -17.44 6.76
N SER M 131 -16.10 -18.17 7.86
CA SER M 131 -16.81 -17.84 9.10
C SER M 131 -15.98 -16.98 10.06
N ASN M 132 -14.70 -16.76 9.77
CA ASN M 132 -13.85 -15.95 10.63
C ASN M 132 -13.79 -14.49 10.19
N GLY M 133 -14.48 -14.12 9.10
CA GLY M 133 -14.54 -12.75 8.67
C GLY M 133 -13.71 -12.40 7.45
N GLU M 134 -13.04 -13.38 6.85
CA GLU M 134 -12.21 -13.14 5.67
C GLU M 134 -12.81 -13.85 4.47
N THR M 135 -12.77 -13.20 3.32
CA THR M 135 -13.21 -13.84 2.08
C THR M 135 -12.03 -14.42 1.34
N VAL M 136 -12.29 -15.46 0.56
CA VAL M 136 -11.26 -16.18 -0.19
C VAL M 136 -11.62 -16.19 -1.66
N THR M 137 -10.66 -15.80 -2.49
CA THR M 137 -10.82 -15.84 -3.94
C THR M 137 -10.01 -17.00 -4.49
N VAL M 138 -10.63 -17.83 -5.32
CA VAL M 138 -10.05 -19.06 -5.81
C VAL M 138 -9.97 -18.99 -7.33
N SER M 139 -8.87 -19.49 -7.88
CA SER M 139 -8.71 -19.66 -9.32
C SER M 139 -9.03 -21.11 -9.68
N ALA M 140 -10.00 -21.30 -10.56
CA ALA M 140 -10.53 -22.62 -10.82
C ALA M 140 -10.62 -22.89 -12.32
N ILE M 141 -10.54 -24.17 -12.68
CA ILE M 141 -10.63 -24.63 -14.06
C ILE M 141 -11.88 -25.51 -14.17
N VAL M 142 -12.75 -25.19 -15.13
CA VAL M 142 -13.99 -25.92 -15.32
C VAL M 142 -13.69 -27.17 -16.13
N THR M 143 -14.04 -28.33 -15.58
CA THR M 143 -13.81 -29.61 -16.23
C THR M 143 -15.11 -30.42 -16.24
N SER M 144 -15.20 -31.33 -17.21
CA SER M 144 -16.38 -32.18 -17.33
C SER M 144 -16.05 -33.63 -16.99
N LEU N 13 -1.22 3.62 23.10
CA LEU N 13 -1.64 2.23 23.25
C LEU N 13 -2.66 1.87 22.18
N SER N 14 -3.67 2.72 22.03
CA SER N 14 -4.69 2.51 21.01
C SER N 14 -4.07 2.55 19.62
N GLY N 15 -3.15 3.49 19.39
CA GLY N 15 -2.46 3.53 18.11
C GLY N 15 -1.68 2.27 17.83
N ALA N 16 -1.02 1.73 18.86
CA ALA N 16 -0.27 0.49 18.70
C ALA N 16 -1.19 -0.67 18.37
N VAL N 17 -2.34 -0.76 19.04
CA VAL N 17 -3.29 -1.84 18.76
C VAL N 17 -3.81 -1.72 17.34
N THR N 18 -4.16 -0.51 16.91
CA THR N 18 -4.61 -0.31 15.54
C THR N 18 -3.54 -0.70 14.55
N ALA N 19 -2.28 -0.34 14.84
CA ALA N 19 -1.18 -0.71 13.96
C ALA N 19 -1.05 -2.22 13.84
N LEU N 20 -1.15 -2.93 14.96
CA LEU N 20 -1.06 -4.38 14.90
C LEU N 20 -2.19 -4.97 14.06
N ILE N 21 -3.43 -4.52 14.29
CA ILE N 21 -4.56 -5.11 13.56
C ILE N 21 -4.40 -4.84 12.07
N LEU N 22 -4.01 -3.62 11.70
CA LEU N 22 -3.82 -3.30 10.29
C LEU N 22 -2.69 -4.12 9.68
N VAL N 23 -1.59 -4.31 10.42
CA VAL N 23 -0.49 -5.10 9.88
C VAL N 23 -0.93 -6.54 9.64
N ILE N 24 -1.64 -7.14 10.60
CA ILE N 24 -2.10 -8.51 10.42
C ILE N 24 -3.05 -8.61 9.24
N ALA N 25 -3.99 -7.66 9.14
CA ALA N 25 -4.92 -7.66 8.02
C ALA N 25 -4.16 -7.59 6.70
N SER N 26 -3.14 -6.72 6.63
CA SER N 26 -2.34 -6.62 5.41
C SER N 26 -1.62 -7.93 5.13
N VAL N 27 -1.24 -8.66 6.19
CA VAL N 27 -0.61 -9.96 6.00
C VAL N 27 -1.56 -10.92 5.28
N ILE N 28 -2.79 -11.05 5.79
CA ILE N 28 -3.74 -11.92 5.11
C ILE N 28 -4.02 -11.44 3.69
N ILE N 29 -4.14 -10.12 3.51
CA ILE N 29 -4.40 -9.57 2.18
C ILE N 29 -3.30 -9.95 1.21
N ALA N 30 -2.05 -9.70 1.59
CA ALA N 30 -0.93 -10.00 0.69
C ALA N 30 -0.85 -11.49 0.40
N LEU N 31 -1.06 -12.33 1.41
CA LEU N 31 -0.98 -13.77 1.18
C LEU N 31 -2.06 -14.24 0.23
N VAL N 32 -3.30 -13.77 0.41
CA VAL N 32 -4.38 -14.23 -0.46
C VAL N 32 -4.20 -13.71 -1.87
N VAL N 33 -3.69 -12.47 -2.01
CA VAL N 33 -3.45 -11.92 -3.34
C VAL N 33 -2.37 -12.71 -4.06
N VAL N 34 -1.28 -13.04 -3.36
CA VAL N 34 -0.21 -13.83 -3.97
C VAL N 34 -0.72 -15.21 -4.38
N GLY N 35 -1.51 -15.85 -3.51
CA GLY N 35 -2.06 -17.15 -3.84
C GLY N 35 -2.97 -17.10 -5.06
N PHE N 36 -3.85 -16.10 -5.12
CA PHE N 36 -4.72 -15.96 -6.28
C PHE N 36 -3.91 -15.70 -7.55
N ALA N 37 -2.85 -14.90 -7.44
CA ALA N 37 -2.01 -14.63 -8.60
C ALA N 37 -1.35 -15.90 -9.13
N PHE N 38 -0.83 -16.74 -8.23
CA PHE N 38 -0.24 -17.99 -8.67
C PHE N 38 -1.30 -18.94 -9.23
N GLY N 39 -2.52 -18.87 -8.70
CA GLY N 39 -3.60 -19.64 -9.27
C GLY N 39 -3.86 -19.29 -10.72
N LEU N 40 -3.71 -18.02 -11.08
CA LEU N 40 -3.88 -17.60 -12.46
C LEU N 40 -2.80 -18.20 -13.35
N PHE N 41 -1.55 -18.20 -12.90
CA PHE N 41 -0.49 -18.88 -13.65
C PHE N 41 -0.86 -20.33 -13.90
N GLY N 42 -1.27 -21.03 -12.84
CA GLY N 42 -1.63 -22.43 -13.00
C GLY N 42 -2.78 -22.63 -13.97
N ALA N 43 -3.84 -21.84 -13.84
CA ALA N 43 -5.03 -22.02 -14.67
C ALA N 43 -4.73 -21.72 -16.13
N PHE N 44 -4.03 -20.62 -16.41
CA PHE N 44 -3.75 -20.28 -17.81
C PHE N 44 -2.69 -21.19 -18.41
N THR N 45 -1.82 -21.77 -17.59
CA THR N 45 -0.95 -22.81 -18.13
C THR N 45 -1.76 -24.06 -18.46
N GLY N 46 -2.81 -24.32 -17.69
CA GLY N 46 -3.67 -25.45 -17.94
C GLY N 46 -4.94 -25.20 -18.73
N GLN N 47 -5.07 -24.04 -19.40
CA GLN N 47 -6.33 -23.76 -20.10
C GLN N 47 -6.57 -24.75 -21.23
N GLY N 48 -5.53 -25.09 -21.98
CA GLY N 48 -5.68 -26.00 -23.09
C GLY N 48 -5.48 -25.36 -24.44
N THR N 49 -4.43 -25.78 -25.15
CA THR N 49 -4.11 -25.26 -26.47
C THR N 49 -4.34 -26.37 -27.49
N VAL N 50 -5.17 -26.08 -28.50
CA VAL N 50 -5.55 -27.06 -29.51
C VAL N 50 -5.21 -26.50 -30.87
N ALA N 51 -4.57 -27.31 -31.70
CA ALA N 51 -4.18 -26.91 -33.04
C ALA N 51 -4.12 -28.12 -33.95
N GLN N 52 -4.18 -27.87 -35.25
CA GLN N 52 -4.05 -28.92 -36.25
C GLN N 52 -2.60 -29.37 -36.34
N VAL N 53 -2.40 -30.65 -36.67
CA VAL N 53 -1.07 -31.21 -36.86
C VAL N 53 -0.91 -31.95 -38.17
N GLY N 54 -2.00 -32.27 -38.87
CA GLY N 54 -1.90 -32.97 -40.14
C GLY N 54 -3.01 -32.55 -41.08
N THR N 55 -2.82 -32.89 -42.35
CA THR N 55 -3.82 -32.55 -43.36
C THR N 55 -5.13 -33.25 -43.07
N ALA N 56 -6.23 -32.50 -43.13
CA ALA N 56 -7.55 -33.06 -42.86
C ALA N 56 -8.22 -33.47 -44.17
N THR N 57 -9.25 -34.32 -44.04
CA THR N 57 -10.01 -34.81 -45.17
C THR N 57 -11.49 -34.61 -44.89
N LEU N 58 -12.19 -33.97 -45.82
CA LEU N 58 -13.62 -33.73 -45.70
C LEU N 58 -14.35 -34.49 -46.80
N SER N 59 -15.31 -35.31 -46.40
CA SER N 59 -16.11 -36.08 -47.35
C SER N 59 -17.31 -35.25 -47.78
N ALA N 60 -17.30 -34.81 -49.04
CA ALA N 60 -18.36 -33.93 -49.52
C ALA N 60 -19.68 -34.69 -49.68
N SER N 61 -19.61 -36.01 -49.86
CA SER N 61 -20.82 -36.79 -50.10
C SER N 61 -21.76 -36.76 -48.90
N THR N 62 -21.21 -36.97 -47.70
CA THR N 62 -22.01 -37.05 -46.49
C THR N 62 -21.58 -36.04 -45.43
N LEU N 63 -20.82 -35.02 -45.80
CA LEU N 63 -20.35 -33.99 -44.87
C LEU N 63 -19.46 -34.58 -43.77
N THR N 64 -18.94 -35.78 -44.00
CA THR N 64 -18.05 -36.41 -43.03
C THR N 64 -16.72 -35.68 -43.00
N LEU N 65 -16.19 -35.50 -41.78
CA LEU N 65 -14.93 -34.78 -41.59
C LEU N 65 -13.98 -35.63 -40.78
N THR N 66 -12.71 -35.63 -41.17
CA THR N 66 -11.66 -36.37 -40.48
C THR N 66 -10.44 -35.46 -40.31
N VAL N 67 -10.18 -35.03 -39.08
CA VAL N 67 -9.08 -34.12 -38.80
C VAL N 67 -8.27 -34.72 -37.66
N THR N 68 -7.01 -34.31 -37.55
CA THR N 68 -6.14 -34.70 -36.45
C THR N 68 -5.81 -33.45 -35.64
N LEU N 69 -6.15 -33.47 -34.36
CA LEU N 69 -5.96 -32.33 -33.48
C LEU N 69 -5.19 -32.75 -32.25
N LYS N 70 -4.40 -31.82 -31.70
CA LYS N 70 -3.62 -32.06 -30.50
C LYS N 70 -4.07 -31.08 -29.42
N ASN N 71 -4.41 -31.61 -28.25
CA ASN N 71 -4.75 -30.79 -27.10
C ASN N 71 -3.68 -30.98 -26.02
N THR N 72 -2.82 -29.98 -25.88
CA THR N 72 -1.73 -30.00 -24.91
C THR N 72 -2.25 -29.73 -23.51
N GLY N 73 -3.45 -29.20 -23.36
CA GLY N 73 -3.99 -28.90 -22.06
C GLY N 73 -5.28 -29.61 -21.75
N ALA N 74 -6.18 -28.95 -21.04
CA ALA N 74 -7.38 -29.59 -20.50
C ALA N 74 -8.30 -30.07 -21.64
N SER N 75 -9.17 -31.00 -21.28
CA SER N 75 -10.19 -31.46 -22.21
C SER N 75 -11.07 -30.30 -22.65
N THR N 76 -11.34 -30.23 -23.94
CA THR N 76 -12.06 -29.10 -24.52
C THR N 76 -13.18 -29.64 -25.41
N GLN N 77 -14.26 -28.88 -25.51
CA GLN N 77 -15.46 -29.29 -26.23
C GLN N 77 -15.59 -28.47 -27.50
N VAL N 78 -15.91 -29.15 -28.61
CA VAL N 78 -16.11 -28.46 -29.90
C VAL N 78 -17.57 -28.02 -29.92
N THR N 79 -17.79 -26.76 -29.54
CA THR N 79 -19.16 -26.26 -29.48
C THR N 79 -19.75 -26.09 -30.88
N GLY N 80 -18.99 -25.52 -31.80
CA GLY N 80 -19.49 -25.26 -33.14
C GLY N 80 -18.36 -25.23 -34.15
N VAL N 81 -18.75 -25.37 -35.42
CA VAL N 81 -17.82 -25.31 -36.55
C VAL N 81 -18.29 -24.22 -37.50
N LEU N 82 -17.34 -23.51 -38.10
CA LEU N 82 -17.66 -22.41 -39.01
C LEU N 82 -16.90 -22.59 -40.30
N ILE N 83 -17.62 -22.49 -41.42
CA ILE N 83 -17.02 -22.53 -42.75
C ILE N 83 -17.23 -21.15 -43.36
N ASN N 84 -16.71 -20.92 -44.56
CA ASN N 84 -16.88 -19.60 -45.19
C ASN N 84 -18.34 -19.27 -45.40
N GLY N 85 -19.13 -20.24 -45.86
CA GLY N 85 -20.54 -19.97 -46.13
C GLY N 85 -21.33 -19.65 -44.88
N ASN N 86 -21.24 -20.51 -43.86
CA ASN N 86 -22.02 -20.36 -42.65
C ASN N 86 -21.45 -21.30 -41.59
N SER N 87 -22.01 -21.21 -40.39
CA SER N 87 -21.61 -22.04 -39.27
C SER N 87 -22.78 -22.93 -38.84
N GLY N 88 -22.50 -24.21 -38.64
CA GLY N 88 -23.52 -25.15 -38.24
C GLY N 88 -23.04 -26.00 -37.06
N SER N 89 -23.99 -26.69 -36.46
CA SER N 89 -23.69 -27.52 -35.30
C SER N 89 -22.93 -28.77 -35.72
N VAL N 90 -22.16 -29.32 -34.77
CA VAL N 90 -21.42 -30.56 -34.97
C VAL N 90 -22.22 -31.70 -34.36
N SER N 91 -22.11 -32.88 -34.95
CA SER N 91 -22.87 -34.05 -34.51
C SER N 91 -22.01 -35.27 -34.24
N GLY N 92 -20.70 -35.18 -34.38
CA GLY N 92 -19.84 -36.32 -34.23
C GLY N 92 -18.66 -36.05 -33.32
N MET N 93 -18.60 -36.80 -32.22
CA MET N 93 -17.49 -36.78 -31.27
C MET N 93 -17.21 -35.35 -30.81
N THR N 94 -18.16 -34.80 -30.05
CA THR N 94 -17.97 -33.47 -29.49
C THR N 94 -16.81 -33.45 -28.50
N THR N 95 -16.71 -34.48 -27.67
CA THR N 95 -15.67 -34.53 -26.65
C THR N 95 -14.30 -34.73 -27.28
N ILE N 96 -13.28 -34.12 -26.68
CA ILE N 96 -11.90 -34.27 -27.12
C ILE N 96 -11.10 -34.87 -25.97
N SER N 97 -10.46 -36.00 -26.23
CA SER N 97 -9.57 -36.62 -25.25
C SER N 97 -8.18 -35.97 -25.30
N ALA N 98 -7.40 -36.22 -24.26
CA ALA N 98 -6.02 -35.73 -24.25
C ALA N 98 -5.19 -36.46 -25.29
N GLY N 99 -4.34 -35.71 -25.98
CA GLY N 99 -3.50 -36.27 -27.02
C GLY N 99 -4.17 -36.28 -28.38
N VAL N 100 -3.38 -36.64 -29.40
CA VAL N 100 -3.89 -36.64 -30.77
C VAL N 100 -4.82 -37.83 -30.98
N ASN N 101 -5.73 -37.68 -31.94
CA ASN N 101 -6.64 -38.75 -32.33
C ASN N 101 -7.19 -38.42 -33.71
N THR N 102 -7.78 -39.43 -34.33
CA THR N 102 -8.47 -39.26 -35.61
C THR N 102 -9.95 -39.07 -35.30
N TYR N 103 -10.43 -37.84 -35.49
CA TYR N 103 -11.78 -37.46 -35.10
C TYR N 103 -12.72 -37.58 -36.29
N THR N 104 -13.74 -38.42 -36.16
CA THR N 104 -14.78 -38.57 -37.17
C THR N 104 -15.94 -37.66 -36.77
N ILE N 105 -16.02 -36.49 -37.39
CA ILE N 105 -16.97 -35.45 -37.01
C ILE N 105 -17.99 -35.29 -38.12
N THR N 106 -19.28 -35.32 -37.74
CA THR N 106 -20.38 -35.10 -38.67
C THR N 106 -20.85 -33.65 -38.52
N ILE N 107 -20.87 -32.92 -39.62
CA ILE N 107 -21.20 -31.50 -39.64
C ILE N 107 -22.53 -31.32 -40.36
N SER N 108 -23.46 -30.63 -39.70
CA SER N 108 -24.75 -30.30 -40.28
C SER N 108 -24.79 -28.81 -40.61
N ILE N 109 -24.75 -28.49 -41.89
CA ILE N 109 -24.78 -27.12 -42.37
C ILE N 109 -25.85 -27.03 -43.45
N GLY N 110 -26.64 -25.95 -43.42
CA GLY N 110 -27.77 -25.87 -44.32
C GLY N 110 -27.41 -25.34 -45.70
N SER N 111 -26.85 -24.12 -45.75
CA SER N 111 -26.63 -23.46 -47.03
C SER N 111 -25.58 -24.19 -47.87
N ILE N 112 -24.49 -24.67 -47.25
CA ILE N 112 -23.39 -25.27 -47.98
C ILE N 112 -23.61 -26.76 -48.22
N SER N 113 -24.73 -27.32 -47.75
CA SER N 113 -25.00 -28.73 -47.98
C SER N 113 -25.09 -29.04 -49.46
N THR N 114 -24.43 -30.12 -49.88
CA THR N 114 -24.43 -30.60 -51.26
C THR N 114 -23.95 -29.56 -52.26
N THR N 115 -23.04 -28.67 -51.84
CA THR N 115 -22.48 -27.66 -52.73
C THR N 115 -20.97 -27.79 -52.91
N LEU N 116 -20.34 -28.75 -52.24
CA LEU N 116 -18.90 -28.95 -52.34
C LEU N 116 -18.53 -29.98 -53.40
N ARG N 117 -19.49 -30.47 -54.18
CA ARG N 117 -19.20 -31.49 -55.18
C ARG N 117 -18.26 -30.97 -56.25
N GLY N 118 -18.40 -29.70 -56.62
CA GLY N 118 -17.54 -29.15 -57.67
C GLY N 118 -16.09 -29.04 -57.25
N LEU N 119 -15.85 -28.70 -55.99
CA LEU N 119 -14.50 -28.46 -55.49
C LEU N 119 -13.80 -29.73 -55.00
N VAL N 120 -14.30 -30.91 -55.38
CA VAL N 120 -13.71 -32.16 -54.89
C VAL N 120 -12.24 -32.22 -55.30
N GLY N 121 -11.37 -32.44 -54.32
CA GLY N 121 -9.95 -32.49 -54.58
C GLY N 121 -9.23 -31.17 -54.48
N SER N 122 -9.83 -30.15 -53.86
CA SER N 122 -9.25 -28.83 -53.77
C SER N 122 -9.13 -28.40 -52.31
N THR N 123 -8.22 -27.47 -52.07
CA THR N 123 -7.95 -27.01 -50.71
C THR N 123 -9.11 -26.17 -50.19
N ILE N 124 -9.34 -26.25 -48.87
CA ILE N 124 -10.39 -25.48 -48.20
C ILE N 124 -9.92 -25.19 -46.78
N SER N 125 -10.50 -24.15 -46.18
CA SER N 125 -10.15 -23.72 -44.84
C SER N 125 -11.37 -23.83 -43.93
N LEU N 126 -11.22 -24.53 -42.81
CA LEU N 126 -12.29 -24.75 -41.86
C LEU N 126 -11.93 -24.13 -40.50
N THR N 127 -12.95 -23.65 -39.79
CA THR N 127 -12.79 -23.03 -38.49
C THR N 127 -13.73 -23.70 -37.49
N LEU N 128 -13.20 -24.08 -36.33
CA LEU N 128 -13.96 -24.73 -35.28
C LEU N 128 -13.93 -23.86 -34.04
N ILE N 129 -15.08 -23.73 -33.39
CA ILE N 129 -15.21 -22.94 -32.17
C ILE N 129 -15.10 -23.87 -30.97
N LEU N 130 -14.06 -23.69 -30.18
CA LEU N 130 -13.83 -24.58 -29.05
C LEU N 130 -14.56 -24.05 -27.81
N SER N 131 -14.63 -24.90 -26.78
CA SER N 131 -15.38 -24.52 -25.58
C SER N 131 -14.63 -23.49 -24.75
N ASN N 132 -13.31 -23.65 -24.62
CA ASN N 132 -12.55 -22.73 -23.78
C ASN N 132 -12.58 -21.31 -24.35
N GLY N 133 -12.82 -21.18 -25.64
CA GLY N 133 -12.93 -19.88 -26.29
C GLY N 133 -11.96 -19.65 -27.42
N GLU N 134 -11.08 -20.59 -27.73
CA GLU N 134 -10.08 -20.41 -28.78
C GLU N 134 -10.60 -20.99 -30.09
N THR N 135 -10.25 -20.35 -31.20
CA THR N 135 -10.58 -20.88 -32.51
C THR N 135 -9.38 -21.60 -33.12
N VAL N 136 -9.65 -22.49 -34.07
CA VAL N 136 -8.60 -23.21 -34.77
C VAL N 136 -8.81 -23.04 -36.27
N THR N 137 -7.72 -23.16 -37.02
CA THR N 137 -7.75 -23.09 -38.47
C THR N 137 -7.33 -24.43 -39.04
N VAL N 138 -8.18 -24.99 -39.90
CA VAL N 138 -7.98 -26.32 -40.44
C VAL N 138 -7.75 -26.21 -41.94
N SER N 139 -6.68 -26.83 -42.41
CA SER N 139 -6.38 -26.92 -43.84
C SER N 139 -6.76 -28.33 -44.31
N ALA N 140 -7.83 -28.41 -45.09
CA ALA N 140 -8.42 -29.70 -45.44
C ALA N 140 -8.60 -29.80 -46.95
N ILE N 141 -8.50 -31.03 -47.45
CA ILE N 141 -8.74 -31.34 -48.86
C ILE N 141 -10.04 -32.12 -48.94
N VAL N 142 -11.05 -31.52 -49.57
CA VAL N 142 -12.35 -32.17 -49.66
C VAL N 142 -12.30 -33.28 -50.70
N THR N 143 -12.99 -34.39 -50.40
CA THR N 143 -13.00 -35.55 -51.27
C THR N 143 -14.44 -35.98 -51.54
N SER N 144 -14.63 -36.67 -52.66
CA SER N 144 -15.94 -37.16 -53.03
C SER N 144 -16.39 -38.28 -52.10
#